data_1YA4
#
_entry.id   1YA4
#
_cell.length_a   55.369
_cell.length_b   179.954
_cell.length_c   201.584
_cell.angle_alpha   90.00
_cell.angle_beta   90.00
_cell.angle_gamma   90.00
#
_symmetry.space_group_name_H-M   'P 21 21 21'
#
loop_
_entity.id
_entity.type
_entity.pdbx_description
1 polymer 'CES1 protein'
2 non-polymer 2-acetamido-2-deoxy-beta-D-glucopyranose
3 non-polymer 'N-acetyl-alpha-neuraminic acid'
4 non-polymer 'SULFATE ION'
5 non-polymer (Z)-2-[4-(1,2)-DIPHENYL-1-BUTENYL)-PHENOXY]-N,N-DIMETHYLETHANAMINE
6 water water
#
_entity_poly.entity_id   1
_entity_poly.type   'polypeptide(L)'
_entity_poly.pdbx_seq_one_letter_code
;SSPPVVDTVHGKVLGKFVSLEGFAQPVAIFLGIPFAKPPLGPLRFTPPQPAEPWSFVKNATSYPPMCTQDPKAGQLLSEL
FTNRKENIPLKLSEDCLYLNIYTPADLTKKNRLPVMVWIHGGGLMVGAASTYDGLALAAHENVVVVTIQYRLGIWGFFST
GDEHSRGNWGHLDQVAALRWVQDNIASFGGNPGSVTIFGESAGGESVSVLVLSPLAKNLFHRAISESGVALTSVLVKKGD
VKPLAEQIAITAGCKTTTSAVMVHCLRQKTEEELLETTLKMKFLSLDLQGDPRESQPLLGTVIDGMLLLKTPEELQAERN
FHTVPYMVGINKQEFGWLIPMLMSYPLSEGQLDQKTAMSLLWKSYPLVCIAKELIPEATEKYLGGTDDTVKKKDLFLDLI
ADVMFGVPSVIVARNHRDAGAPTYMYEFQYRPSFSSDMKPKTVIGDHGDELFSVFGAPFLKEGASEEEIRLSKMVMKFWA
NFARNGNPNGEGLPHWPEYNQKEGYLQIGANTQAAQKLKDKEVAFWTNLFAK
;
_entity_poly.pdbx_strand_id   A,B,C
#
loop_
_chem_comp.id
_chem_comp.type
_chem_comp.name
_chem_comp.formula
CTX non-polymer (Z)-2-[4-(1,2)-DIPHENYL-1-BUTENYL)-PHENOXY]-N,N-DIMETHYLETHANAMINE 'C26 H29 N O'
NAG D-saccharide, beta linking 2-acetamido-2-deoxy-beta-D-glucopyranose 'C8 H15 N O6'
SIA D-saccharide, alpha linking 'N-acetyl-alpha-neuraminic acid' 'C11 H19 N O9'
SO4 non-polymer 'SULFATE ION' 'O4 S -2'
#
# COMPACT_ATOMS: atom_id res chain seq x y z
N SER A 2 42.54 -5.62 5.45
CA SER A 2 42.23 -5.02 4.12
C SER A 2 40.89 -5.52 3.56
N PRO A 3 39.80 -5.37 4.34
CA PRO A 3 38.44 -5.79 3.99
C PRO A 3 38.09 -5.73 2.50
N PRO A 4 37.46 -6.79 1.98
CA PRO A 4 37.08 -6.84 0.56
C PRO A 4 35.88 -5.93 0.28
N VAL A 5 35.95 -5.17 -0.81
CA VAL A 5 34.85 -4.28 -1.17
C VAL A 5 34.45 -4.48 -2.63
N VAL A 6 33.50 -5.37 -2.86
CA VAL A 6 33.02 -5.67 -4.20
C VAL A 6 32.00 -4.63 -4.61
N ASP A 7 31.82 -4.42 -5.90
CA ASP A 7 30.84 -3.48 -6.40
C ASP A 7 29.73 -4.22 -7.15
N THR A 8 28.51 -4.18 -6.63
CA THR A 8 27.38 -4.84 -7.26
C THR A 8 26.52 -3.79 -7.93
N VAL A 9 25.46 -4.23 -8.62
CA VAL A 9 24.56 -3.32 -9.31
C VAL A 9 23.87 -2.34 -8.36
N HIS A 10 23.40 -2.85 -7.23
CA HIS A 10 22.72 -2.02 -6.25
C HIS A 10 23.65 -1.19 -5.36
N GLY A 11 24.95 -1.46 -5.45
CA GLY A 11 25.90 -0.71 -4.64
C GLY A 11 27.07 -1.53 -4.17
N LYS A 12 27.95 -0.89 -3.40
CA LYS A 12 29.15 -1.54 -2.87
C LYS A 12 28.84 -2.40 -1.64
N VAL A 13 29.52 -3.54 -1.56
CA VAL A 13 29.35 -4.46 -0.45
C VAL A 13 30.71 -4.75 0.15
N LEU A 14 30.81 -4.63 1.47
CA LEU A 14 32.04 -4.88 2.21
C LEU A 14 31.93 -6.25 2.89
N GLY A 15 32.97 -7.08 2.78
CA GLY A 15 32.95 -8.38 3.40
C GLY A 15 34.10 -8.59 4.38
N LYS A 16 34.56 -9.83 4.52
CA LYS A 16 35.68 -10.12 5.41
C LYS A 16 36.52 -11.30 4.90
N PHE A 17 37.83 -11.15 4.97
CA PHE A 17 38.73 -12.20 4.51
C PHE A 17 38.84 -13.24 5.59
N VAL A 18 38.97 -14.50 5.18
CA VAL A 18 39.11 -15.64 6.08
C VAL A 18 39.99 -16.69 5.44
N SER A 19 41.03 -17.11 6.14
CA SER A 19 41.95 -18.12 5.63
C SER A 19 41.61 -19.51 6.11
N LEU A 20 41.90 -20.51 5.30
CA LEU A 20 41.65 -21.87 5.68
C LEU A 20 43.00 -22.55 5.82
N GLU A 21 43.05 -23.54 6.73
CA GLU A 21 44.27 -24.30 7.00
C GLU A 21 44.93 -24.79 5.72
N GLY A 22 46.17 -24.36 5.49
CA GLY A 22 46.89 -24.81 4.30
C GLY A 22 46.50 -24.22 2.95
N PHE A 23 46.01 -22.97 2.94
CA PHE A 23 45.62 -22.28 1.72
C PHE A 23 46.12 -20.86 1.75
N ALA A 24 47.00 -20.55 0.82
CA ALA A 24 47.60 -19.24 0.70
C ALA A 24 46.57 -18.12 0.59
N GLN A 25 45.77 -18.21 -0.48
CA GLN A 25 44.73 -17.23 -0.77
C GLN A 25 43.60 -17.28 0.26
N PRO A 26 43.30 -16.14 0.88
CA PRO A 26 42.23 -16.09 1.87
C PRO A 26 40.91 -15.96 1.11
N VAL A 27 39.86 -16.59 1.62
CA VAL A 27 38.58 -16.55 0.94
C VAL A 27 37.78 -15.33 1.37
N ALA A 28 37.22 -14.60 0.40
CA ALA A 28 36.42 -13.43 0.70
C ALA A 28 35.03 -13.93 1.05
N ILE A 29 34.55 -13.53 2.22
CA ILE A 29 33.25 -13.94 2.72
C ILE A 29 32.30 -12.76 2.95
N PHE A 30 31.13 -12.83 2.32
CA PHE A 30 30.15 -11.76 2.46
C PHE A 30 28.86 -12.33 3.01
N LEU A 31 28.51 -11.93 4.23
CA LEU A 31 27.31 -12.44 4.86
C LEU A 31 26.15 -11.45 4.82
N GLY A 32 25.01 -11.90 4.33
CA GLY A 32 23.84 -11.04 4.32
C GLY A 32 23.64 -10.05 3.18
N ILE A 33 23.90 -10.46 1.95
CA ILE A 33 23.66 -9.54 0.86
C ILE A 33 22.16 -9.74 0.53
N PRO A 34 21.42 -8.63 0.37
CA PRO A 34 19.99 -8.67 0.06
C PRO A 34 19.80 -8.83 -1.44
N PHE A 35 19.00 -9.81 -1.84
CA PHE A 35 18.76 -10.03 -3.26
C PHE A 35 17.34 -9.64 -3.63
N ALA A 36 16.61 -9.11 -2.65
CA ALA A 36 15.25 -8.70 -2.90
C ALA A 36 14.79 -7.79 -1.81
N LYS A 37 13.71 -7.07 -2.09
CA LYS A 37 13.12 -6.14 -1.15
C LYS A 37 12.38 -6.93 -0.07
N PRO A 38 12.65 -6.64 1.21
CA PRO A 38 11.99 -7.34 2.32
C PRO A 38 10.49 -7.51 2.02
N PRO A 39 10.00 -8.76 2.01
CA PRO A 39 8.59 -9.01 1.73
C PRO A 39 7.69 -8.69 2.90
N LEU A 40 7.85 -7.49 3.44
CA LEU A 40 7.04 -7.06 4.55
C LEU A 40 5.78 -6.32 4.10
N GLY A 41 4.95 -6.03 5.08
CA GLY A 41 3.70 -5.33 4.84
C GLY A 41 2.91 -5.98 3.73
N PRO A 42 2.42 -5.18 2.79
CA PRO A 42 1.64 -5.65 1.64
C PRO A 42 2.41 -6.64 0.74
N LEU A 43 3.73 -6.55 0.73
CA LEU A 43 4.51 -7.45 -0.09
C LEU A 43 4.42 -8.93 0.31
N ARG A 44 3.68 -9.23 1.38
CA ARG A 44 3.54 -10.60 1.83
C ARG A 44 2.66 -11.37 0.85
N PHE A 45 3.01 -12.62 0.60
CA PHE A 45 2.23 -13.43 -0.32
C PHE A 45 2.24 -12.88 -1.73
N THR A 46 3.30 -12.16 -2.09
CA THR A 46 3.40 -11.62 -3.44
C THR A 46 4.81 -11.97 -3.92
N PRO A 47 5.03 -11.93 -5.24
CA PRO A 47 6.36 -12.25 -5.74
C PRO A 47 7.39 -11.26 -5.19
N PRO A 48 8.65 -11.71 -5.01
CA PRO A 48 9.72 -10.85 -4.49
C PRO A 48 10.10 -9.71 -5.44
N GLN A 49 10.41 -8.55 -4.86
CA GLN A 49 10.81 -7.42 -5.68
C GLN A 49 12.26 -7.03 -5.55
N PRO A 50 12.84 -6.46 -6.61
CA PRO A 50 14.24 -6.03 -6.62
C PRO A 50 14.55 -5.18 -5.39
N ALA A 51 15.68 -5.47 -4.75
CA ALA A 51 16.08 -4.74 -3.55
C ALA A 51 16.40 -3.29 -3.88
N GLU A 52 16.21 -2.43 -2.89
CA GLU A 52 16.49 -1.01 -3.03
C GLU A 52 18.00 -0.82 -3.07
N PRO A 53 18.51 -0.04 -4.03
CA PRO A 53 19.94 0.21 -4.15
C PRO A 53 20.38 1.16 -3.03
N TRP A 54 21.53 0.86 -2.42
CA TRP A 54 22.05 1.68 -1.32
C TRP A 54 23.09 2.69 -1.77
N SER A 55 23.30 3.71 -0.95
CA SER A 55 24.22 4.79 -1.29
C SER A 55 25.70 4.64 -1.00
N PHE A 56 26.06 4.13 0.18
CA PHE A 56 27.50 4.03 0.46
C PHE A 56 28.05 2.61 0.42
N VAL A 57 28.68 2.17 1.51
CA VAL A 57 29.21 0.81 1.54
C VAL A 57 28.47 -0.04 2.57
N LYS A 58 27.65 -0.95 2.08
CA LYS A 58 26.89 -1.82 2.96
C LYS A 58 27.82 -2.88 3.55
N ASN A 59 27.74 -3.06 4.86
CA ASN A 59 28.57 -4.04 5.54
C ASN A 59 28.00 -5.44 5.54
N ALA A 60 28.37 -6.27 4.58
CA ALA A 60 27.86 -7.65 4.55
C ALA A 60 28.70 -8.48 5.53
N THR A 61 28.61 -8.16 6.81
CA THR A 61 29.43 -8.87 7.77
C THR A 61 28.73 -9.52 8.95
N SER A 62 27.43 -9.79 8.84
CA SER A 62 26.68 -10.40 9.93
C SER A 62 25.69 -11.41 9.37
N TYR A 63 25.57 -12.58 9.99
CA TYR A 63 24.63 -13.58 9.51
C TYR A 63 23.23 -12.97 9.49
N PRO A 64 22.57 -13.04 8.33
CA PRO A 64 21.22 -12.49 8.21
C PRO A 64 20.24 -13.32 9.01
N PRO A 65 19.01 -12.84 9.19
CA PRO A 65 18.00 -13.59 9.95
C PRO A 65 17.41 -14.74 9.11
N MET A 66 17.02 -15.84 9.74
CA MET A 66 16.41 -16.92 8.97
C MET A 66 14.92 -16.61 8.92
N CYS A 67 14.26 -16.95 7.81
CA CYS A 67 12.83 -16.65 7.70
C CYS A 67 12.06 -17.22 8.88
N THR A 68 10.97 -16.55 9.24
CA THR A 68 10.16 -16.99 10.37
C THR A 68 9.86 -18.47 10.24
N GLN A 69 10.00 -19.17 11.35
CA GLN A 69 9.80 -20.61 11.40
C GLN A 69 9.94 -20.98 12.87
N ASP A 70 9.46 -22.16 13.22
CA ASP A 70 9.56 -22.64 14.60
C ASP A 70 11.00 -22.48 15.09
N PRO A 71 11.25 -21.54 16.01
CA PRO A 71 12.63 -21.38 16.49
C PRO A 71 13.28 -22.66 17.03
N LYS A 72 12.48 -23.57 17.59
CA LYS A 72 13.03 -24.82 18.13
C LYS A 72 13.44 -25.77 17.01
N ALA A 73 12.49 -26.07 16.12
CA ALA A 73 12.77 -26.98 15.00
C ALA A 73 13.85 -26.39 14.11
N GLY A 74 13.83 -25.07 13.97
CA GLY A 74 14.82 -24.40 13.14
C GLY A 74 16.21 -24.58 13.73
N GLN A 75 16.42 -24.10 14.94
CA GLN A 75 17.72 -24.22 15.57
C GLN A 75 18.23 -25.64 15.67
N LEU A 76 17.34 -26.58 15.95
CA LEU A 76 17.76 -27.98 16.07
C LEU A 76 18.34 -28.48 14.76
N LEU A 77 17.61 -28.29 13.66
CA LEU A 77 18.07 -28.74 12.35
C LEU A 77 19.40 -28.06 12.05
N SER A 78 19.53 -26.78 12.41
CA SER A 78 20.77 -26.06 12.14
C SER A 78 21.97 -26.78 12.72
N GLU A 79 21.84 -27.31 13.93
CA GLU A 79 22.93 -28.02 14.61
C GLU A 79 23.21 -29.38 13.96
N LEU A 80 22.15 -30.14 13.72
CA LEU A 80 22.31 -31.46 13.12
C LEU A 80 22.83 -31.48 11.69
N PHE A 81 22.88 -30.33 11.03
CA PHE A 81 23.35 -30.28 9.64
C PHE A 81 24.55 -29.40 9.44
N THR A 82 24.78 -28.48 10.36
CA THR A 82 25.89 -27.58 10.23
C THR A 82 27.21 -28.30 10.01
N ASN A 83 28.01 -27.77 9.11
CA ASN A 83 29.28 -28.37 8.78
C ASN A 83 30.41 -27.63 9.48
N ARG A 84 30.05 -26.66 10.33
CA ARG A 84 31.08 -25.89 11.03
C ARG A 84 31.23 -26.30 12.46
N LYS A 85 32.31 -25.79 13.07
CA LYS A 85 32.62 -26.06 14.47
C LYS A 85 31.45 -25.72 15.38
N GLU A 86 31.25 -24.43 15.60
CA GLU A 86 30.19 -23.90 16.46
C GLU A 86 28.92 -23.66 15.69
N ASN A 87 27.78 -24.06 16.24
CA ASN A 87 26.56 -23.76 15.53
C ASN A 87 26.34 -22.28 15.81
N ILE A 88 25.84 -21.57 14.83
CA ILE A 88 25.59 -20.15 15.03
C ILE A 88 24.11 -19.96 15.34
N PRO A 89 23.81 -19.42 16.53
CA PRO A 89 22.40 -19.22 16.85
C PRO A 89 21.90 -18.13 15.93
N LEU A 90 20.72 -18.31 15.35
CA LEU A 90 20.18 -17.32 14.43
C LEU A 90 18.98 -16.53 14.94
N LYS A 91 18.58 -15.52 14.18
CA LYS A 91 17.44 -14.69 14.54
C LYS A 91 16.27 -14.90 13.56
N LEU A 92 15.05 -14.64 14.01
CA LEU A 92 13.90 -14.82 13.13
C LEU A 92 13.38 -13.48 12.60
N SER A 93 12.89 -13.49 11.36
CA SER A 93 12.36 -12.28 10.76
C SER A 93 11.78 -12.50 9.40
N GLU A 94 10.77 -11.72 9.06
CA GLU A 94 10.15 -11.81 7.74
C GLU A 94 11.15 -11.22 6.75
N ASP A 95 12.05 -10.40 7.26
CA ASP A 95 13.10 -9.81 6.43
C ASP A 95 14.21 -10.85 6.41
N CYS A 96 14.18 -11.74 5.42
CA CYS A 96 15.16 -12.82 5.32
C CYS A 96 15.66 -13.11 3.92
N LEU A 97 15.20 -12.36 2.94
CA LEU A 97 15.66 -12.61 1.58
C LEU A 97 17.09 -12.10 1.37
N TYR A 98 18.04 -12.88 1.87
CA TYR A 98 19.47 -12.59 1.75
C TYR A 98 20.19 -13.83 1.26
N LEU A 99 21.47 -13.66 0.93
CA LEU A 99 22.30 -14.77 0.49
C LEU A 99 23.70 -14.51 0.99
N ASN A 100 24.47 -15.58 1.20
CA ASN A 100 25.86 -15.43 1.66
C ASN A 100 26.77 -15.89 0.53
N ILE A 101 27.93 -15.28 0.42
CA ILE A 101 28.88 -15.64 -0.62
C ILE A 101 30.26 -15.99 -0.07
N TYR A 102 30.84 -17.06 -0.63
CA TYR A 102 32.18 -17.51 -0.27
C TYR A 102 32.95 -17.65 -1.59
N THR A 103 33.82 -16.69 -1.86
CA THR A 103 34.59 -16.71 -3.10
C THR A 103 36.07 -16.85 -2.78
N PRO A 104 36.72 -17.88 -3.35
CA PRO A 104 38.14 -18.15 -3.13
C PRO A 104 39.00 -17.37 -4.10
N ALA A 105 38.37 -16.63 -5.00
CA ALA A 105 39.11 -15.87 -5.99
C ALA A 105 39.79 -14.65 -5.43
N ASP A 106 40.86 -14.24 -6.10
CA ASP A 106 41.60 -13.06 -5.69
C ASP A 106 40.88 -11.93 -6.40
N LEU A 107 40.04 -11.23 -5.65
CA LEU A 107 39.24 -10.14 -6.19
C LEU A 107 40.00 -8.99 -6.82
N THR A 108 41.32 -9.03 -6.72
CA THR A 108 42.13 -7.96 -7.31
C THR A 108 42.38 -8.27 -8.78
N LYS A 109 41.83 -9.37 -9.27
CA LYS A 109 42.02 -9.76 -10.65
C LYS A 109 40.72 -10.29 -11.21
N LYS A 110 40.64 -10.38 -12.53
CA LYS A 110 39.44 -10.91 -13.13
C LYS A 110 39.48 -12.40 -12.82
N ASN A 111 38.30 -12.98 -12.61
CA ASN A 111 38.17 -14.39 -12.31
C ASN A 111 36.77 -14.83 -12.63
N ARG A 112 36.66 -15.96 -13.31
CA ARG A 112 35.36 -16.47 -13.65
C ARG A 112 35.25 -17.93 -13.22
N LEU A 113 35.25 -18.15 -11.91
CA LEU A 113 35.17 -19.51 -11.36
C LEU A 113 33.75 -20.01 -11.40
N PRO A 114 33.55 -21.31 -11.56
CA PRO A 114 32.19 -21.82 -11.59
C PRO A 114 31.50 -21.46 -10.28
N VAL A 115 30.20 -21.19 -10.37
CA VAL A 115 29.42 -20.81 -9.20
C VAL A 115 28.52 -21.95 -8.74
N MET A 116 28.43 -22.15 -7.43
CA MET A 116 27.58 -23.18 -6.86
C MET A 116 26.60 -22.54 -5.86
N VAL A 117 25.33 -22.54 -6.24
CA VAL A 117 24.25 -21.98 -5.40
C VAL A 117 23.55 -23.09 -4.61
N TRP A 118 23.61 -23.01 -3.29
CA TRP A 118 23.02 -24.00 -2.42
C TRP A 118 21.67 -23.64 -1.82
N ILE A 119 20.68 -24.47 -2.07
CA ILE A 119 19.33 -24.26 -1.58
C ILE A 119 19.08 -25.19 -0.39
N HIS A 120 19.27 -24.70 0.83
CA HIS A 120 19.06 -25.54 2.01
C HIS A 120 17.71 -26.21 1.99
N GLY A 121 17.56 -27.22 2.86
CA GLY A 121 16.31 -27.94 2.96
C GLY A 121 15.70 -27.71 4.33
N GLY A 122 14.61 -28.41 4.60
CA GLY A 122 13.94 -28.26 5.87
C GLY A 122 12.44 -28.36 5.66
N GLY A 123 12.06 -29.26 4.74
CA GLY A 123 10.66 -29.48 4.41
C GLY A 123 9.88 -28.22 4.04
N LEU A 124 10.58 -27.22 3.50
CA LEU A 124 9.93 -25.97 3.14
C LEU A 124 9.31 -25.36 4.39
N MET A 125 9.77 -25.78 5.55
CA MET A 125 9.24 -25.24 6.79
C MET A 125 10.32 -24.62 7.68
N VAL A 126 11.48 -25.25 7.74
CA VAL A 126 12.58 -24.77 8.56
C VAL A 126 13.87 -24.69 7.76
N GLY A 127 14.95 -24.29 8.40
CA GLY A 127 16.20 -24.21 7.69
C GLY A 127 16.71 -22.78 7.50
N ALA A 128 17.96 -22.65 7.09
CA ALA A 128 18.59 -21.35 6.87
C ALA A 128 19.79 -21.55 5.99
N ALA A 129 20.34 -20.47 5.44
CA ALA A 129 21.49 -20.59 4.57
C ALA A 129 22.77 -20.40 5.37
N SER A 130 22.63 -19.80 6.55
CA SER A 130 23.79 -19.56 7.39
C SER A 130 24.31 -20.85 8.01
N THR A 131 23.44 -21.85 8.07
CA THR A 131 23.84 -23.13 8.63
C THR A 131 25.06 -23.70 7.88
N TYR A 132 24.98 -23.70 6.54
CA TYR A 132 26.02 -24.24 5.68
C TYR A 132 27.12 -23.26 5.36
N ASP A 133 28.34 -23.61 5.76
CA ASP A 133 29.52 -22.79 5.54
C ASP A 133 30.21 -23.21 4.25
N GLY A 134 30.55 -22.25 3.40
CA GLY A 134 31.16 -22.58 2.13
C GLY A 134 32.67 -22.44 2.08
N LEU A 135 33.25 -21.95 3.16
CA LEU A 135 34.69 -21.78 3.23
C LEU A 135 35.46 -22.94 2.61
N ALA A 136 35.20 -24.14 3.11
CA ALA A 136 35.87 -25.34 2.63
C ALA A 136 35.65 -25.62 1.14
N LEU A 137 34.43 -25.95 0.75
CA LEU A 137 34.16 -26.24 -0.65
C LEU A 137 34.78 -25.19 -1.57
N ALA A 138 34.66 -23.92 -1.19
CA ALA A 138 35.21 -22.83 -2.01
C ALA A 138 36.72 -22.89 -2.18
N ALA A 139 37.45 -23.03 -1.08
CA ALA A 139 38.90 -23.09 -1.14
C ALA A 139 39.40 -24.36 -1.83
N HIS A 140 38.89 -25.50 -1.39
CA HIS A 140 39.30 -26.79 -1.92
C HIS A 140 39.08 -27.05 -3.40
N GLU A 141 37.91 -26.72 -3.94
CA GLU A 141 37.68 -26.99 -5.35
C GLU A 141 37.75 -25.77 -6.26
N ASN A 142 37.92 -24.60 -5.64
CA ASN A 142 38.04 -23.34 -6.36
C ASN A 142 36.78 -22.98 -7.13
N VAL A 143 35.70 -22.80 -6.39
CA VAL A 143 34.43 -22.43 -6.97
C VAL A 143 33.83 -21.40 -6.01
N VAL A 144 32.97 -20.52 -6.54
CA VAL A 144 32.35 -19.54 -5.67
C VAL A 144 31.12 -20.24 -5.12
N VAL A 145 30.96 -20.20 -3.80
CA VAL A 145 29.80 -20.83 -3.18
C VAL A 145 28.83 -19.79 -2.66
N VAL A 146 27.57 -19.98 -3.04
CA VAL A 146 26.52 -19.07 -2.61
C VAL A 146 25.45 -19.84 -1.85
N THR A 147 25.02 -19.33 -0.71
CA THR A 147 23.97 -19.98 0.06
C THR A 147 22.82 -19.00 0.09
N ILE A 148 21.65 -19.44 -0.37
CA ILE A 148 20.48 -18.57 -0.41
C ILE A 148 19.40 -18.99 0.58
N GLN A 149 18.51 -18.06 0.85
CA GLN A 149 17.39 -18.28 1.73
C GLN A 149 16.16 -17.90 0.95
N TYR A 150 15.02 -18.43 1.35
CA TYR A 150 13.77 -18.17 0.67
C TYR A 150 12.69 -18.30 1.71
N ARG A 151 11.54 -17.66 1.47
CA ARG A 151 10.44 -17.72 2.41
C ARG A 151 9.92 -19.15 2.65
N LEU A 152 9.76 -19.49 3.93
CA LEU A 152 9.30 -20.82 4.33
C LEU A 152 7.89 -20.77 4.93
N GLY A 153 7.36 -21.96 5.21
CA GLY A 153 6.04 -22.08 5.79
C GLY A 153 4.97 -21.24 5.11
N ILE A 154 4.08 -20.68 5.92
CA ILE A 154 2.98 -19.87 5.41
C ILE A 154 3.50 -18.69 4.55
N TRP A 155 4.51 -17.99 5.06
CA TRP A 155 5.09 -16.86 4.35
C TRP A 155 5.50 -17.18 2.92
N GLY A 156 5.98 -18.38 2.68
CA GLY A 156 6.41 -18.72 1.34
C GLY A 156 5.60 -19.68 0.50
N PHE A 157 4.62 -20.38 1.08
CA PHE A 157 3.84 -21.32 0.29
C PHE A 157 2.33 -21.28 0.46
N PHE A 158 1.85 -20.26 1.17
CA PHE A 158 0.43 -20.09 1.39
C PHE A 158 -0.26 -19.93 0.04
N SER A 159 -1.25 -20.77 -0.25
CA SER A 159 -1.98 -20.67 -1.51
C SER A 159 -3.50 -20.77 -1.38
N THR A 160 -4.23 -19.96 -2.14
CA THR A 160 -5.68 -19.99 -2.09
C THR A 160 -6.14 -20.74 -3.33
N GLY A 161 -5.18 -21.18 -4.14
CA GLY A 161 -5.55 -21.89 -5.35
C GLY A 161 -5.98 -20.96 -6.48
N ASP A 162 -6.07 -19.66 -6.22
CA ASP A 162 -6.46 -18.72 -7.27
C ASP A 162 -5.49 -17.55 -7.39
N GLU A 163 -5.83 -16.61 -8.29
CA GLU A 163 -4.99 -15.45 -8.56
C GLU A 163 -4.77 -14.53 -7.37
N HIS A 164 -5.62 -14.64 -6.36
CA HIS A 164 -5.49 -13.81 -5.18
C HIS A 164 -4.29 -14.14 -4.31
N SER A 165 -3.77 -15.35 -4.48
CA SER A 165 -2.58 -15.85 -3.78
C SER A 165 -2.18 -17.19 -4.38
N ARG A 166 -1.63 -17.15 -5.59
CA ARG A 166 -1.22 -18.35 -6.28
C ARG A 166 -0.38 -19.31 -5.45
N GLY A 167 0.67 -18.79 -4.84
CA GLY A 167 1.56 -19.62 -4.04
C GLY A 167 2.96 -19.79 -4.64
N ASN A 168 3.79 -20.57 -3.95
CA ASN A 168 5.16 -20.82 -4.38
C ASN A 168 6.02 -19.57 -4.22
N TRP A 169 5.62 -18.71 -3.29
CA TRP A 169 6.39 -17.51 -3.03
C TRP A 169 7.85 -17.93 -2.82
N GLY A 170 8.04 -18.93 -1.97
CA GLY A 170 9.37 -19.43 -1.69
C GLY A 170 10.18 -19.77 -2.94
N HIS A 171 9.60 -20.53 -3.87
CA HIS A 171 10.32 -20.89 -5.09
C HIS A 171 10.57 -19.64 -5.91
N LEU A 172 9.63 -18.70 -5.91
CA LEU A 172 9.83 -17.47 -6.66
C LEU A 172 11.02 -16.71 -6.08
N ASP A 173 11.14 -16.68 -4.74
CA ASP A 173 12.28 -16.02 -4.10
C ASP A 173 13.53 -16.71 -4.67
N GLN A 174 13.52 -18.04 -4.67
CA GLN A 174 14.63 -18.84 -5.19
C GLN A 174 15.04 -18.36 -6.57
N VAL A 175 14.09 -18.30 -7.50
CA VAL A 175 14.40 -17.83 -8.84
C VAL A 175 14.99 -16.41 -8.74
N ALA A 176 14.44 -15.62 -7.81
CA ALA A 176 14.90 -14.25 -7.58
C ALA A 176 16.39 -14.24 -7.32
N ALA A 177 16.83 -15.10 -6.39
CA ALA A 177 18.25 -15.21 -6.04
C ALA A 177 19.10 -15.51 -7.26
N LEU A 178 18.64 -16.44 -8.09
CA LEU A 178 19.37 -16.82 -9.29
C LEU A 178 19.51 -15.67 -10.26
N ARG A 179 18.47 -14.84 -10.37
CA ARG A 179 18.54 -13.70 -11.24
C ARG A 179 19.63 -12.80 -10.67
N TRP A 180 19.64 -12.63 -9.35
CA TRP A 180 20.65 -11.79 -8.71
C TRP A 180 22.04 -12.24 -9.09
N VAL A 181 22.27 -13.55 -8.99
CA VAL A 181 23.58 -14.12 -9.33
C VAL A 181 23.99 -13.76 -10.76
N GLN A 182 23.07 -13.86 -11.71
CA GLN A 182 23.39 -13.52 -13.09
C GLN A 182 23.90 -12.10 -13.21
N ASP A 183 23.20 -11.15 -12.59
CA ASP A 183 23.59 -9.75 -12.70
C ASP A 183 24.67 -9.28 -11.75
N ASN A 184 25.23 -10.17 -10.93
CA ASN A 184 26.23 -9.71 -9.97
C ASN A 184 27.43 -10.58 -9.65
N ILE A 185 27.21 -11.89 -9.56
CA ILE A 185 28.28 -12.81 -9.20
C ILE A 185 29.58 -12.62 -9.94
N ALA A 186 29.58 -11.88 -11.02
CA ALA A 186 30.81 -11.64 -11.74
C ALA A 186 31.75 -10.82 -10.86
N SER A 187 31.17 -9.92 -10.07
CA SER A 187 31.97 -9.06 -9.19
C SER A 187 32.58 -9.78 -8.00
N PHE A 188 32.43 -11.10 -7.94
CA PHE A 188 33.00 -11.89 -6.87
C PHE A 188 33.85 -13.01 -7.44
N GLY A 189 34.38 -12.76 -8.63
CA GLY A 189 35.21 -13.73 -9.31
C GLY A 189 34.46 -14.94 -9.80
N GLY A 190 33.16 -14.79 -10.01
CA GLY A 190 32.38 -15.93 -10.47
C GLY A 190 31.93 -15.83 -11.91
N ASN A 191 31.74 -16.97 -12.55
CA ASN A 191 31.31 -17.00 -13.95
C ASN A 191 29.81 -17.17 -14.05
N PRO A 192 29.10 -16.06 -14.28
CA PRO A 192 27.65 -16.08 -14.40
C PRO A 192 27.16 -17.06 -15.45
N GLY A 193 28.04 -17.43 -16.38
CA GLY A 193 27.65 -18.36 -17.43
C GLY A 193 27.89 -19.81 -17.08
N SER A 194 28.26 -20.09 -15.83
CA SER A 194 28.52 -21.46 -15.39
C SER A 194 27.98 -21.67 -13.97
N VAL A 195 26.70 -21.37 -13.78
CA VAL A 195 26.05 -21.51 -12.48
C VAL A 195 25.42 -22.87 -12.26
N THR A 196 25.73 -23.48 -11.12
CA THR A 196 25.21 -24.79 -10.76
C THR A 196 24.39 -24.71 -9.48
N ILE A 197 23.15 -25.19 -9.52
CA ILE A 197 22.30 -25.18 -8.34
C ILE A 197 22.23 -26.58 -7.73
N PHE A 198 22.24 -26.65 -6.40
CA PHE A 198 22.16 -27.92 -5.71
C PHE A 198 21.50 -27.75 -4.36
N GLY A 199 20.63 -28.68 -4.03
CA GLY A 199 19.92 -28.62 -2.77
C GLY A 199 19.81 -29.98 -2.14
N GLU A 200 19.42 -29.99 -0.87
CA GLU A 200 19.27 -31.21 -0.07
C GLU A 200 17.85 -31.28 0.51
N SER A 201 17.21 -32.42 0.37
CA SER A 201 15.84 -32.58 0.86
C SER A 201 14.94 -31.61 0.09
N ALA A 202 14.19 -30.77 0.79
CA ALA A 202 13.29 -29.82 0.12
C ALA A 202 14.05 -29.00 -0.94
N GLY A 203 15.30 -28.66 -0.59
CA GLY A 203 16.15 -27.92 -1.50
C GLY A 203 16.39 -28.78 -2.70
N GLY A 204 16.57 -30.08 -2.46
CA GLY A 204 16.76 -31.01 -3.55
C GLY A 204 15.52 -30.96 -4.42
N GLU A 205 14.36 -30.88 -3.78
CA GLU A 205 13.08 -30.80 -4.47
C GLU A 205 13.02 -29.51 -5.27
N SER A 206 13.34 -28.40 -4.61
CA SER A 206 13.35 -27.09 -5.28
C SER A 206 14.18 -27.15 -6.56
N VAL A 207 15.40 -27.68 -6.43
CA VAL A 207 16.28 -27.81 -7.57
C VAL A 207 15.56 -28.59 -8.68
N SER A 208 14.83 -29.62 -8.30
CA SER A 208 14.11 -30.42 -9.29
C SER A 208 12.98 -29.61 -9.92
N VAL A 209 12.36 -28.75 -9.13
CA VAL A 209 11.25 -27.93 -9.63
C VAL A 209 11.72 -26.88 -10.63
N LEU A 210 12.86 -26.27 -10.31
CA LEU A 210 13.45 -25.24 -11.15
C LEU A 210 13.80 -25.81 -12.53
N VAL A 211 14.16 -27.09 -12.55
CA VAL A 211 14.49 -27.76 -13.79
C VAL A 211 13.25 -27.93 -14.69
N LEU A 212 12.08 -27.93 -14.08
CA LEU A 212 10.82 -28.09 -14.79
C LEU A 212 10.19 -26.75 -15.08
N SER A 213 10.58 -25.74 -14.31
CA SER A 213 10.02 -24.40 -14.44
C SER A 213 10.54 -23.55 -15.56
N PRO A 214 9.63 -22.89 -16.29
CA PRO A 214 9.91 -22.00 -17.41
C PRO A 214 10.66 -20.78 -16.90
N LEU A 215 10.24 -20.29 -15.73
CA LEU A 215 10.84 -19.11 -15.12
C LEU A 215 12.31 -19.29 -14.78
N ALA A 216 12.73 -20.53 -14.53
CA ALA A 216 14.11 -20.78 -14.17
C ALA A 216 15.01 -20.91 -15.40
N LYS A 217 14.41 -21.04 -16.57
CA LYS A 217 15.16 -21.17 -17.80
C LYS A 217 16.33 -20.16 -17.92
N ASN A 218 17.54 -20.67 -18.11
CA ASN A 218 18.74 -19.83 -18.29
C ASN A 218 19.39 -19.22 -17.05
N LEU A 219 18.96 -19.63 -15.87
CA LEU A 219 19.56 -19.07 -14.66
C LEU A 219 20.58 -20.02 -14.06
N PHE A 220 20.65 -21.23 -14.58
CA PHE A 220 21.62 -22.22 -14.10
C PHE A 220 22.01 -23.11 -15.29
N HIS A 221 23.12 -23.83 -15.16
CA HIS A 221 23.59 -24.66 -16.25
C HIS A 221 23.89 -26.10 -15.89
N ARG A 222 23.69 -26.42 -14.61
CA ARG A 222 23.92 -27.76 -14.10
C ARG A 222 23.10 -27.83 -12.81
N ALA A 223 22.43 -28.96 -12.59
CA ALA A 223 21.60 -29.11 -11.40
C ALA A 223 21.95 -30.36 -10.61
N ILE A 224 21.79 -30.30 -9.29
CA ILE A 224 22.08 -31.43 -8.41
C ILE A 224 21.02 -31.56 -7.32
N SER A 225 20.30 -32.68 -7.31
CA SER A 225 19.25 -32.93 -6.30
C SER A 225 19.68 -34.04 -5.34
N GLU A 226 19.89 -33.65 -4.08
CA GLU A 226 20.33 -34.56 -3.03
C GLU A 226 19.22 -35.01 -2.07
N SER A 227 18.79 -36.26 -2.19
CA SER A 227 17.76 -36.80 -1.32
C SER A 227 16.46 -36.01 -1.46
N GLY A 228 15.92 -35.94 -2.67
CA GLY A 228 14.69 -35.22 -2.85
C GLY A 228 14.49 -34.63 -4.23
N VAL A 229 13.32 -34.90 -4.80
CA VAL A 229 12.99 -34.40 -6.13
C VAL A 229 11.55 -33.92 -6.21
N ALA A 230 11.14 -33.49 -7.40
CA ALA A 230 9.79 -33.00 -7.60
C ALA A 230 8.71 -34.07 -7.55
N LEU A 231 9.08 -35.33 -7.28
CA LEU A 231 8.10 -36.41 -7.18
C LEU A 231 7.98 -36.89 -5.74
N THR A 232 8.68 -36.21 -4.85
CA THR A 232 8.61 -36.52 -3.43
C THR A 232 7.26 -35.95 -3.01
N SER A 233 6.21 -36.73 -3.23
CA SER A 233 4.82 -36.35 -2.94
C SER A 233 4.52 -35.43 -1.77
N VAL A 234 5.09 -35.72 -0.59
CA VAL A 234 4.82 -34.89 0.56
C VAL A 234 5.04 -33.40 0.31
N LEU A 235 6.04 -33.06 -0.50
CA LEU A 235 6.34 -31.67 -0.80
C LEU A 235 5.50 -31.00 -1.88
N VAL A 236 4.82 -31.79 -2.70
CA VAL A 236 3.99 -31.22 -3.76
C VAL A 236 2.50 -31.43 -3.51
N LYS A 237 1.75 -30.33 -3.53
CA LYS A 237 0.31 -30.36 -3.29
C LYS A 237 -0.46 -30.42 -4.59
N LYS A 238 -1.08 -31.56 -4.85
CA LYS A 238 -1.88 -31.71 -6.04
C LYS A 238 -3.32 -31.82 -5.52
N GLY A 239 -4.24 -31.11 -6.15
CA GLY A 239 -5.63 -31.14 -5.71
C GLY A 239 -6.06 -29.76 -5.25
N ASP A 240 -7.32 -29.61 -4.86
CA ASP A 240 -7.82 -28.32 -4.40
C ASP A 240 -7.17 -27.96 -3.08
N VAL A 241 -6.40 -26.88 -3.09
CA VAL A 241 -5.70 -26.42 -1.89
C VAL A 241 -6.52 -25.45 -1.05
N LYS A 242 -7.60 -24.94 -1.63
CA LYS A 242 -8.48 -24.00 -0.96
C LYS A 242 -8.76 -24.44 0.48
N PRO A 243 -9.21 -25.70 0.65
CA PRO A 243 -9.50 -26.21 2.00
C PRO A 243 -8.40 -25.91 3.02
N LEU A 244 -7.16 -26.20 2.67
CA LEU A 244 -6.04 -25.95 3.58
C LEU A 244 -5.91 -24.45 3.85
N ALA A 245 -6.13 -23.65 2.82
CA ALA A 245 -6.05 -22.21 2.99
C ALA A 245 -7.03 -21.82 4.08
N GLU A 246 -8.30 -22.15 3.86
CA GLU A 246 -9.37 -21.83 4.79
C GLU A 246 -9.07 -22.29 6.21
N GLN A 247 -8.49 -23.47 6.37
CA GLN A 247 -8.16 -23.96 7.70
C GLN A 247 -7.17 -23.02 8.34
N ILE A 248 -6.10 -22.72 7.61
CA ILE A 248 -5.06 -21.80 8.10
C ILE A 248 -5.64 -20.45 8.47
N ALA A 249 -6.46 -19.92 7.56
CA ALA A 249 -7.11 -18.64 7.76
C ALA A 249 -7.95 -18.68 9.03
N ILE A 250 -8.73 -19.74 9.22
CA ILE A 250 -9.54 -19.81 10.42
C ILE A 250 -8.68 -19.91 11.67
N THR A 251 -7.57 -20.64 11.59
CA THR A 251 -6.68 -20.79 12.74
C THR A 251 -6.11 -19.48 13.21
N ALA A 252 -5.72 -18.65 12.26
CA ALA A 252 -5.14 -17.35 12.58
C ALA A 252 -6.21 -16.34 12.98
N GLY A 253 -7.47 -16.76 12.95
CA GLY A 253 -8.55 -15.87 13.33
C GLY A 253 -9.00 -14.94 12.22
N CYS A 254 -9.33 -15.52 11.08
CA CYS A 254 -9.77 -14.76 9.91
C CYS A 254 -11.04 -15.26 9.29
N LYS A 255 -11.72 -14.37 8.59
CA LYS A 255 -12.94 -14.71 7.89
C LYS A 255 -12.49 -15.49 6.66
N THR A 256 -13.40 -16.29 6.09
CA THR A 256 -13.05 -17.08 4.92
C THR A 256 -14.05 -16.81 3.80
N THR A 257 -14.75 -15.69 3.91
CA THR A 257 -15.77 -15.28 2.94
C THR A 257 -15.39 -15.56 1.50
N THR A 258 -14.21 -15.07 1.09
CA THR A 258 -13.72 -15.30 -0.27
C THR A 258 -12.21 -15.45 -0.21
N SER A 259 -11.56 -15.70 -1.36
CA SER A 259 -10.11 -15.82 -1.38
C SER A 259 -9.47 -14.50 -1.04
N ALA A 260 -9.84 -13.46 -1.78
CA ALA A 260 -9.31 -12.13 -1.55
C ALA A 260 -9.37 -11.77 -0.06
N VAL A 261 -10.49 -12.04 0.57
CA VAL A 261 -10.69 -11.76 1.98
C VAL A 261 -9.63 -12.45 2.87
N MET A 262 -9.42 -13.74 2.64
CA MET A 262 -8.42 -14.50 3.41
C MET A 262 -7.01 -13.87 3.31
N VAL A 263 -6.53 -13.67 2.07
CA VAL A 263 -5.22 -13.09 1.83
C VAL A 263 -5.09 -11.76 2.54
N HIS A 264 -6.11 -10.92 2.37
CA HIS A 264 -6.13 -9.59 2.97
C HIS A 264 -6.04 -9.64 4.49
N CYS A 265 -6.86 -10.49 5.10
CA CYS A 265 -6.88 -10.60 6.55
C CYS A 265 -5.56 -11.13 7.09
N LEU A 266 -4.92 -12.03 6.35
CA LEU A 266 -3.64 -12.59 6.78
C LEU A 266 -2.53 -11.57 6.65
N ARG A 267 -2.62 -10.72 5.63
CA ARG A 267 -1.61 -9.68 5.42
C ARG A 267 -1.57 -8.77 6.64
N GLN A 268 -2.74 -8.60 7.28
CA GLN A 268 -2.88 -7.76 8.45
C GLN A 268 -2.30 -8.39 9.71
N LYS A 269 -2.26 -9.73 9.77
CA LYS A 269 -1.70 -10.40 10.94
C LYS A 269 -0.22 -10.07 11.16
N THR A 270 0.20 -10.05 12.43
CA THR A 270 1.59 -9.77 12.73
C THR A 270 2.37 -11.06 12.59
N GLU A 271 3.70 -10.93 12.47
CA GLU A 271 4.58 -12.09 12.33
C GLU A 271 4.35 -13.08 13.46
N GLU A 272 4.33 -12.57 14.68
CA GLU A 272 4.11 -13.40 15.86
C GLU A 272 2.79 -14.13 15.71
N GLU A 273 1.81 -13.42 15.20
CA GLU A 273 0.48 -13.99 14.97
C GLU A 273 0.54 -15.16 14.01
N LEU A 274 1.29 -15.01 12.93
CA LEU A 274 1.40 -16.10 11.97
C LEU A 274 2.33 -17.19 12.49
N LEU A 275 3.37 -16.82 13.24
CA LEU A 275 4.27 -17.84 13.79
C LEU A 275 3.51 -18.67 14.81
N GLU A 276 2.57 -18.01 15.49
CA GLU A 276 1.74 -18.66 16.48
C GLU A 276 0.83 -19.65 15.77
N THR A 277 0.26 -19.22 14.66
CA THR A 277 -0.62 -20.06 13.89
C THR A 277 0.13 -21.28 13.38
N THR A 278 1.39 -21.06 12.98
CA THR A 278 2.30 -22.09 12.44
C THR A 278 2.46 -23.23 13.42
N LEU A 279 2.61 -22.87 14.69
CA LEU A 279 2.72 -23.85 15.76
C LEU A 279 1.38 -24.57 15.91
N LYS A 280 0.30 -23.83 16.10
CA LYS A 280 -1.03 -24.42 16.25
C LYS A 280 -1.33 -25.46 15.16
N MET A 281 -1.03 -25.12 13.91
CA MET A 281 -1.27 -26.02 12.77
C MET A 281 -0.63 -27.39 12.92
N LYS A 282 0.33 -27.50 13.85
CA LYS A 282 1.03 -28.76 14.12
C LYS A 282 1.56 -29.46 12.87
N PHE A 283 2.43 -28.77 12.14
CA PHE A 283 3.06 -29.32 10.94
C PHE A 283 4.27 -30.12 11.47
N LEU A 284 4.94 -30.85 10.60
CA LEU A 284 6.14 -31.58 11.01
C LEU A 284 5.96 -32.67 12.07
N SER A 285 4.74 -32.81 12.60
CA SER A 285 4.47 -33.82 13.61
C SER A 285 3.49 -34.86 13.08
N LEU A 286 3.86 -36.12 13.15
CA LEU A 286 2.99 -37.18 12.70
C LEU A 286 1.75 -37.29 13.58
N ASP A 287 0.59 -37.07 12.96
CA ASP A 287 -0.70 -37.14 13.63
C ASP A 287 -1.10 -38.62 13.70
N LEU A 288 -1.22 -39.15 14.90
CA LEU A 288 -1.56 -40.55 15.08
C LEU A 288 -3.03 -40.81 15.34
N GLN A 289 -3.80 -39.75 15.54
CA GLN A 289 -5.23 -39.90 15.80
C GLN A 289 -6.05 -38.99 14.89
N GLY A 290 -6.77 -39.60 13.96
CA GLY A 290 -7.57 -38.84 13.03
C GLY A 290 -7.44 -39.45 11.66
N ASP A 291 -8.16 -38.92 10.68
CA ASP A 291 -8.08 -39.47 9.32
C ASP A 291 -6.74 -39.04 8.72
N PRO A 292 -5.90 -40.03 8.36
CA PRO A 292 -4.58 -39.76 7.76
C PRO A 292 -4.64 -38.99 6.42
N ARG A 293 -5.83 -38.90 5.82
CA ARG A 293 -6.01 -38.21 4.55
C ARG A 293 -6.29 -36.72 4.72
N GLU A 294 -6.45 -36.31 5.99
CA GLU A 294 -6.73 -34.92 6.34
C GLU A 294 -5.51 -34.22 6.97
N SER A 295 -4.70 -34.97 7.69
CA SER A 295 -3.50 -34.41 8.31
C SER A 295 -2.63 -33.74 7.25
N GLN A 296 -2.36 -32.45 7.43
CA GLN A 296 -1.53 -31.75 6.47
C GLN A 296 -0.14 -31.63 7.04
N PRO A 297 0.80 -32.41 6.47
CA PRO A 297 2.19 -32.45 6.92
C PRO A 297 2.80 -31.08 6.93
N LEU A 298 2.49 -30.33 5.87
CA LEU A 298 2.99 -28.97 5.71
C LEU A 298 2.36 -28.30 4.50
N LEU A 299 2.92 -27.14 4.18
CA LEU A 299 2.50 -26.36 3.04
C LEU A 299 3.62 -26.64 2.05
N GLY A 300 3.29 -26.98 0.82
CA GLY A 300 4.33 -27.24 -0.14
C GLY A 300 4.15 -26.56 -1.47
N THR A 301 4.87 -27.09 -2.45
CA THR A 301 4.82 -26.58 -3.81
C THR A 301 3.40 -26.80 -4.29
N VAL A 302 2.96 -26.02 -5.27
CA VAL A 302 1.62 -26.18 -5.80
C VAL A 302 1.72 -25.93 -7.29
N ILE A 303 0.67 -26.21 -8.05
CA ILE A 303 0.72 -25.97 -9.49
C ILE A 303 0.08 -24.60 -9.70
N ASP A 304 0.86 -23.54 -9.50
CA ASP A 304 0.37 -22.15 -9.60
C ASP A 304 0.00 -21.56 -10.94
N GLY A 305 0.63 -22.02 -12.01
CA GLY A 305 0.34 -21.47 -13.32
C GLY A 305 1.48 -20.59 -13.80
N MET A 306 2.36 -20.22 -12.87
CA MET A 306 3.52 -19.38 -13.18
C MET A 306 4.82 -20.16 -13.06
N LEU A 307 5.10 -20.68 -11.87
CA LEU A 307 6.32 -21.45 -11.67
C LEU A 307 6.21 -22.83 -12.27
N LEU A 308 5.08 -23.48 -12.05
CA LEU A 308 4.82 -24.83 -12.58
C LEU A 308 3.50 -24.82 -13.34
N LEU A 309 3.56 -24.95 -14.66
CA LEU A 309 2.35 -24.94 -15.47
C LEU A 309 1.48 -26.17 -15.34
N LYS A 310 2.02 -27.22 -14.72
CA LYS A 310 1.25 -28.45 -14.49
C LYS A 310 2.05 -29.42 -13.62
N THR A 311 1.41 -30.49 -13.16
CA THR A 311 2.08 -31.43 -12.26
C THR A 311 3.42 -31.90 -12.79
N PRO A 312 4.42 -32.00 -11.90
CA PRO A 312 5.76 -32.45 -12.31
C PRO A 312 5.66 -33.67 -13.24
N GLU A 313 4.87 -34.65 -12.82
CA GLU A 313 4.67 -35.86 -13.60
C GLU A 313 4.36 -35.52 -15.06
N GLU A 314 3.28 -34.77 -15.29
CA GLU A 314 2.90 -34.38 -16.65
C GLU A 314 4.03 -33.65 -17.38
N LEU A 315 4.64 -32.68 -16.70
CA LEU A 315 5.72 -31.89 -17.29
C LEU A 315 6.85 -32.74 -17.86
N GLN A 316 7.43 -33.60 -17.03
CA GLN A 316 8.53 -34.45 -17.46
C GLN A 316 8.12 -35.42 -18.57
N ALA A 317 6.84 -35.41 -18.94
CA ALA A 317 6.37 -36.27 -20.01
C ALA A 317 7.00 -35.71 -21.27
N GLU A 318 6.81 -34.41 -21.51
CA GLU A 318 7.39 -33.77 -22.69
C GLU A 318 8.79 -33.26 -22.40
N ARG A 319 9.77 -33.85 -23.07
CA ARG A 319 11.16 -33.47 -22.89
C ARG A 319 11.41 -32.03 -23.37
N ASN A 320 10.34 -31.39 -23.84
CA ASN A 320 10.43 -30.02 -24.35
C ASN A 320 10.41 -28.96 -23.24
N PHE A 321 11.60 -28.75 -22.68
CA PHE A 321 11.84 -27.77 -21.61
C PHE A 321 13.35 -27.61 -21.58
N HIS A 322 13.89 -26.93 -20.58
CA HIS A 322 15.34 -26.75 -20.53
C HIS A 322 16.04 -27.95 -19.89
N THR A 323 16.80 -28.69 -20.69
CA THR A 323 17.52 -29.85 -20.21
C THR A 323 18.97 -29.49 -19.97
N VAL A 324 19.48 -29.90 -18.80
CA VAL A 324 20.86 -29.61 -18.44
C VAL A 324 21.46 -30.77 -17.67
N PRO A 325 22.79 -30.81 -17.53
CA PRO A 325 23.38 -31.92 -16.78
C PRO A 325 22.68 -31.92 -15.44
N TYR A 326 22.16 -33.08 -15.06
CA TYR A 326 21.42 -33.20 -13.82
C TYR A 326 21.87 -34.39 -12.97
N MET A 327 22.42 -34.11 -11.80
CA MET A 327 22.87 -35.15 -10.89
C MET A 327 21.79 -35.41 -9.84
N VAL A 328 21.29 -36.65 -9.76
CA VAL A 328 20.25 -37.03 -8.81
C VAL A 328 20.66 -38.22 -7.92
N GLY A 329 20.74 -37.96 -6.61
CA GLY A 329 21.15 -39.03 -5.73
C GLY A 329 20.31 -39.19 -4.49
N ILE A 330 20.57 -40.28 -3.77
CA ILE A 330 19.86 -40.60 -2.55
C ILE A 330 20.85 -41.21 -1.57
N ASN A 331 20.41 -41.47 -0.35
CA ASN A 331 21.28 -42.08 0.64
C ASN A 331 20.77 -43.47 0.96
N LYS A 332 21.67 -44.34 1.40
CA LYS A 332 21.32 -45.72 1.74
C LYS A 332 20.08 -45.86 2.64
N GLN A 333 20.01 -45.04 3.68
CA GLN A 333 18.88 -45.10 4.61
C GLN A 333 18.23 -43.74 4.92
N GLU A 334 17.45 -43.21 3.99
CA GLU A 334 16.81 -41.91 4.18
C GLU A 334 15.97 -41.84 5.45
N PHE A 335 15.15 -42.85 5.65
CA PHE A 335 14.26 -42.87 6.82
C PHE A 335 14.84 -43.60 8.03
N GLY A 336 16.16 -43.76 8.04
CA GLY A 336 16.84 -44.46 9.12
C GLY A 336 16.79 -43.90 10.53
N TRP A 337 16.76 -42.58 10.66
CA TRP A 337 16.71 -42.01 12.00
C TRP A 337 16.24 -40.56 12.07
N LEU A 338 17.01 -39.68 11.45
CA LEU A 338 16.74 -38.25 11.46
C LEU A 338 15.30 -37.85 11.22
N ILE A 339 14.70 -38.32 10.13
CA ILE A 339 13.31 -37.97 9.86
C ILE A 339 12.35 -38.55 10.91
N PRO A 340 12.32 -39.89 11.09
CA PRO A 340 11.43 -40.53 12.09
C PRO A 340 11.57 -39.94 13.49
N MET A 341 12.82 -39.66 13.89
CA MET A 341 13.11 -39.12 15.20
C MET A 341 12.47 -37.77 15.44
N LEU A 342 12.62 -36.87 14.47
CA LEU A 342 12.05 -35.55 14.57
C LEU A 342 10.52 -35.58 14.65
N MET A 343 9.88 -36.31 13.76
CA MET A 343 8.44 -36.40 13.78
C MET A 343 7.90 -37.23 14.93
N SER A 344 8.78 -37.75 15.79
CA SER A 344 8.37 -38.57 16.92
C SER A 344 7.57 -39.77 16.43
N TYR A 345 8.26 -40.89 16.25
CA TYR A 345 7.65 -42.12 15.79
C TYR A 345 7.56 -43.18 16.90
N PRO A 346 6.52 -44.03 16.83
CA PRO A 346 6.16 -45.14 17.73
C PRO A 346 7.13 -46.34 17.75
N LEU A 347 8.30 -46.16 17.15
CA LEU A 347 9.29 -47.23 17.10
C LEU A 347 10.20 -47.14 18.32
N SER A 348 9.64 -46.74 19.45
CA SER A 348 10.41 -46.65 20.68
C SER A 348 10.67 -48.07 21.19
N GLU A 349 9.98 -49.03 20.58
CA GLU A 349 10.10 -50.45 20.91
C GLU A 349 11.22 -51.09 20.10
N GLY A 350 11.59 -50.44 19.01
CA GLY A 350 12.64 -50.97 18.16
C GLY A 350 12.26 -52.25 17.46
N GLN A 351 10.95 -52.44 17.27
CA GLN A 351 10.43 -53.64 16.62
C GLN A 351 9.01 -53.39 16.16
N LEU A 352 8.58 -54.13 15.14
CA LEU A 352 7.25 -53.97 14.59
C LEU A 352 6.70 -55.31 14.13
N ASP A 353 5.45 -55.31 13.67
CA ASP A 353 4.80 -56.52 13.21
C ASP A 353 3.71 -56.18 12.20
N GLN A 354 3.55 -57.05 11.22
CA GLN A 354 2.56 -56.87 10.16
C GLN A 354 1.35 -56.01 10.52
N LYS A 355 0.73 -56.28 11.66
CA LYS A 355 -0.43 -55.50 12.07
C LYS A 355 -0.05 -54.06 12.35
N THR A 356 0.87 -53.87 13.29
CA THR A 356 1.33 -52.53 13.64
C THR A 356 1.84 -51.77 12.42
N ALA A 357 2.63 -52.44 11.59
CA ALA A 357 3.16 -51.83 10.38
C ALA A 357 2.02 -51.24 9.56
N MET A 358 1.17 -52.10 9.02
CA MET A 358 0.03 -51.68 8.21
C MET A 358 -0.74 -50.50 8.77
N SER A 359 -0.73 -50.38 10.09
CA SER A 359 -1.41 -49.28 10.72
C SER A 359 -0.57 -48.01 10.52
N LEU A 360 0.71 -48.09 10.90
CA LEU A 360 1.62 -46.96 10.73
C LEU A 360 1.58 -46.48 9.28
N LEU A 361 1.93 -47.38 8.36
CA LEU A 361 1.92 -47.03 6.95
C LEU A 361 0.66 -46.22 6.60
N TRP A 362 -0.48 -46.60 7.18
CA TRP A 362 -1.73 -45.89 6.91
C TRP A 362 -1.70 -44.50 7.53
N LYS A 363 -1.26 -44.41 8.78
CA LYS A 363 -1.18 -43.13 9.47
C LYS A 363 -0.07 -42.26 8.91
N SER A 364 0.70 -42.81 7.98
CA SER A 364 1.77 -42.07 7.36
C SER A 364 1.32 -41.67 5.98
N TYR A 365 0.02 -41.79 5.72
CA TYR A 365 -0.55 -41.44 4.43
C TYR A 365 -0.02 -40.13 3.86
N PRO A 366 0.02 -39.07 4.68
CA PRO A 366 0.51 -37.77 4.20
C PRO A 366 1.91 -37.84 3.61
N LEU A 367 2.73 -38.70 4.19
CA LEU A 367 4.10 -38.88 3.75
C LEU A 367 4.27 -39.73 2.49
N VAL A 368 3.54 -40.85 2.43
CA VAL A 368 3.67 -41.76 1.31
C VAL A 368 2.51 -41.76 0.31
N CYS A 369 1.31 -41.49 0.80
CA CYS A 369 0.12 -41.46 -0.02
C CYS A 369 -0.26 -42.84 -0.57
N ILE A 370 -0.28 -43.84 0.29
CA ILE A 370 -0.65 -45.19 -0.11
C ILE A 370 -2.10 -45.46 0.33
N ALA A 371 -2.96 -45.81 -0.63
CA ALA A 371 -4.37 -46.09 -0.33
C ALA A 371 -4.52 -47.20 0.70
N LYS A 372 -5.50 -47.06 1.61
CA LYS A 372 -5.73 -48.05 2.67
C LYS A 372 -5.93 -49.49 2.16
N GLU A 373 -6.27 -49.63 0.89
CA GLU A 373 -6.49 -50.95 0.29
C GLU A 373 -5.17 -51.61 -0.12
N LEU A 374 -4.27 -50.81 -0.67
CA LEU A 374 -2.97 -51.32 -1.11
C LEU A 374 -1.99 -51.51 0.06
N ILE A 375 -2.26 -50.84 1.17
CA ILE A 375 -1.40 -50.95 2.35
C ILE A 375 -1.01 -52.40 2.62
N PRO A 376 -2.01 -53.30 2.69
CA PRO A 376 -1.71 -54.71 2.96
C PRO A 376 -0.72 -55.30 1.95
N GLU A 377 -0.94 -54.99 0.68
CA GLU A 377 -0.07 -55.50 -0.36
C GLU A 377 1.36 -54.97 -0.33
N ALA A 378 1.54 -53.76 0.19
CA ALA A 378 2.87 -53.18 0.25
C ALA A 378 3.57 -53.64 1.51
N THR A 379 2.83 -53.63 2.63
CA THR A 379 3.38 -54.04 3.90
C THR A 379 3.97 -55.44 3.83
N GLU A 380 3.48 -56.22 2.88
CA GLU A 380 3.92 -57.60 2.68
C GLU A 380 5.19 -57.68 1.83
N LYS A 381 5.14 -57.10 0.64
CA LYS A 381 6.27 -57.11 -0.29
C LYS A 381 7.56 -56.71 0.40
N TYR A 382 7.45 -56.08 1.55
CA TYR A 382 8.63 -55.66 2.28
C TYR A 382 8.88 -56.41 3.59
N LEU A 383 7.84 -56.54 4.39
CA LEU A 383 7.96 -57.21 5.67
C LEU A 383 7.64 -58.70 5.64
N GLY A 384 7.18 -59.18 4.49
CA GLY A 384 6.83 -60.58 4.33
C GLY A 384 7.92 -61.62 4.53
N GLY A 385 9.17 -61.18 4.61
CA GLY A 385 10.28 -62.10 4.83
C GLY A 385 10.41 -62.43 6.30
N THR A 386 11.64 -62.42 6.82
CA THR A 386 11.90 -62.75 8.22
C THR A 386 10.77 -62.33 9.14
N ASP A 387 10.50 -63.20 10.12
CA ASP A 387 9.46 -62.98 11.09
C ASP A 387 10.04 -62.08 12.17
N ASP A 388 11.34 -61.87 12.11
CA ASP A 388 12.05 -61.02 13.07
C ASP A 388 11.40 -59.63 13.06
N THR A 389 10.80 -59.25 14.18
CA THR A 389 10.15 -57.97 14.31
C THR A 389 11.16 -56.85 14.04
N VAL A 390 12.29 -56.87 14.73
CA VAL A 390 13.30 -55.85 14.54
C VAL A 390 13.76 -55.72 13.10
N LYS A 391 13.63 -56.79 12.32
CA LYS A 391 14.00 -56.75 10.90
C LYS A 391 12.87 -56.06 10.13
N LYS A 392 11.65 -56.25 10.60
CA LYS A 392 10.48 -55.62 9.98
C LYS A 392 10.53 -54.14 10.32
N LYS A 393 10.97 -53.85 11.54
CA LYS A 393 11.10 -52.48 12.04
C LYS A 393 12.06 -51.70 11.16
N ASP A 394 12.95 -52.42 10.49
CA ASP A 394 13.90 -51.80 9.61
C ASP A 394 13.40 -51.87 8.17
N LEU A 395 12.86 -53.02 7.79
CA LEU A 395 12.32 -53.16 6.45
C LEU A 395 11.23 -52.13 6.26
N PHE A 396 10.54 -51.80 7.36
CA PHE A 396 9.49 -50.79 7.35
C PHE A 396 10.11 -49.46 6.96
N LEU A 397 11.20 -49.10 7.63
CA LEU A 397 11.88 -47.84 7.33
C LEU A 397 12.39 -47.78 5.89
N ASP A 398 12.78 -48.92 5.34
CA ASP A 398 13.24 -48.91 3.97
C ASP A 398 12.05 -48.67 3.06
N LEU A 399 10.90 -49.21 3.47
CA LEU A 399 9.65 -49.09 2.72
C LEU A 399 9.35 -47.61 2.47
N ILE A 400 9.43 -46.80 3.51
CA ILE A 400 9.16 -45.37 3.39
C ILE A 400 10.24 -44.67 2.59
N ALA A 401 11.50 -44.93 2.96
CA ALA A 401 12.64 -44.34 2.28
C ALA A 401 12.56 -44.52 0.77
N ASP A 402 11.93 -45.59 0.32
CA ASP A 402 11.81 -45.85 -1.13
C ASP A 402 10.70 -45.06 -1.82
N VAL A 403 9.55 -44.95 -1.18
CA VAL A 403 8.43 -44.23 -1.77
C VAL A 403 8.68 -42.72 -1.75
N MET A 404 9.32 -42.25 -0.68
CA MET A 404 9.60 -40.82 -0.56
C MET A 404 10.75 -40.31 -1.42
N PHE A 405 11.88 -41.03 -1.43
CA PHE A 405 13.03 -40.59 -2.20
C PHE A 405 13.47 -41.59 -3.24
N GLY A 406 13.72 -42.82 -2.78
CA GLY A 406 14.17 -43.89 -3.64
C GLY A 406 13.62 -43.96 -5.05
N VAL A 407 12.39 -44.43 -5.18
CA VAL A 407 11.79 -44.56 -6.50
C VAL A 407 11.68 -43.20 -7.23
N PRO A 408 11.07 -42.18 -6.58
CA PRO A 408 10.89 -40.84 -7.16
C PRO A 408 12.17 -40.32 -7.83
N SER A 409 13.29 -40.35 -7.10
CA SER A 409 14.57 -39.89 -7.59
C SER A 409 14.93 -40.62 -8.87
N VAL A 410 14.87 -41.95 -8.81
CA VAL A 410 15.19 -42.77 -9.97
C VAL A 410 14.25 -42.48 -11.14
N ILE A 411 12.96 -42.34 -10.87
CA ILE A 411 12.04 -42.05 -11.96
C ILE A 411 12.40 -40.74 -12.64
N VAL A 412 12.74 -39.73 -11.83
CA VAL A 412 13.13 -38.40 -12.34
C VAL A 412 14.42 -38.48 -13.15
N ALA A 413 15.35 -39.30 -12.66
CA ALA A 413 16.62 -39.47 -13.33
C ALA A 413 16.37 -40.04 -14.71
N ARG A 414 15.55 -41.09 -14.78
CA ARG A 414 15.24 -41.73 -16.05
C ARG A 414 14.61 -40.79 -17.08
N ASN A 415 13.54 -40.10 -16.71
CA ASN A 415 12.88 -39.18 -17.63
C ASN A 415 13.82 -38.12 -18.15
N HIS A 416 14.72 -37.65 -17.30
CA HIS A 416 15.68 -36.64 -17.71
C HIS A 416 16.62 -37.27 -18.75
N ARG A 417 17.04 -38.51 -18.46
CA ARG A 417 17.92 -39.27 -19.33
C ARG A 417 17.26 -39.45 -20.69
N ASP A 418 15.98 -39.83 -20.68
CA ASP A 418 15.24 -40.05 -21.91
C ASP A 418 14.88 -38.71 -22.55
N ALA A 419 15.27 -37.63 -21.90
CA ALA A 419 15.00 -36.32 -22.45
C ALA A 419 16.18 -35.99 -23.36
N GLY A 420 17.24 -36.77 -23.20
CA GLY A 420 18.44 -36.59 -24.00
C GLY A 420 19.50 -35.78 -23.28
N ALA A 421 19.37 -35.67 -21.97
CA ALA A 421 20.33 -34.88 -21.22
C ALA A 421 21.26 -35.70 -20.34
N PRO A 422 22.49 -35.18 -20.11
CA PRO A 422 23.50 -35.85 -19.29
C PRO A 422 22.90 -36.10 -17.91
N THR A 423 22.86 -37.36 -17.50
CA THR A 423 22.31 -37.65 -16.19
C THR A 423 23.22 -38.57 -15.40
N TYR A 424 23.30 -38.33 -14.10
CA TYR A 424 24.12 -39.12 -13.21
C TYR A 424 23.35 -39.42 -11.93
N MET A 425 23.59 -40.58 -11.34
CA MET A 425 22.94 -40.92 -10.09
C MET A 425 23.97 -41.43 -9.12
N TYR A 426 23.68 -41.34 -7.83
CA TYR A 426 24.61 -41.80 -6.81
C TYR A 426 23.84 -42.27 -5.59
N GLU A 427 24.47 -43.12 -4.79
CA GLU A 427 23.84 -43.60 -3.57
C GLU A 427 24.87 -43.53 -2.47
N PHE A 428 24.69 -42.58 -1.55
CA PHE A 428 25.61 -42.36 -0.44
C PHE A 428 25.35 -43.32 0.70
N GLN A 429 26.37 -44.08 1.06
CA GLN A 429 26.28 -45.05 2.16
C GLN A 429 27.46 -44.87 3.08
N TYR A 430 27.30 -44.01 4.07
CA TYR A 430 28.35 -43.74 5.04
C TYR A 430 27.75 -43.12 6.29
N ARG A 431 28.38 -43.36 7.44
CA ARG A 431 27.91 -42.81 8.71
C ARG A 431 28.93 -41.80 9.18
N PRO A 432 28.66 -40.52 8.95
CA PRO A 432 29.59 -39.46 9.39
C PRO A 432 29.85 -39.51 10.88
N SER A 433 31.08 -39.18 11.25
CA SER A 433 31.48 -39.18 12.64
C SER A 433 30.84 -37.98 13.30
N PHE A 434 30.12 -37.20 12.51
CA PHE A 434 29.47 -36.02 13.05
C PHE A 434 27.99 -36.29 13.35
N SER A 435 27.56 -37.54 13.20
CA SER A 435 26.18 -37.90 13.48
C SER A 435 25.92 -37.55 14.95
N SER A 436 24.65 -37.53 15.33
CA SER A 436 24.27 -37.23 16.71
C SER A 436 24.57 -38.46 17.56
N ASP A 437 24.67 -38.29 18.87
CA ASP A 437 24.92 -39.45 19.73
C ASP A 437 23.66 -40.32 19.66
N MET A 438 22.52 -39.68 19.89
CA MET A 438 21.22 -40.35 19.89
C MET A 438 21.01 -41.20 18.63
N LYS A 439 21.86 -41.03 17.63
CA LYS A 439 21.77 -41.78 16.38
C LYS A 439 22.40 -43.17 16.52
N PRO A 440 21.59 -44.22 16.32
CA PRO A 440 22.08 -45.60 16.42
C PRO A 440 23.22 -45.84 15.45
N LYS A 441 24.25 -46.58 15.88
CA LYS A 441 25.38 -46.83 15.00
C LYS A 441 25.21 -47.95 14.01
N THR A 442 23.96 -48.18 13.59
CA THR A 442 23.65 -49.21 12.60
C THR A 442 23.19 -48.45 11.36
N VAL A 443 22.80 -47.20 11.56
CA VAL A 443 22.33 -46.37 10.46
C VAL A 443 23.51 -45.81 9.67
N ILE A 444 23.54 -46.21 8.41
CA ILE A 444 24.58 -45.79 7.50
C ILE A 444 23.90 -45.27 6.24
N GLY A 445 23.88 -43.94 6.10
CA GLY A 445 23.24 -43.35 4.94
C GLY A 445 21.95 -42.66 5.33
N ASP A 446 21.93 -42.15 6.57
CA ASP A 446 20.76 -41.45 7.11
C ASP A 446 20.58 -40.14 6.37
N HIS A 447 19.33 -39.72 6.25
CA HIS A 447 18.97 -38.50 5.55
C HIS A 447 19.90 -37.33 5.87
N GLY A 448 20.47 -36.74 4.82
CA GLY A 448 21.36 -35.62 5.00
C GLY A 448 22.72 -36.00 5.57
N ASP A 449 23.18 -37.20 5.26
CA ASP A 449 24.48 -37.63 5.75
C ASP A 449 25.60 -37.17 4.82
N GLU A 450 25.29 -37.08 3.53
CA GLU A 450 26.29 -36.67 2.54
C GLU A 450 26.70 -35.22 2.72
N LEU A 451 25.85 -34.43 3.36
CA LEU A 451 26.14 -33.02 3.58
C LEU A 451 27.51 -32.76 4.19
N PHE A 452 27.91 -33.58 5.15
CA PHE A 452 29.20 -33.39 5.81
C PHE A 452 30.35 -33.59 4.86
N SER A 453 30.15 -34.51 3.92
CA SER A 453 31.17 -34.79 2.93
C SER A 453 31.16 -33.64 1.92
N VAL A 454 29.99 -33.36 1.35
CA VAL A 454 29.83 -32.29 0.36
C VAL A 454 30.30 -30.90 0.78
N PHE A 455 30.10 -30.54 2.04
CA PHE A 455 30.57 -29.23 2.48
C PHE A 455 31.84 -29.25 3.28
N GLY A 456 32.65 -30.29 3.06
CA GLY A 456 33.92 -30.42 3.76
C GLY A 456 33.90 -30.24 5.26
N ALA A 457 32.92 -30.85 5.92
CA ALA A 457 32.83 -30.76 7.38
C ALA A 457 34.13 -31.18 8.06
N PRO A 458 34.85 -32.15 7.47
CA PRO A 458 36.11 -32.63 8.03
C PRO A 458 37.19 -31.56 8.17
N PHE A 459 37.11 -30.50 7.37
CA PHE A 459 38.10 -29.44 7.42
C PHE A 459 37.70 -28.23 8.25
N LEU A 460 36.50 -28.26 8.85
CA LEU A 460 36.02 -27.16 9.69
C LEU A 460 35.72 -27.69 11.08
N LYS A 461 35.29 -28.96 11.16
CA LYS A 461 35.00 -29.56 12.45
C LYS A 461 36.22 -30.28 12.98
N GLU A 462 36.05 -31.06 14.05
CA GLU A 462 37.17 -31.78 14.65
C GLU A 462 36.97 -33.31 14.73
N GLY A 463 38.09 -34.03 14.77
CA GLY A 463 38.05 -35.48 14.89
C GLY A 463 37.73 -36.29 13.65
N ALA A 464 38.00 -35.75 12.48
CA ALA A 464 37.71 -36.51 11.28
C ALA A 464 38.81 -37.54 11.05
N SER A 465 38.40 -38.79 10.87
CA SER A 465 39.35 -39.86 10.61
C SER A 465 39.95 -39.54 9.24
N GLU A 466 41.15 -40.02 8.99
CA GLU A 466 41.80 -39.76 7.71
C GLU A 466 41.00 -40.37 6.59
N GLU A 467 40.14 -41.31 6.94
CA GLU A 467 39.32 -41.99 5.95
C GLU A 467 38.16 -41.11 5.52
N GLU A 468 37.67 -40.33 6.48
CA GLU A 468 36.55 -39.42 6.28
C GLU A 468 37.02 -38.20 5.49
N ILE A 469 38.17 -37.68 5.91
CA ILE A 469 38.79 -36.52 5.27
C ILE A 469 38.86 -36.80 3.77
N ARG A 470 39.29 -38.01 3.44
CA ARG A 470 39.40 -38.44 2.05
C ARG A 470 38.05 -38.60 1.37
N LEU A 471 37.04 -39.08 2.09
CA LEU A 471 35.74 -39.22 1.46
C LEU A 471 35.26 -37.83 1.07
N SER A 472 35.44 -36.87 1.97
CA SER A 472 35.03 -35.50 1.70
C SER A 472 35.80 -34.93 0.51
N LYS A 473 37.13 -35.00 0.56
CA LYS A 473 37.95 -34.50 -0.53
C LYS A 473 37.42 -35.01 -1.87
N MET A 474 37.04 -36.29 -1.88
CA MET A 474 36.54 -36.91 -3.09
C MET A 474 35.21 -36.36 -3.59
N VAL A 475 34.21 -36.34 -2.71
CA VAL A 475 32.88 -35.86 -3.06
C VAL A 475 32.92 -34.44 -3.65
N MET A 476 33.60 -33.53 -2.97
CA MET A 476 33.73 -32.16 -3.43
C MET A 476 34.32 -32.14 -4.82
N LYS A 477 35.47 -32.81 -4.99
CA LYS A 477 36.12 -32.90 -6.30
C LYS A 477 35.03 -33.26 -7.30
N PHE A 478 34.34 -34.35 -7.02
CA PHE A 478 33.26 -34.86 -7.85
C PHE A 478 32.22 -33.78 -8.13
N TRP A 479 31.71 -33.18 -7.07
CA TRP A 479 30.70 -32.13 -7.21
C TRP A 479 31.26 -30.99 -8.06
N ALA A 480 32.35 -30.38 -7.62
CA ALA A 480 32.98 -29.29 -8.35
C ALA A 480 33.17 -29.58 -9.83
N ASN A 481 33.68 -30.77 -10.16
CA ASN A 481 33.89 -31.12 -11.57
C ASN A 481 32.59 -31.05 -12.33
N PHE A 482 31.52 -31.47 -11.68
CA PHE A 482 30.20 -31.45 -12.29
C PHE A 482 29.83 -30.01 -12.56
N ALA A 483 30.02 -29.17 -11.56
CA ALA A 483 29.72 -27.76 -11.69
C ALA A 483 30.54 -27.16 -12.83
N ARG A 484 31.73 -27.71 -13.03
CA ARG A 484 32.61 -27.22 -14.08
C ARG A 484 32.29 -27.71 -15.47
N ASN A 485 32.06 -29.02 -15.64
CA ASN A 485 31.80 -29.57 -16.97
C ASN A 485 30.50 -30.32 -17.16
N GLY A 486 29.72 -30.50 -16.10
CA GLY A 486 28.48 -31.24 -16.27
C GLY A 486 28.83 -32.73 -16.31
N ASN A 487 29.95 -33.08 -15.70
CA ASN A 487 30.44 -34.45 -15.63
C ASN A 487 31.31 -34.50 -14.38
N PRO A 488 30.95 -35.34 -13.41
CA PRO A 488 31.73 -35.43 -12.18
C PRO A 488 33.15 -35.97 -12.37
N ASN A 489 33.34 -36.79 -13.39
CA ASN A 489 34.64 -37.39 -13.63
C ASN A 489 35.83 -36.45 -13.74
N GLY A 490 37.00 -37.01 -13.47
CA GLY A 490 38.24 -36.27 -13.54
C GLY A 490 39.36 -37.18 -13.07
N GLU A 491 40.61 -36.82 -13.32
CA GLU A 491 41.69 -37.69 -12.89
C GLU A 491 41.81 -37.67 -11.37
N GLY A 492 42.24 -38.79 -10.80
CA GLY A 492 42.37 -38.88 -9.36
C GLY A 492 41.08 -39.30 -8.69
N LEU A 493 40.07 -39.62 -9.50
CA LEU A 493 38.76 -40.02 -9.01
C LEU A 493 38.28 -41.30 -9.69
N PRO A 494 37.52 -42.14 -8.97
CA PRO A 494 37.01 -43.40 -9.51
C PRO A 494 36.21 -43.05 -10.75
N HIS A 495 35.69 -44.04 -11.46
CA HIS A 495 34.93 -43.72 -12.64
C HIS A 495 33.47 -43.65 -12.27
N TRP A 496 32.79 -42.61 -12.75
CA TRP A 496 31.37 -42.45 -12.49
C TRP A 496 30.65 -42.63 -13.82
N PRO A 497 29.99 -43.78 -14.03
CA PRO A 497 29.27 -44.05 -15.27
C PRO A 497 28.07 -43.14 -15.41
N GLU A 498 27.87 -42.63 -16.63
CA GLU A 498 26.73 -41.77 -16.90
C GLU A 498 25.47 -42.60 -16.73
N TYR A 499 24.37 -41.96 -16.33
CA TYR A 499 23.12 -42.69 -16.16
C TYR A 499 22.40 -42.78 -17.49
N ASN A 500 22.76 -43.79 -18.29
CA ASN A 500 22.13 -44.02 -19.58
C ASN A 500 21.23 -45.25 -19.46
N GLN A 501 21.10 -46.01 -20.55
CA GLN A 501 20.25 -47.21 -20.54
C GLN A 501 20.71 -48.31 -19.61
N LYS A 502 22.02 -48.46 -19.43
CA LYS A 502 22.55 -49.48 -18.51
C LYS A 502 22.21 -49.06 -17.08
N GLU A 503 21.86 -47.78 -16.93
CA GLU A 503 21.51 -47.20 -15.65
C GLU A 503 22.61 -47.38 -14.62
N GLY A 504 23.81 -46.95 -14.99
CA GLY A 504 24.93 -47.04 -14.07
C GLY A 504 24.95 -45.86 -13.11
N TYR A 505 25.22 -46.13 -11.84
CA TYR A 505 25.25 -45.08 -10.83
C TYR A 505 26.47 -45.28 -9.95
N LEU A 506 26.68 -44.39 -8.99
CA LEU A 506 27.86 -44.52 -8.14
C LEU A 506 27.57 -44.68 -6.65
N GLN A 507 28.03 -45.80 -6.08
CA GLN A 507 27.90 -46.07 -4.67
C GLN A 507 29.07 -45.33 -4.06
N ILE A 508 28.80 -44.42 -3.13
CA ILE A 508 29.85 -43.63 -2.52
C ILE A 508 30.01 -43.93 -1.05
N GLY A 509 31.25 -43.96 -0.59
CA GLY A 509 31.53 -44.25 0.80
C GLY A 509 32.90 -44.87 0.98
N ALA A 510 33.09 -45.61 2.06
CA ALA A 510 34.36 -46.27 2.34
C ALA A 510 34.88 -46.95 1.09
N ASN A 511 33.97 -47.62 0.39
CA ASN A 511 34.29 -48.31 -0.84
C ASN A 511 33.44 -47.70 -1.92
N THR A 512 34.05 -46.81 -2.70
CA THR A 512 33.33 -46.13 -3.76
C THR A 512 33.52 -46.80 -5.11
N GLN A 513 32.48 -47.49 -5.60
CA GLN A 513 32.55 -48.14 -6.90
C GLN A 513 31.21 -48.07 -7.57
N ALA A 514 31.23 -48.09 -8.90
CA ALA A 514 30.01 -48.04 -9.71
C ALA A 514 29.13 -49.27 -9.56
N ALA A 515 27.90 -49.15 -10.07
CA ALA A 515 26.92 -50.23 -10.03
C ALA A 515 25.86 -49.91 -11.08
N GLN A 516 24.73 -50.62 -11.04
CA GLN A 516 23.66 -50.38 -12.01
C GLN A 516 22.24 -50.52 -11.47
N LYS A 517 21.28 -50.14 -12.32
CA LYS A 517 19.85 -50.20 -12.00
C LYS A 517 19.48 -50.01 -10.53
N LEU A 518 19.80 -48.83 -9.99
CA LEU A 518 19.49 -48.51 -8.59
C LEU A 518 17.99 -48.59 -8.32
N LYS A 519 17.62 -49.28 -7.25
CA LYS A 519 16.22 -49.42 -6.86
C LYS A 519 15.34 -49.92 -8.00
N ASP A 520 15.95 -50.37 -9.08
CA ASP A 520 15.22 -50.84 -10.25
C ASP A 520 14.03 -51.73 -9.89
N LYS A 521 14.26 -52.71 -9.02
CA LYS A 521 13.20 -53.62 -8.61
C LYS A 521 12.06 -52.87 -7.94
N GLU A 522 12.40 -51.94 -7.05
CA GLU A 522 11.41 -51.14 -6.33
C GLU A 522 10.64 -50.17 -7.22
N VAL A 523 11.31 -49.58 -8.20
CA VAL A 523 10.63 -48.65 -9.08
C VAL A 523 9.50 -49.40 -9.76
N ALA A 524 9.83 -50.57 -10.28
CA ALA A 524 8.88 -51.42 -10.98
C ALA A 524 7.71 -51.83 -10.09
N PHE A 525 8.01 -52.28 -8.88
CA PHE A 525 6.98 -52.69 -7.94
C PHE A 525 5.98 -51.58 -7.67
N TRP A 526 6.42 -50.53 -6.99
CA TRP A 526 5.57 -49.39 -6.65
C TRP A 526 4.80 -48.83 -7.84
N THR A 527 5.48 -48.65 -8.96
CA THR A 527 4.82 -48.13 -10.15
C THR A 527 3.48 -48.81 -10.42
N ASN A 528 3.44 -50.14 -10.32
CA ASN A 528 2.22 -50.89 -10.58
C ASN A 528 1.26 -50.80 -9.40
N LEU A 529 1.77 -50.98 -8.18
CA LEU A 529 0.93 -50.92 -7.00
C LEU A 529 0.12 -49.65 -7.09
N PHE A 530 0.79 -48.56 -7.43
CA PHE A 530 0.12 -47.28 -7.54
C PHE A 530 -0.83 -47.25 -8.70
N ALA A 531 -0.50 -48.00 -9.76
CA ALA A 531 -1.38 -48.09 -10.92
C ALA A 531 -2.61 -48.84 -10.44
N LYS A 532 -2.56 -49.24 -9.17
CA LYS A 532 -3.62 -49.96 -8.47
C LYS A 532 -3.81 -51.38 -9.01
N SER B 1 -13.78 43.18 -8.19
CA SER B 1 -14.57 42.89 -7.00
C SER B 1 -13.86 41.81 -6.08
N SER B 2 -14.68 40.77 -5.73
CA SER B 2 -14.37 39.57 -4.88
C SER B 2 -13.46 38.61 -5.51
N PRO B 3 -13.14 37.56 -4.73
CA PRO B 3 -12.15 36.46 -4.84
C PRO B 3 -11.22 36.23 -6.00
N PRO B 4 -9.83 36.10 -5.70
CA PRO B 4 -8.82 35.85 -6.76
C PRO B 4 -8.86 34.35 -7.08
N VAL B 5 -8.75 33.95 -8.35
CA VAL B 5 -8.77 32.54 -8.71
C VAL B 5 -7.68 32.26 -9.74
N VAL B 6 -6.54 31.84 -9.24
CA VAL B 6 -5.37 31.54 -10.06
C VAL B 6 -5.58 30.16 -10.65
N ASP B 7 -4.85 29.84 -11.71
CA ASP B 7 -4.98 28.51 -12.30
C ASP B 7 -3.61 27.84 -12.27
N THR B 8 -3.46 26.81 -11.45
CA THR B 8 -2.19 26.10 -11.34
C THR B 8 -2.23 24.82 -12.16
N VAL B 9 -1.12 24.08 -12.12
CA VAL B 9 -1.02 22.82 -12.85
C VAL B 9 -2.02 21.79 -12.35
N HIS B 10 -2.17 21.70 -11.03
CA HIS B 10 -3.09 20.73 -10.45
C HIS B 10 -4.55 21.17 -10.37
N GLY B 11 -4.86 22.38 -10.84
CA GLY B 11 -6.23 22.86 -10.81
C GLY B 11 -6.35 24.29 -10.34
N LYS B 12 -7.56 24.85 -10.41
CA LYS B 12 -7.79 26.23 -10.00
C LYS B 12 -7.72 26.40 -8.48
N VAL B 13 -7.21 27.55 -8.05
CA VAL B 13 -7.08 27.85 -6.63
C VAL B 13 -7.74 29.18 -6.31
N LEU B 14 -8.64 29.19 -5.32
CA LEU B 14 -9.37 30.39 -4.91
C LEU B 14 -8.78 30.98 -3.62
N GLY B 15 -8.46 32.27 -3.66
CA GLY B 15 -7.90 32.93 -2.49
C GLY B 15 -8.71 34.09 -1.93
N LYS B 16 -8.04 35.04 -1.28
CA LYS B 16 -8.71 36.21 -0.71
C LYS B 16 -7.86 37.49 -0.76
N PHE B 17 -8.48 38.60 -1.18
CA PHE B 17 -7.82 39.90 -1.30
C PHE B 17 -7.68 40.62 0.03
N VAL B 18 -6.46 41.03 0.36
CA VAL B 18 -6.21 41.75 1.61
C VAL B 18 -5.44 43.03 1.36
N SER B 19 -5.98 44.14 1.85
CA SER B 19 -5.33 45.42 1.67
C SER B 19 -4.57 45.83 2.89
N LEU B 20 -3.45 46.52 2.65
CA LEU B 20 -2.59 46.98 3.72
C LEU B 20 -2.66 48.49 3.82
N GLU B 21 -2.55 48.99 5.05
CA GLU B 21 -2.58 50.42 5.32
C GLU B 21 -1.72 51.17 4.30
N GLY B 22 -2.30 52.17 3.66
CA GLY B 22 -1.55 52.97 2.69
C GLY B 22 -1.08 52.29 1.41
N PHE B 23 -1.81 51.27 0.95
CA PHE B 23 -1.46 50.57 -0.29
C PHE B 23 -2.68 50.37 -1.16
N ALA B 24 -2.64 50.92 -2.36
CA ALA B 24 -3.75 50.80 -3.30
C ALA B 24 -4.03 49.35 -3.66
N GLN B 25 -3.16 48.76 -4.47
CA GLN B 25 -3.31 47.37 -4.90
C GLN B 25 -3.44 46.41 -3.71
N PRO B 26 -4.55 45.66 -3.66
CA PRO B 26 -4.72 44.71 -2.56
C PRO B 26 -3.87 43.47 -2.84
N VAL B 27 -3.38 42.83 -1.78
CA VAL B 27 -2.54 41.65 -1.96
C VAL B 27 -3.38 40.38 -2.03
N ALA B 28 -3.09 39.53 -3.01
CA ALA B 28 -3.80 38.27 -3.14
C ALA B 28 -3.16 37.27 -2.19
N ILE B 29 -3.96 36.70 -1.29
CA ILE B 29 -3.46 35.74 -0.31
C ILE B 29 -4.11 34.35 -0.45
N PHE B 30 -3.27 33.34 -0.65
CA PHE B 30 -3.74 31.96 -0.78
C PHE B 30 -3.15 31.19 0.39
N LEU B 31 -3.99 30.58 1.22
CA LEU B 31 -3.51 29.84 2.36
C LEU B 31 -3.76 28.36 2.24
N GLY B 32 -2.69 27.57 2.30
CA GLY B 32 -2.85 26.13 2.23
C GLY B 32 -2.86 25.43 0.87
N ILE B 33 -2.03 25.88 -0.06
CA ILE B 33 -1.97 25.21 -1.34
C ILE B 33 -1.07 23.99 -1.16
N PRO B 34 -1.57 22.78 -1.47
CA PRO B 34 -0.80 21.54 -1.33
C PRO B 34 0.27 21.43 -2.39
N PHE B 35 1.52 21.19 -2.00
CA PHE B 35 2.57 21.06 -2.99
C PHE B 35 3.09 19.63 -3.09
N ALA B 36 2.46 18.73 -2.35
CA ALA B 36 2.86 17.34 -2.38
C ALA B 36 1.69 16.53 -1.87
N LYS B 37 1.69 15.23 -2.16
CA LYS B 37 0.63 14.35 -1.71
C LYS B 37 0.86 14.08 -0.22
N PRO B 38 -0.21 14.08 0.60
CA PRO B 38 -0.06 13.84 2.04
C PRO B 38 0.82 12.62 2.28
N PRO B 39 1.87 12.76 3.10
CA PRO B 39 2.80 11.66 3.41
C PRO B 39 2.26 10.75 4.50
N LEU B 40 1.02 10.32 4.32
CA LEU B 40 0.36 9.43 5.26
C LEU B 40 0.62 7.98 4.89
N GLY B 41 0.16 7.08 5.76
CA GLY B 41 0.32 5.67 5.52
C GLY B 41 1.72 5.19 5.12
N PRO B 42 1.81 4.44 4.01
CA PRO B 42 3.09 3.92 3.53
C PRO B 42 4.03 5.03 3.06
N LEU B 43 3.47 6.16 2.69
CA LEU B 43 4.31 7.26 2.24
C LEU B 43 5.21 7.85 3.35
N ARG B 44 4.94 7.48 4.59
CA ARG B 44 5.75 7.98 5.70
C ARG B 44 7.19 7.50 5.52
N PHE B 45 8.15 8.39 5.79
CA PHE B 45 9.56 8.03 5.66
C PHE B 45 9.93 7.70 4.23
N THR B 46 9.31 8.40 3.29
CA THR B 46 9.62 8.19 1.89
C THR B 46 9.58 9.58 1.31
N PRO B 47 10.24 9.78 0.18
CA PRO B 47 10.26 11.11 -0.44
C PRO B 47 8.82 11.55 -0.75
N PRO B 48 8.62 12.88 -0.84
CA PRO B 48 7.28 13.40 -1.13
C PRO B 48 6.90 13.22 -2.59
N GLN B 49 5.63 12.90 -2.83
CA GLN B 49 5.13 12.71 -4.19
C GLN B 49 4.25 13.86 -4.68
N PRO B 50 4.19 14.05 -6.01
CA PRO B 50 3.39 15.10 -6.61
C PRO B 50 1.96 15.01 -6.06
N ALA B 51 1.32 16.16 -5.91
CA ALA B 51 -0.03 16.20 -5.39
C ALA B 51 -1.09 15.81 -6.41
N GLU B 52 -2.15 15.17 -5.92
CA GLU B 52 -3.26 14.74 -6.77
C GLU B 52 -3.98 15.98 -7.29
N PRO B 53 -4.15 16.06 -8.62
CA PRO B 53 -4.83 17.18 -9.27
C PRO B 53 -6.31 17.18 -8.90
N TRP B 54 -6.87 18.36 -8.62
CA TRP B 54 -8.27 18.45 -8.24
C TRP B 54 -9.19 18.81 -9.39
N SER B 55 -10.50 18.60 -9.19
CA SER B 55 -11.47 18.85 -10.24
C SER B 55 -12.13 20.20 -10.37
N PHE B 56 -12.45 20.88 -9.28
CA PHE B 56 -13.11 22.18 -9.47
C PHE B 56 -12.25 23.34 -9.00
N VAL B 57 -12.75 24.13 -8.05
CA VAL B 57 -11.96 25.25 -7.54
C VAL B 57 -11.66 25.03 -6.06
N LYS B 58 -10.39 24.77 -5.77
CA LYS B 58 -9.97 24.54 -4.40
C LYS B 58 -9.92 25.87 -3.68
N ASN B 59 -10.49 25.89 -2.48
CA ASN B 59 -10.54 27.09 -1.66
C ASN B 59 -9.30 27.27 -0.78
N ALA B 60 -8.25 27.88 -1.29
CA ALA B 60 -7.07 28.09 -0.47
C ALA B 60 -7.34 29.26 0.49
N THR B 61 -8.18 29.02 1.50
CA THR B 61 -8.54 30.07 2.43
C THR B 61 -8.52 29.78 3.91
N SER B 62 -7.78 28.75 4.32
CA SER B 62 -7.68 28.41 5.74
C SER B 62 -6.24 28.05 6.04
N TYR B 63 -5.76 28.40 7.22
CA TYR B 63 -4.39 28.07 7.56
C TYR B 63 -4.27 26.55 7.63
N PRO B 64 -3.30 25.99 6.90
CA PRO B 64 -3.08 24.55 6.86
C PRO B 64 -2.55 24.12 8.22
N PRO B 65 -2.65 22.83 8.56
CA PRO B 65 -2.15 22.36 9.86
C PRO B 65 -0.63 22.46 9.89
N MET B 66 -0.02 22.39 11.07
CA MET B 66 1.43 22.41 11.13
C MET B 66 1.83 20.95 11.35
N CYS B 67 2.91 20.48 10.75
CA CYS B 67 3.29 19.07 10.91
C CYS B 67 3.37 18.63 12.35
N THR B 68 3.14 17.35 12.60
CA THR B 68 3.16 16.85 13.97
C THR B 68 4.40 17.24 14.75
N GLN B 69 4.16 17.84 15.90
CA GLN B 69 5.23 18.29 16.76
C GLN B 69 4.68 18.48 18.15
N ASP B 70 5.52 19.06 19.01
CA ASP B 70 5.18 19.34 20.39
C ASP B 70 4.23 20.51 20.39
N PRO B 71 2.92 20.26 20.52
CA PRO B 71 1.91 21.32 20.52
C PRO B 71 2.21 22.51 21.43
N LYS B 72 2.84 22.25 22.58
CA LYS B 72 3.20 23.32 23.49
C LYS B 72 4.35 24.10 22.88
N ALA B 73 5.46 23.41 22.69
CA ALA B 73 6.67 24.02 22.11
C ALA B 73 6.34 24.68 20.79
N GLY B 74 5.47 24.02 20.02
CA GLY B 74 5.06 24.55 18.74
C GLY B 74 4.32 25.86 18.83
N GLN B 75 3.23 25.89 19.57
CA GLN B 75 2.45 27.12 19.71
C GLN B 75 3.27 28.23 20.37
N LEU B 76 4.12 27.86 21.33
CA LEU B 76 4.94 28.87 22.01
C LEU B 76 5.91 29.57 21.06
N LEU B 77 6.59 28.81 20.22
CA LEU B 77 7.52 29.40 19.27
C LEU B 77 6.73 30.29 18.31
N SER B 78 5.58 29.79 17.89
CA SER B 78 4.70 30.51 16.97
C SER B 78 4.46 31.93 17.48
N GLU B 79 4.14 32.04 18.77
CA GLU B 79 3.87 33.32 19.42
C GLU B 79 5.10 34.21 19.44
N LEU B 80 6.19 33.68 19.99
CA LEU B 80 7.43 34.44 20.10
C LEU B 80 8.06 34.94 18.77
N PHE B 81 7.60 34.43 17.63
CA PHE B 81 8.16 34.83 16.34
C PHE B 81 7.16 35.47 15.37
N THR B 82 5.88 35.19 15.57
CA THR B 82 4.84 35.73 14.69
C THR B 82 4.97 37.24 14.53
N ASN B 83 4.91 37.69 13.28
CA ASN B 83 5.03 39.10 12.98
C ASN B 83 3.66 39.78 12.94
N ARG B 84 2.60 38.99 13.11
CA ARG B 84 1.24 39.53 13.07
C ARG B 84 0.66 39.87 14.44
N LYS B 85 -0.44 40.62 14.42
CA LYS B 85 -1.17 41.06 15.61
C LYS B 85 -1.53 39.92 16.54
N GLU B 86 -2.46 39.08 16.09
CA GLU B 86 -2.94 37.94 16.86
C GLU B 86 -2.20 36.68 16.46
N ASN B 87 -1.83 35.87 17.44
CA ASN B 87 -1.18 34.63 17.10
C ASN B 87 -2.32 33.72 16.67
N ILE B 88 -2.14 33.01 15.56
CA ILE B 88 -3.16 32.12 15.05
C ILE B 88 -2.92 30.72 15.59
N PRO B 89 -3.88 30.19 16.37
CA PRO B 89 -3.71 28.85 16.92
C PRO B 89 -3.80 27.83 15.78
N LEU B 90 -2.82 26.93 15.71
CA LEU B 90 -2.79 25.94 14.66
C LEU B 90 -3.21 24.54 15.08
N LYS B 91 -3.32 23.67 14.09
CA LYS B 91 -3.72 22.29 14.30
C LYS B 91 -2.53 21.37 13.93
N LEU B 92 -2.51 20.15 14.47
CA LEU B 92 -1.44 19.19 14.17
C LEU B 92 -1.89 18.10 13.23
N SER B 93 -1.01 17.69 12.32
CA SER B 93 -1.36 16.63 11.39
C SER B 93 -0.21 16.23 10.50
N GLU B 94 -0.18 14.96 10.12
CA GLU B 94 0.89 14.46 9.24
C GLU B 94 0.63 15.05 7.86
N ASP B 95 -0.62 15.41 7.62
CA ASP B 95 -1.00 16.04 6.37
C ASP B 95 -0.64 17.49 6.60
N CYS B 96 0.51 17.91 6.08
CA CYS B 96 0.99 19.26 6.29
C CYS B 96 1.88 19.80 5.18
N LEU B 97 2.03 19.07 4.09
CA LEU B 97 2.87 19.58 3.04
C LEU B 97 2.10 20.63 2.26
N TYR B 98 2.01 21.81 2.85
CA TYR B 98 1.33 22.95 2.24
C TYR B 98 2.27 24.16 2.23
N LEU B 99 1.89 25.18 1.49
CA LEU B 99 2.65 26.41 1.44
C LEU B 99 1.63 27.53 1.33
N ASN B 100 1.98 28.73 1.80
CA ASN B 100 1.09 29.88 1.72
C ASN B 100 1.71 30.89 0.76
N ILE B 101 0.88 31.59 -0.01
CA ILE B 101 1.42 32.58 -0.95
C ILE B 101 0.84 33.96 -0.71
N TYR B 102 1.68 34.96 -0.89
CA TYR B 102 1.30 36.35 -0.74
C TYR B 102 1.83 37.06 -1.98
N THR B 103 0.95 37.40 -2.90
CA THR B 103 1.37 38.06 -4.13
C THR B 103 0.75 39.44 -4.27
N PRO B 104 1.59 40.49 -4.29
CA PRO B 104 1.16 41.89 -4.42
C PRO B 104 0.81 42.25 -5.84
N ALA B 105 1.08 41.34 -6.76
CA ALA B 105 0.82 41.56 -8.17
C ALA B 105 -0.65 41.62 -8.54
N ASP B 106 -0.95 42.40 -9.57
CA ASP B 106 -2.32 42.53 -10.07
C ASP B 106 -2.48 41.37 -11.04
N LEU B 107 -3.05 40.29 -10.53
CA LEU B 107 -3.24 39.06 -11.30
C LEU B 107 -4.03 39.16 -12.60
N THR B 108 -4.60 40.33 -12.86
CA THR B 108 -5.38 40.54 -14.08
C THR B 108 -4.41 40.85 -15.22
N LYS B 109 -3.12 40.85 -14.92
CA LYS B 109 -2.12 41.15 -15.92
C LYS B 109 -0.93 40.24 -15.69
N LYS B 110 -0.03 40.17 -16.68
CA LYS B 110 1.15 39.34 -16.52
C LYS B 110 2.14 40.09 -15.63
N ASN B 111 2.75 39.36 -14.71
CA ASN B 111 3.71 39.93 -13.79
C ASN B 111 4.75 38.89 -13.45
N ARG B 112 6.02 39.30 -13.39
CA ARG B 112 7.11 38.39 -13.04
C ARG B 112 7.98 38.96 -11.92
N LEU B 113 7.35 39.20 -10.77
CA LEU B 113 8.04 39.76 -9.60
C LEU B 113 8.98 38.74 -8.97
N PRO B 114 10.09 39.20 -8.37
CA PRO B 114 10.99 38.23 -7.76
C PRO B 114 10.22 37.45 -6.68
N VAL B 115 10.51 36.15 -6.56
CA VAL B 115 9.85 35.30 -5.58
C VAL B 115 10.74 35.03 -4.37
N MET B 116 10.19 35.15 -3.17
CA MET B 116 10.95 34.90 -1.95
C MET B 116 10.34 33.77 -1.09
N VAL B 117 10.97 32.59 -1.14
CA VAL B 117 10.53 31.43 -0.41
C VAL B 117 11.13 31.37 0.98
N TRP B 118 10.26 31.33 1.99
CA TRP B 118 10.68 31.30 3.38
C TRP B 118 10.57 29.94 4.05
N ILE B 119 11.69 29.47 4.60
CA ILE B 119 11.73 28.19 5.29
C ILE B 119 11.88 28.53 6.76
N HIS B 120 10.81 28.35 7.51
CA HIS B 120 10.81 28.65 8.94
C HIS B 120 11.78 27.77 9.69
N GLY B 121 12.12 28.19 10.90
CA GLY B 121 13.02 27.43 11.74
C GLY B 121 12.28 26.76 12.87
N GLY B 122 13.02 26.16 13.78
CA GLY B 122 12.42 25.50 14.90
C GLY B 122 13.19 24.25 15.26
N GLY B 123 14.49 24.24 14.98
CA GLY B 123 15.32 23.07 15.29
C GLY B 123 14.88 21.79 14.59
N LEU B 124 14.17 21.92 13.48
CA LEU B 124 13.67 20.78 12.72
C LEU B 124 12.69 19.92 13.51
N MET B 125 12.32 20.40 14.69
CA MET B 125 11.40 19.67 15.55
C MET B 125 10.05 20.36 15.72
N VAL B 126 10.03 21.69 15.54
CA VAL B 126 8.80 22.47 15.69
C VAL B 126 8.80 23.64 14.72
N GLY B 127 7.67 24.31 14.59
CA GLY B 127 7.59 25.44 13.69
C GLY B 127 6.47 25.25 12.72
N ALA B 128 6.20 26.27 11.91
CA ALA B 128 5.13 26.22 10.91
C ALA B 128 5.19 27.47 10.05
N ALA B 129 4.71 27.36 8.81
CA ALA B 129 4.73 28.49 7.88
C ALA B 129 3.71 29.56 8.18
N SER B 130 2.55 29.16 8.70
CA SER B 130 1.50 30.11 9.02
C SER B 130 1.90 31.17 10.03
N THR B 131 2.95 30.91 10.80
CA THR B 131 3.41 31.90 11.79
C THR B 131 3.85 33.20 11.11
N TYR B 132 4.58 33.07 10.00
CA TYR B 132 5.08 34.23 9.28
C TYR B 132 4.10 34.75 8.23
N ASP B 133 3.67 36.00 8.42
CA ASP B 133 2.72 36.66 7.51
C ASP B 133 3.48 37.48 6.48
N GLY B 134 3.24 37.19 5.20
CA GLY B 134 3.95 37.90 4.15
C GLY B 134 3.31 39.15 3.60
N LEU B 135 2.14 39.53 4.11
CA LEU B 135 1.44 40.74 3.62
C LEU B 135 2.36 41.95 3.45
N ALA B 136 3.03 42.34 4.54
CA ALA B 136 3.93 43.50 4.54
C ALA B 136 5.06 43.42 3.50
N LEU B 137 5.95 42.45 3.65
CA LEU B 137 7.06 42.27 2.73
C LEU B 137 6.61 42.29 1.28
N ALA B 138 5.53 41.59 0.99
CA ALA B 138 5.01 41.53 -0.38
C ALA B 138 4.63 42.93 -0.85
N ALA B 139 3.81 43.62 -0.05
CA ALA B 139 3.35 44.97 -0.37
C ALA B 139 4.50 45.98 -0.45
N HIS B 140 5.19 46.18 0.66
CA HIS B 140 6.30 47.14 0.74
C HIS B 140 7.45 46.99 -0.27
N GLU B 141 7.84 45.77 -0.63
CA GLU B 141 8.96 45.59 -1.56
C GLU B 141 8.60 44.96 -2.90
N ASN B 142 7.31 44.73 -3.11
CA ASN B 142 6.82 44.17 -4.36
C ASN B 142 7.52 42.90 -4.82
N VAL B 143 7.38 41.87 -4.00
CA VAL B 143 7.95 40.55 -4.24
C VAL B 143 6.86 39.56 -3.84
N VAL B 144 6.83 38.40 -4.50
CA VAL B 144 5.85 37.37 -4.15
C VAL B 144 6.46 36.53 -3.02
N VAL B 145 5.87 36.59 -1.84
CA VAL B 145 6.38 35.86 -0.69
C VAL B 145 5.68 34.54 -0.49
N VAL B 146 6.46 33.47 -0.41
CA VAL B 146 5.91 32.12 -0.24
C VAL B 146 6.46 31.48 1.02
N THR B 147 5.57 30.97 1.87
CA THR B 147 6.00 30.30 3.10
C THR B 147 5.67 28.81 2.97
N ILE B 148 6.68 27.97 3.14
CA ILE B 148 6.50 26.53 3.02
C ILE B 148 6.63 25.80 4.34
N GLN B 149 6.15 24.56 4.35
CA GLN B 149 6.24 23.71 5.52
C GLN B 149 6.92 22.44 5.06
N TYR B 150 7.46 21.68 6.00
CA TYR B 150 8.15 20.45 5.67
C TYR B 150 8.11 19.57 6.91
N ARG B 151 8.08 18.26 6.71
CA ARG B 151 8.02 17.32 7.80
C ARG B 151 9.12 17.55 8.83
N LEU B 152 8.73 17.61 10.10
CA LEU B 152 9.68 17.83 11.17
C LEU B 152 9.75 16.60 12.06
N GLY B 153 10.64 16.66 13.04
CA GLY B 153 10.81 15.56 13.98
C GLY B 153 11.03 14.22 13.33
N ILE B 154 10.50 13.17 13.95
CA ILE B 154 10.65 11.82 13.43
C ILE B 154 10.11 11.71 12.00
N TRP B 155 8.96 12.31 11.76
CA TRP B 155 8.32 12.29 10.46
C TRP B 155 9.19 12.80 9.33
N GLY B 156 10.00 13.82 9.59
CA GLY B 156 10.85 14.36 8.55
C GLY B 156 12.34 14.06 8.57
N PHE B 157 12.87 13.45 9.63
CA PHE B 157 14.30 13.18 9.66
C PHE B 157 14.74 11.83 10.22
N PHE B 158 13.78 10.93 10.42
CA PHE B 158 14.10 9.59 10.92
C PHE B 158 14.97 8.92 9.88
N SER B 159 16.10 8.38 10.32
CA SER B 159 17.03 7.71 9.43
C SER B 159 17.56 6.41 10.04
N THR B 160 17.77 5.41 9.21
CA THR B 160 18.29 4.14 9.69
C THR B 160 19.75 4.02 9.26
N GLY B 161 20.21 5.00 8.50
CA GLY B 161 21.59 4.97 8.04
C GLY B 161 21.73 4.18 6.75
N ASP B 162 20.67 3.52 6.34
CA ASP B 162 20.70 2.72 5.12
C ASP B 162 19.52 3.05 4.18
N GLU B 163 19.45 2.33 3.07
CA GLU B 163 18.43 2.55 2.07
C GLU B 163 17.00 2.29 2.51
N HIS B 164 16.84 1.64 3.66
CA HIS B 164 15.49 1.36 4.15
C HIS B 164 14.81 2.59 4.75
N SER B 165 15.59 3.66 4.88
CA SER B 165 15.13 4.94 5.41
C SER B 165 16.34 5.85 5.49
N ARG B 166 16.67 6.47 4.36
CA ARG B 166 17.82 7.33 4.29
C ARG B 166 17.73 8.54 5.20
N GLY B 167 16.58 9.19 5.19
CA GLY B 167 16.40 10.38 6.02
C GLY B 167 16.22 11.66 5.22
N ASN B 168 16.33 12.80 5.91
CA ASN B 168 16.17 14.09 5.28
C ASN B 168 14.85 14.25 4.55
N TRP B 169 13.86 13.48 4.95
CA TRP B 169 12.57 13.60 4.33
C TRP B 169 12.19 15.09 4.30
N GLY B 170 12.38 15.75 5.44
CA GLY B 170 12.07 17.17 5.57
C GLY B 170 12.72 18.04 4.51
N HIS B 171 14.01 17.78 4.24
CA HIS B 171 14.74 18.53 3.22
C HIS B 171 14.26 18.15 1.82
N LEU B 172 13.79 16.92 1.62
CA LEU B 172 13.29 16.56 0.31
C LEU B 172 11.99 17.33 0.15
N ASP B 173 11.20 17.39 1.23
CA ASP B 173 9.94 18.13 1.24
C ASP B 173 10.18 19.57 0.79
N GLN B 174 11.28 20.14 1.26
CA GLN B 174 11.66 21.50 0.91
C GLN B 174 11.91 21.59 -0.59
N VAL B 175 12.75 20.70 -1.09
CA VAL B 175 13.07 20.69 -2.51
C VAL B 175 11.80 20.58 -3.35
N ALA B 176 10.86 19.75 -2.90
CA ALA B 176 9.60 19.54 -3.60
C ALA B 176 8.83 20.84 -3.75
N ALA B 177 8.78 21.62 -2.68
CA ALA B 177 8.07 22.87 -2.72
C ALA B 177 8.68 23.79 -3.79
N LEU B 178 10.01 23.85 -3.81
CA LEU B 178 10.70 24.67 -4.80
C LEU B 178 10.39 24.22 -6.24
N ARG B 179 10.26 22.91 -6.45
CA ARG B 179 9.93 22.45 -7.79
C ARG B 179 8.52 22.95 -8.08
N TRP B 180 7.67 22.96 -7.06
CA TRP B 180 6.30 23.43 -7.25
C TRP B 180 6.30 24.89 -7.67
N VAL B 181 7.18 25.69 -7.04
CA VAL B 181 7.28 27.11 -7.35
C VAL B 181 7.72 27.29 -8.80
N GLN B 182 8.68 26.47 -9.24
CA GLN B 182 9.13 26.56 -10.62
C GLN B 182 7.96 26.33 -11.56
N ASP B 183 7.18 25.29 -11.30
CA ASP B 183 6.05 24.95 -12.18
C ASP B 183 4.74 25.66 -11.92
N ASN B 184 4.69 26.64 -11.03
CA ASN B 184 3.42 27.27 -10.76
C ASN B 184 3.41 28.75 -10.43
N ILE B 185 4.43 29.20 -9.70
CA ILE B 185 4.51 30.59 -9.27
C ILE B 185 4.24 31.65 -10.32
N ALA B 186 4.47 31.31 -11.57
CA ALA B 186 4.24 32.26 -12.64
C ALA B 186 2.78 32.70 -12.64
N SER B 187 1.89 31.81 -12.24
CA SER B 187 0.46 32.12 -12.22
C SER B 187 0.05 33.06 -11.10
N PHE B 188 1.00 33.44 -10.24
CA PHE B 188 0.71 34.38 -9.15
C PHE B 188 1.56 35.64 -9.36
N GLY B 189 1.90 35.89 -10.62
CA GLY B 189 2.69 37.05 -10.96
C GLY B 189 4.10 36.97 -10.41
N GLY B 190 4.65 35.77 -10.39
CA GLY B 190 6.01 35.61 -9.87
C GLY B 190 6.97 35.21 -10.97
N ASN B 191 8.25 35.51 -10.79
CA ASN B 191 9.21 35.13 -11.81
C ASN B 191 9.96 33.87 -11.44
N PRO B 192 9.48 32.73 -11.94
CA PRO B 192 10.11 31.45 -11.65
C PRO B 192 11.59 31.51 -11.98
N GLY B 193 11.98 32.54 -12.73
CA GLY B 193 13.37 32.71 -13.11
C GLY B 193 14.17 33.45 -12.07
N SER B 194 13.49 34.06 -11.09
CA SER B 194 14.16 34.83 -10.03
C SER B 194 13.72 34.47 -8.60
N VAL B 195 13.84 33.20 -8.25
CA VAL B 195 13.46 32.75 -6.92
C VAL B 195 14.60 32.89 -5.93
N THR B 196 14.28 33.39 -4.74
CA THR B 196 15.26 33.57 -3.68
C THR B 196 14.79 32.78 -2.46
N ILE B 197 15.65 31.98 -1.86
CA ILE B 197 15.24 31.22 -0.69
C ILE B 197 15.93 31.81 0.53
N PHE B 198 15.20 31.89 1.64
CA PHE B 198 15.76 32.43 2.87
C PHE B 198 15.09 31.78 4.07
N GLY B 199 15.89 31.46 5.08
CA GLY B 199 15.36 30.82 6.26
C GLY B 199 16.10 31.30 7.48
N GLU B 200 15.48 31.15 8.64
CA GLU B 200 16.07 31.57 9.90
C GLU B 200 16.26 30.33 10.75
N SER B 201 17.40 30.24 11.44
CA SER B 201 17.70 29.08 12.28
C SER B 201 17.73 27.78 11.45
N ALA B 202 17.04 26.73 11.91
CA ALA B 202 16.99 25.46 11.19
C ALA B 202 16.66 25.72 9.72
N GLY B 203 15.89 26.79 9.49
CA GLY B 203 15.50 27.18 8.15
C GLY B 203 16.71 27.77 7.46
N GLY B 204 17.56 28.41 8.25
CA GLY B 204 18.78 28.99 7.71
C GLY B 204 19.71 27.87 7.29
N GLU B 205 19.79 26.86 8.15
CA GLU B 205 20.64 25.70 7.90
C GLU B 205 20.18 25.01 6.63
N SER B 206 18.87 24.84 6.51
CA SER B 206 18.30 24.20 5.34
C SER B 206 18.74 24.97 4.11
N VAL B 207 18.57 26.29 4.13
CA VAL B 207 18.99 27.10 3.00
C VAL B 207 20.45 26.79 2.70
N SER B 208 21.28 26.73 3.73
CA SER B 208 22.70 26.43 3.55
C SER B 208 22.91 25.05 2.91
N VAL B 209 22.00 24.14 3.21
CA VAL B 209 22.05 22.76 2.71
C VAL B 209 21.64 22.63 1.26
N LEU B 210 20.61 23.35 0.88
CA LEU B 210 20.16 23.32 -0.50
C LEU B 210 21.24 23.92 -1.38
N VAL B 211 22.04 24.81 -0.79
CA VAL B 211 23.13 25.44 -1.53
C VAL B 211 24.22 24.39 -1.84
N LEU B 212 24.33 23.38 -0.97
CA LEU B 212 25.31 22.30 -1.15
C LEU B 212 24.72 21.09 -1.89
N SER B 213 23.40 20.93 -1.85
CA SER B 213 22.76 19.80 -2.49
C SER B 213 22.66 19.85 -4.00
N PRO B 214 22.81 18.69 -4.64
CA PRO B 214 22.73 18.57 -6.10
C PRO B 214 21.27 18.64 -6.51
N LEU B 215 20.39 18.11 -5.66
CA LEU B 215 18.95 18.08 -5.92
C LEU B 215 18.32 19.46 -6.01
N ALA B 216 18.92 20.44 -5.32
CA ALA B 216 18.39 21.79 -5.31
C ALA B 216 18.84 22.60 -6.54
N LYS B 217 19.84 22.11 -7.24
CA LYS B 217 20.36 22.79 -8.42
C LYS B 217 19.27 23.35 -9.33
N ASN B 218 19.33 24.66 -9.57
CA ASN B 218 18.39 25.35 -10.46
C ASN B 218 16.98 25.62 -9.93
N LEU B 219 16.78 25.51 -8.63
CA LEU B 219 15.45 25.75 -8.07
C LEU B 219 15.37 27.11 -7.41
N PHE B 220 16.53 27.75 -7.26
CA PHE B 220 16.62 29.08 -6.68
C PHE B 220 17.79 29.78 -7.33
N HIS B 221 17.86 31.10 -7.15
CA HIS B 221 18.92 31.88 -7.77
C HIS B 221 19.62 32.81 -6.82
N ARG B 222 19.20 32.79 -5.55
CA ARG B 222 19.80 33.64 -4.52
C ARG B 222 19.42 33.00 -3.18
N ALA B 223 20.35 32.96 -2.22
CA ALA B 223 20.06 32.35 -0.93
C ALA B 223 20.41 33.26 0.23
N ILE B 224 19.69 33.09 1.34
CA ILE B 224 19.90 33.89 2.55
C ILE B 224 19.70 33.02 3.80
N SER B 225 20.77 32.82 4.57
CA SER B 225 20.69 32.05 5.81
C SER B 225 20.77 33.03 6.96
N GLU B 226 19.79 32.99 7.84
CA GLU B 226 19.77 33.88 8.99
C GLU B 226 19.94 33.10 10.29
N SER B 227 21.05 33.31 10.96
CA SER B 227 21.34 32.65 12.23
C SER B 227 21.27 31.13 12.10
N GLY B 228 22.06 30.58 11.18
CA GLY B 228 22.06 29.14 10.98
C GLY B 228 22.57 28.70 9.63
N VAL B 229 23.52 27.77 9.64
CA VAL B 229 24.09 27.26 8.39
C VAL B 229 24.37 25.76 8.50
N ALA B 230 24.94 25.20 7.45
CA ALA B 230 25.24 23.78 7.43
C ALA B 230 26.39 23.36 8.34
N LEU B 231 27.03 24.32 9.02
CA LEU B 231 28.12 23.99 9.93
C LEU B 231 27.71 24.12 11.39
N THR B 232 26.43 24.39 11.61
CA THR B 232 25.88 24.50 12.95
C THR B 232 25.66 23.07 13.45
N SER B 233 26.76 22.45 13.89
CA SER B 233 26.77 21.06 14.38
C SER B 233 25.44 20.51 14.85
N VAL B 234 24.93 21.00 15.96
CA VAL B 234 23.65 20.54 16.53
C VAL B 234 22.59 20.09 15.51
N LEU B 235 22.60 20.65 14.32
CA LEU B 235 21.62 20.28 13.31
C LEU B 235 22.03 19.17 12.30
N VAL B 236 23.32 18.82 12.25
CA VAL B 236 23.78 17.79 11.31
C VAL B 236 24.41 16.58 11.98
N LYS B 237 23.80 15.43 11.80
CA LYS B 237 24.31 14.21 12.41
C LYS B 237 25.38 13.53 11.56
N LYS B 238 26.62 13.59 12.01
CA LYS B 238 27.68 12.93 11.30
C LYS B 238 28.02 11.68 12.12
N GLY B 239 28.15 10.54 11.45
CA GLY B 239 28.44 9.30 12.13
C GLY B 239 27.31 8.29 12.02
N ASP B 240 27.51 7.12 12.60
CA ASP B 240 26.52 6.06 12.58
C ASP B 240 25.25 6.53 13.30
N VAL B 241 24.16 6.69 12.56
CA VAL B 241 22.88 7.14 13.13
C VAL B 241 22.03 5.97 13.58
N LYS B 242 22.42 4.77 13.16
CA LYS B 242 21.69 3.56 13.50
C LYS B 242 21.30 3.50 14.97
N PRO B 243 22.25 3.76 15.88
CA PRO B 243 21.96 3.74 17.32
C PRO B 243 20.72 4.54 17.68
N LEU B 244 20.71 5.81 17.29
CA LEU B 244 19.56 6.68 17.58
C LEU B 244 18.28 6.08 17.00
N ALA B 245 18.35 5.60 15.76
CA ALA B 245 17.19 5.00 15.12
C ALA B 245 16.65 3.96 16.07
N GLU B 246 17.51 3.01 16.45
CA GLU B 246 17.12 1.93 17.34
C GLU B 246 16.51 2.41 18.66
N GLN B 247 17.05 3.49 19.24
CA GLN B 247 16.47 3.98 20.49
C GLN B 247 15.02 4.38 20.22
N ILE B 248 14.82 5.22 19.20
CA ILE B 248 13.51 5.70 18.83
C ILE B 248 12.54 4.54 18.57
N ALA B 249 13.02 3.55 17.85
CA ALA B 249 12.19 2.39 17.54
C ALA B 249 11.80 1.72 18.86
N ILE B 250 12.77 1.48 19.73
CA ILE B 250 12.50 0.84 21.01
C ILE B 250 11.48 1.63 21.85
N THR B 251 11.64 2.94 21.87
CA THR B 251 10.75 3.82 22.61
C THR B 251 9.32 3.75 22.11
N ALA B 252 9.17 3.57 20.80
CA ALA B 252 7.86 3.48 20.18
C ALA B 252 7.27 2.07 20.27
N GLY B 253 8.02 1.16 20.88
CA GLY B 253 7.57 -0.22 21.05
C GLY B 253 7.83 -1.13 19.86
N CYS B 254 9.01 -1.01 19.26
CA CYS B 254 9.36 -1.80 18.08
C CYS B 254 10.52 -2.76 18.21
N LYS B 255 10.49 -3.79 17.38
CA LYS B 255 11.57 -4.77 17.34
C LYS B 255 12.65 -4.03 16.55
N THR B 256 13.90 -4.34 16.81
CA THR B 256 14.99 -3.68 16.09
C THR B 256 15.79 -4.68 15.27
N THR B 257 15.20 -5.86 15.05
CA THR B 257 15.82 -6.96 14.31
C THR B 257 16.62 -6.52 13.10
N THR B 258 16.10 -5.59 12.32
CA THR B 258 16.82 -5.10 11.15
C THR B 258 16.30 -3.69 10.82
N SER B 259 16.97 -3.00 9.93
CA SER B 259 16.53 -1.66 9.58
C SER B 259 15.13 -1.72 9.02
N ALA B 260 14.94 -2.51 7.96
CA ALA B 260 13.64 -2.66 7.33
C ALA B 260 12.53 -3.03 8.33
N VAL B 261 12.84 -3.86 9.31
CA VAL B 261 11.83 -4.22 10.30
C VAL B 261 11.43 -2.97 11.09
N MET B 262 12.41 -2.15 11.47
CA MET B 262 12.14 -0.93 12.21
C MET B 262 11.30 0.07 11.42
N VAL B 263 11.65 0.31 10.16
CA VAL B 263 10.91 1.27 9.36
C VAL B 263 9.47 0.82 9.23
N HIS B 264 9.28 -0.45 8.92
CA HIS B 264 7.96 -1.03 8.77
C HIS B 264 7.16 -0.89 10.06
N CYS B 265 7.77 -1.31 11.15
CA CYS B 265 7.12 -1.25 12.46
C CYS B 265 6.68 0.18 12.78
N LEU B 266 7.48 1.17 12.40
CA LEU B 266 7.14 2.56 12.67
C LEU B 266 6.02 3.07 11.77
N ARG B 267 5.98 2.62 10.51
CA ARG B 267 4.93 3.04 9.60
C ARG B 267 3.57 2.65 10.15
N GLN B 268 3.54 1.55 10.90
CA GLN B 268 2.30 1.03 11.49
C GLN B 268 1.83 1.87 12.64
N LYS B 269 2.76 2.54 13.31
CA LYS B 269 2.40 3.40 14.45
C LYS B 269 1.49 4.55 14.01
N THR B 270 0.62 4.96 14.90
CA THR B 270 -0.30 6.05 14.61
C THR B 270 0.44 7.33 14.91
N GLU B 271 -0.12 8.46 14.47
CA GLU B 271 0.48 9.77 14.71
C GLU B 271 0.64 10.02 16.20
N GLU B 272 -0.42 9.76 16.95
CA GLU B 272 -0.41 9.96 18.37
C GLU B 272 0.70 9.12 18.98
N GLU B 273 0.82 7.89 18.51
CA GLU B 273 1.84 7.00 19.01
C GLU B 273 3.22 7.59 18.80
N LEU B 274 3.44 8.15 17.62
CA LEU B 274 4.72 8.78 17.32
C LEU B 274 4.90 10.10 18.07
N LEU B 275 3.81 10.85 18.20
CA LEU B 275 3.89 12.12 18.91
C LEU B 275 4.25 11.82 20.35
N GLU B 276 3.72 10.71 20.84
CA GLU B 276 3.93 10.27 22.20
C GLU B 276 5.38 9.86 22.40
N THR B 277 5.97 9.24 21.39
CA THR B 277 7.37 8.83 21.48
C THR B 277 8.24 10.08 21.45
N THR B 278 7.90 11.02 20.57
CA THR B 278 8.65 12.28 20.43
C THR B 278 8.77 12.93 21.79
N LEU B 279 7.69 12.87 22.55
CA LEU B 279 7.68 13.46 23.87
C LEU B 279 8.58 12.67 24.80
N LYS B 280 8.45 11.35 24.81
CA LYS B 280 9.30 10.52 25.66
C LYS B 280 10.79 10.75 25.39
N MET B 281 11.16 10.88 24.12
CA MET B 281 12.56 11.09 23.71
C MET B 281 13.17 12.39 24.25
N LYS B 282 12.36 13.16 24.99
CA LYS B 282 12.81 14.41 25.58
C LYS B 282 13.77 15.19 24.71
N PHE B 283 13.28 15.72 23.60
CA PHE B 283 14.11 16.50 22.72
C PHE B 283 14.04 17.98 23.10
N LEU B 284 14.79 18.81 22.37
CA LEU B 284 14.79 20.23 22.60
C LEU B 284 15.06 20.66 24.03
N SER B 285 15.46 19.73 24.88
CA SER B 285 15.75 20.06 26.28
C SER B 285 17.14 19.60 26.71
N LEU B 286 17.79 20.40 27.54
CA LEU B 286 19.14 20.11 27.98
C LEU B 286 19.21 19.06 29.07
N ASP B 287 19.84 17.93 28.75
CA ASP B 287 20.01 16.82 29.68
C ASP B 287 21.19 17.11 30.61
N LEU B 288 20.88 17.35 31.88
CA LEU B 288 21.93 17.68 32.84
C LEU B 288 22.48 16.47 33.57
N GLN B 289 21.79 15.33 33.47
CA GLN B 289 22.24 14.12 34.13
C GLN B 289 22.34 12.94 33.18
N GLY B 290 23.57 12.66 32.75
CA GLY B 290 23.85 11.58 31.84
C GLY B 290 25.05 11.98 31.01
N ASP B 291 25.59 11.06 30.23
CA ASP B 291 26.75 11.35 29.38
C ASP B 291 26.31 12.35 28.32
N PRO B 292 26.94 13.54 28.28
CA PRO B 292 26.62 14.59 27.32
C PRO B 292 26.84 14.11 25.88
N ARG B 293 27.61 13.05 25.74
CA ARG B 293 27.90 12.49 24.43
C ARG B 293 26.82 11.54 23.93
N GLU B 294 25.84 11.23 24.77
CA GLU B 294 24.78 10.32 24.37
C GLU B 294 23.48 11.09 24.15
N SER B 295 23.37 12.23 24.83
CA SER B 295 22.20 13.08 24.72
C SER B 295 21.98 13.53 23.29
N GLN B 296 20.80 13.23 22.76
CA GLN B 296 20.46 13.61 21.42
C GLN B 296 19.41 14.71 21.50
N PRO B 297 19.81 15.97 21.28
CA PRO B 297 18.93 17.14 21.34
C PRO B 297 17.85 17.18 20.27
N LEU B 298 18.08 16.48 19.16
CA LEU B 298 17.11 16.46 18.06
C LEU B 298 17.49 15.51 16.92
N LEU B 299 16.56 15.33 15.98
CA LEU B 299 16.82 14.49 14.81
C LEU B 299 17.08 15.48 13.68
N GLY B 300 18.24 15.39 13.06
CA GLY B 300 18.52 16.36 12.02
C GLY B 300 18.96 15.84 10.68
N THR B 301 19.56 16.74 9.91
CA THR B 301 20.05 16.43 8.59
C THR B 301 21.06 15.31 8.75
N VAL B 302 21.28 14.53 7.70
CA VAL B 302 22.26 13.46 7.74
C VAL B 302 22.86 13.37 6.36
N ILE B 303 23.91 12.59 6.22
CA ILE B 303 24.54 12.43 4.93
C ILE B 303 23.85 11.25 4.26
N ASP B 304 22.74 11.50 3.59
CA ASP B 304 21.97 10.41 2.99
C ASP B 304 22.48 9.78 1.71
N GLY B 305 23.10 10.56 0.85
CA GLY B 305 23.59 10.01 -0.41
C GLY B 305 22.74 10.49 -1.56
N MET B 306 21.66 11.17 -1.23
CA MET B 306 20.76 11.73 -2.24
C MET B 306 20.84 13.25 -2.13
N LEU B 307 20.36 13.78 -1.01
CA LEU B 307 20.39 15.21 -0.79
C LEU B 307 21.80 15.67 -0.53
N LEU B 308 22.51 14.98 0.35
CA LEU B 308 23.89 15.34 0.67
C LEU B 308 24.83 14.17 0.38
N LEU B 309 25.66 14.32 -0.65
CA LEU B 309 26.58 13.27 -1.01
C LEU B 309 27.70 13.09 0.00
N LYS B 310 27.94 14.11 0.81
CA LYS B 310 28.96 14.04 1.86
C LYS B 310 28.81 15.18 2.85
N THR B 311 29.60 15.14 3.92
CA THR B 311 29.53 16.15 4.96
C THR B 311 29.66 17.52 4.33
N PRO B 312 28.92 18.51 4.87
CA PRO B 312 28.95 19.88 4.35
C PRO B 312 30.38 20.42 4.30
N GLU B 313 31.18 20.05 5.30
CA GLU B 313 32.56 20.48 5.37
C GLU B 313 33.30 20.02 4.10
N GLU B 314 33.27 18.72 3.85
CA GLU B 314 33.93 18.18 2.66
C GLU B 314 33.40 18.86 1.41
N LEU B 315 32.10 18.84 1.22
CA LEU B 315 31.45 19.43 0.06
C LEU B 315 31.95 20.82 -0.31
N GLN B 316 31.93 21.74 0.66
CA GLN B 316 32.37 23.10 0.41
C GLN B 316 33.83 23.19 0.01
N ALA B 317 34.59 22.13 0.20
CA ALA B 317 35.98 22.14 -0.19
C ALA B 317 36.03 22.39 -1.70
N GLU B 318 35.35 21.56 -2.48
CA GLU B 318 35.33 21.74 -3.93
C GLU B 318 34.27 22.74 -4.31
N ARG B 319 34.70 23.88 -4.84
CA ARG B 319 33.78 24.92 -5.24
C ARG B 319 32.93 24.46 -6.43
N ASN B 320 33.14 23.21 -6.85
CA ASN B 320 32.41 22.66 -7.99
C ASN B 320 31.00 22.19 -7.62
N PHE B 321 30.10 23.17 -7.48
CA PHE B 321 28.70 22.94 -7.18
C PHE B 321 27.98 24.20 -7.67
N HIS B 322 26.70 24.35 -7.38
CA HIS B 322 25.99 25.54 -7.85
C HIS B 322 26.21 26.74 -6.91
N THR B 323 26.95 27.72 -7.41
CA THR B 323 27.26 28.93 -6.65
C THR B 323 26.32 30.07 -7.02
N VAL B 324 25.74 30.73 -6.03
CA VAL B 324 24.83 31.83 -6.28
C VAL B 324 25.00 32.93 -5.24
N PRO B 325 24.40 34.11 -5.46
CA PRO B 325 24.57 35.17 -4.46
C PRO B 325 24.10 34.63 -3.13
N TYR B 326 24.93 34.73 -2.12
CA TYR B 326 24.57 34.19 -0.82
C TYR B 326 24.79 35.17 0.33
N MET B 327 23.72 35.50 1.03
CA MET B 327 23.82 36.39 2.17
C MET B 327 23.77 35.56 3.44
N VAL B 328 24.82 35.63 4.24
CA VAL B 328 24.89 34.89 5.50
C VAL B 328 25.01 35.92 6.63
N GLY B 329 24.19 35.78 7.65
CA GLY B 329 24.24 36.73 8.75
C GLY B 329 23.95 36.11 10.09
N ILE B 330 24.25 36.84 11.16
CA ILE B 330 24.00 36.36 12.51
C ILE B 330 23.53 37.51 13.40
N ASN B 331 23.11 37.19 14.63
CA ASN B 331 22.63 38.22 15.56
C ASN B 331 23.62 38.43 16.69
N LYS B 332 23.72 39.68 17.17
CA LYS B 332 24.66 40.04 18.23
C LYS B 332 24.69 39.07 19.41
N GLN B 333 23.53 38.58 19.84
CA GLN B 333 23.49 37.64 20.96
C GLN B 333 22.59 36.44 20.72
N GLU B 334 23.02 35.55 19.82
CA GLU B 334 22.24 34.38 19.49
C GLU B 334 21.79 33.58 20.71
N PHE B 335 22.72 33.34 21.64
CA PHE B 335 22.41 32.55 22.84
C PHE B 335 22.09 33.45 24.04
N GLY B 336 21.60 34.65 23.77
CA GLY B 336 21.28 35.57 24.84
C GLY B 336 20.12 35.25 25.76
N TRP B 337 19.04 34.71 25.20
CA TRP B 337 17.87 34.41 26.03
C TRP B 337 17.00 33.27 25.52
N LEU B 338 16.31 33.54 24.41
CA LEU B 338 15.37 32.63 23.78
C LEU B 338 15.69 31.15 23.86
N ILE B 339 16.85 30.72 23.36
CA ILE B 339 17.20 29.30 23.40
C ILE B 339 17.52 28.76 24.81
N PRO B 340 18.46 29.40 25.52
CA PRO B 340 18.81 28.92 26.87
C PRO B 340 17.53 28.85 27.70
N MET B 341 16.58 29.71 27.34
CA MET B 341 15.30 29.76 28.01
C MET B 341 14.51 28.49 27.69
N LEU B 342 14.23 28.30 26.40
CA LEU B 342 13.47 27.15 25.92
C LEU B 342 14.09 25.81 26.26
N MET B 343 15.42 25.73 26.19
CA MET B 343 16.11 24.50 26.51
C MET B 343 16.21 24.28 28.00
N SER B 344 15.77 25.29 28.75
CA SER B 344 15.78 25.24 30.20
C SER B 344 17.19 25.23 30.77
N TYR B 345 17.91 26.34 30.59
CA TYR B 345 19.26 26.43 31.12
C TYR B 345 19.25 26.88 32.58
N PRO B 346 19.97 26.13 33.43
CA PRO B 346 20.17 26.28 34.87
C PRO B 346 20.56 27.66 35.36
N LEU B 347 20.93 28.54 34.44
CA LEU B 347 21.34 29.89 34.80
C LEU B 347 20.22 30.70 35.43
N SER B 348 19.77 30.30 36.62
CA SER B 348 18.70 31.00 37.33
C SER B 348 19.30 31.91 38.40
N GLU B 349 20.63 31.88 38.47
CA GLU B 349 21.38 32.69 39.42
C GLU B 349 21.82 33.97 38.74
N GLY B 350 21.88 33.93 37.42
CA GLY B 350 22.30 35.11 36.67
C GLY B 350 23.77 35.37 36.91
N GLN B 351 24.52 34.30 37.15
CA GLN B 351 25.96 34.39 37.40
C GLN B 351 26.61 33.01 37.31
N LEU B 352 27.90 32.99 36.98
CA LEU B 352 28.63 31.74 36.85
C LEU B 352 30.08 31.88 37.31
N ASP B 353 30.81 30.77 37.26
CA ASP B 353 32.21 30.76 37.67
C ASP B 353 32.95 29.62 36.99
N GLN B 354 34.20 29.87 36.63
CA GLN B 354 35.06 28.90 35.95
C GLN B 354 34.66 27.43 36.11
N LYS B 355 34.45 27.01 37.35
CA LYS B 355 34.06 25.62 37.63
C LYS B 355 32.71 25.28 37.04
N THR B 356 31.68 26.01 37.46
CA THR B 356 30.33 25.81 36.97
C THR B 356 30.32 25.87 35.45
N ALA B 357 30.99 26.88 34.90
CA ALA B 357 31.05 27.05 33.45
C ALA B 357 31.50 25.76 32.77
N MET B 358 32.75 25.37 33.03
CA MET B 358 33.31 24.15 32.44
C MET B 358 32.38 22.94 32.53
N SER B 359 31.54 22.90 33.56
CA SER B 359 30.62 21.78 33.69
C SER B 359 29.50 21.94 32.67
N LEU B 360 28.93 23.13 32.59
CA LEU B 360 27.87 23.39 31.62
C LEU B 360 28.38 23.11 30.21
N LEU B 361 29.44 23.80 29.83
CA LEU B 361 30.03 23.64 28.51
C LEU B 361 30.12 22.16 28.17
N TRP B 362 30.48 21.35 29.16
CA TRP B 362 30.59 19.92 28.95
C TRP B 362 29.19 19.34 28.70
N LYS B 363 28.25 19.58 29.61
CA LYS B 363 26.90 19.08 29.47
C LYS B 363 26.18 19.65 28.23
N SER B 364 26.81 20.63 27.60
CA SER B 364 26.28 21.26 26.40
C SER B 364 27.00 20.66 25.20
N TYR B 365 27.61 19.49 25.42
CA TYR B 365 28.35 18.82 24.37
C TYR B 365 27.56 18.67 23.07
N PRO B 366 26.31 18.18 23.16
CA PRO B 366 25.51 18.00 21.94
C PRO B 366 25.38 19.28 21.12
N LEU B 367 25.20 20.40 21.82
CA LEU B 367 25.05 21.69 21.17
C LEU B 367 26.33 22.27 20.54
N VAL B 368 27.46 22.12 21.22
CA VAL B 368 28.72 22.67 20.74
C VAL B 368 29.75 21.64 20.25
N CYS B 369 29.75 20.47 20.89
CA CYS B 369 30.67 19.38 20.54
C CYS B 369 32.13 19.64 20.92
N ILE B 370 32.35 20.12 22.14
CA ILE B 370 33.69 20.40 22.60
C ILE B 370 34.16 19.26 23.48
N ALA B 371 35.28 18.63 23.14
CA ALA B 371 35.82 17.52 23.91
C ALA B 371 36.10 17.92 25.35
N LYS B 372 35.88 16.99 26.29
CA LYS B 372 36.09 17.26 27.72
C LYS B 372 37.49 17.76 28.07
N GLU B 373 38.45 17.48 27.21
CA GLU B 373 39.83 17.91 27.44
C GLU B 373 40.03 19.38 27.08
N LEU B 374 39.42 19.81 25.98
CA LEU B 374 39.54 21.18 25.52
C LEU B 374 38.64 22.13 26.30
N ILE B 375 37.62 21.59 26.97
CA ILE B 375 36.70 22.43 27.74
C ILE B 375 37.44 23.48 28.55
N PRO B 376 38.44 23.06 29.35
CA PRO B 376 39.20 24.01 30.16
C PRO B 376 39.85 25.14 29.35
N GLU B 377 40.45 24.80 28.21
CA GLU B 377 41.11 25.82 27.39
C GLU B 377 40.13 26.82 26.78
N ALA B 378 38.90 26.37 26.52
CA ALA B 378 37.89 27.25 25.92
C ALA B 378 37.22 28.10 26.99
N THR B 379 36.83 27.47 28.10
CA THR B 379 36.18 28.16 29.19
C THR B 379 37.02 29.36 29.61
N GLU B 380 38.34 29.21 29.46
CA GLU B 380 39.29 30.24 29.83
C GLU B 380 39.36 31.39 28.80
N LYS B 381 39.71 31.07 27.56
CA LYS B 381 39.81 32.08 26.51
C LYS B 381 38.65 33.06 26.54
N TYR B 382 37.53 32.65 27.15
CA TYR B 382 36.36 33.51 27.23
C TYR B 382 36.07 34.09 28.60
N LEU B 383 36.11 33.25 29.63
CA LEU B 383 35.81 33.71 30.98
C LEU B 383 37.03 34.15 31.80
N GLY B 384 38.22 33.97 31.24
CA GLY B 384 39.45 34.34 31.93
C GLY B 384 39.64 35.81 32.30
N GLY B 385 38.84 36.69 31.69
CA GLY B 385 38.95 38.10 32.01
C GLY B 385 38.33 38.38 33.36
N THR B 386 37.56 39.47 33.45
CA THR B 386 36.91 39.86 34.69
C THR B 386 36.49 38.69 35.57
N ASP B 387 36.62 38.91 36.87
CA ASP B 387 36.29 37.92 37.88
C ASP B 387 34.81 38.05 38.20
N ASP B 388 34.20 39.05 37.58
CA ASP B 388 32.78 39.29 37.78
C ASP B 388 32.01 38.08 37.23
N THR B 389 31.32 37.39 38.13
CA THR B 389 30.56 36.20 37.76
C THR B 389 29.52 36.50 36.70
N VAL B 390 28.77 37.57 36.91
CA VAL B 390 27.72 37.98 35.98
C VAL B 390 28.32 38.25 34.59
N LYS B 391 29.60 38.65 34.55
CA LYS B 391 30.25 38.89 33.27
C LYS B 391 30.61 37.54 32.64
N LYS B 392 31.01 36.58 33.49
CA LYS B 392 31.38 35.24 33.04
C LYS B 392 30.19 34.59 32.35
N LYS B 393 29.01 34.81 32.90
CA LYS B 393 27.79 34.24 32.34
C LYS B 393 27.58 34.86 30.94
N ASP B 394 27.59 36.18 30.88
CA ASP B 394 27.40 36.87 29.62
C ASP B 394 28.42 36.37 28.63
N LEU B 395 29.65 36.17 29.12
CA LEU B 395 30.75 35.69 28.29
C LEU B 395 30.53 34.24 27.93
N PHE B 396 30.01 33.48 28.88
CA PHE B 396 29.72 32.06 28.68
C PHE B 396 28.74 31.94 27.52
N LEU B 397 27.68 32.76 27.56
CA LEU B 397 26.68 32.75 26.51
C LEU B 397 27.25 33.14 25.15
N ASP B 398 28.24 34.03 25.16
CA ASP B 398 28.84 34.43 23.91
C ASP B 398 29.62 33.24 23.39
N LEU B 399 30.26 32.54 24.33
CA LEU B 399 31.05 31.36 24.01
C LEU B 399 30.24 30.45 23.12
N ILE B 400 29.00 30.19 23.52
CA ILE B 400 28.13 29.29 22.77
C ILE B 400 27.66 29.89 21.44
N ALA B 401 27.11 31.10 21.49
CA ALA B 401 26.62 31.74 20.28
C ALA B 401 27.67 31.74 19.16
N ASP B 402 28.95 31.73 19.54
CA ASP B 402 30.01 31.73 18.54
C ASP B 402 30.26 30.36 17.92
N VAL B 403 30.25 29.32 18.74
CA VAL B 403 30.47 27.96 18.25
C VAL B 403 29.27 27.49 17.42
N MET B 404 28.06 27.85 17.84
CA MET B 404 26.85 27.45 17.12
C MET B 404 26.50 28.25 15.89
N PHE B 405 26.73 29.56 15.91
CA PHE B 405 26.38 30.36 14.75
C PHE B 405 27.50 31.26 14.31
N GLY B 406 28.14 31.90 15.29
CA GLY B 406 29.23 32.82 14.99
C GLY B 406 30.19 32.33 13.93
N VAL B 407 31.18 31.55 14.37
CA VAL B 407 32.20 31.00 13.50
C VAL B 407 31.63 30.26 12.28
N PRO B 408 30.73 29.28 12.51
CA PRO B 408 30.10 28.49 11.45
C PRO B 408 29.61 29.36 10.29
N SER B 409 28.90 30.42 10.63
CA SER B 409 28.36 31.33 9.63
C SER B 409 29.47 31.99 8.83
N VAL B 410 30.50 32.47 9.52
CA VAL B 410 31.62 33.14 8.87
C VAL B 410 32.44 32.21 7.98
N ILE B 411 32.64 30.97 8.45
CA ILE B 411 33.39 29.96 7.68
C ILE B 411 32.65 29.65 6.38
N VAL B 412 31.33 29.49 6.48
CA VAL B 412 30.50 29.20 5.31
C VAL B 412 30.59 30.35 4.33
N ALA B 413 30.61 31.57 4.85
CA ALA B 413 30.68 32.78 4.05
C ALA B 413 31.99 32.84 3.27
N ARG B 414 33.09 32.59 3.97
CA ARG B 414 34.40 32.63 3.35
C ARG B 414 34.52 31.63 2.21
N ASN B 415 34.20 30.36 2.47
CA ASN B 415 34.27 29.33 1.45
C ASN B 415 33.44 29.68 0.23
N HIS B 416 32.25 30.22 0.47
CA HIS B 416 31.37 30.61 -0.62
C HIS B 416 32.03 31.74 -1.42
N ARG B 417 32.71 32.62 -0.69
CA ARG B 417 33.43 33.75 -1.28
C ARG B 417 34.56 33.21 -2.14
N ASP B 418 35.38 32.33 -1.55
CA ASP B 418 36.52 31.73 -2.26
C ASP B 418 36.10 30.79 -3.38
N ALA B 419 34.80 30.58 -3.52
CA ALA B 419 34.29 29.72 -4.57
C ALA B 419 34.09 30.58 -5.80
N GLY B 420 34.07 31.89 -5.57
CA GLY B 420 33.89 32.85 -6.65
C GLY B 420 32.49 33.41 -6.77
N ALA B 421 31.69 33.20 -5.73
CA ALA B 421 30.31 33.66 -5.74
C ALA B 421 30.03 34.87 -4.86
N PRO B 422 29.18 35.79 -5.33
CA PRO B 422 28.80 37.02 -4.62
C PRO B 422 28.41 36.66 -3.19
N THR B 423 29.06 37.27 -2.21
CA THR B 423 28.74 36.93 -0.82
C THR B 423 28.61 38.16 0.05
N TYR B 424 27.63 38.14 0.94
CA TYR B 424 27.38 39.25 1.85
C TYR B 424 27.14 38.76 3.27
N MET B 425 27.67 39.49 4.24
CA MET B 425 27.46 39.12 5.64
C MET B 425 26.83 40.28 6.39
N TYR B 426 26.19 39.99 7.52
CA TYR B 426 25.54 41.04 8.32
C TYR B 426 25.45 40.62 9.79
N GLU B 427 25.44 41.61 10.68
CA GLU B 427 25.29 41.33 12.10
C GLU B 427 24.19 42.22 12.64
N PHE B 428 23.08 41.61 13.01
CA PHE B 428 21.92 42.32 13.53
C PHE B 428 22.08 42.50 15.03
N GLN B 429 22.03 43.76 15.47
CA GLN B 429 22.16 44.10 16.88
C GLN B 429 21.10 45.12 17.25
N TYR B 430 19.92 44.62 17.61
CA TYR B 430 18.81 45.46 17.98
C TYR B 430 17.86 44.65 18.86
N ARG B 431 17.14 45.31 19.75
CA ARG B 431 16.20 44.62 20.63
C ARG B 431 14.80 45.05 20.25
N PRO B 432 14.11 44.24 19.43
CA PRO B 432 12.75 44.59 19.02
C PRO B 432 11.81 44.89 20.19
N SER B 433 10.83 45.76 19.94
CA SER B 433 9.88 46.14 20.97
C SER B 433 8.86 45.03 21.14
N PHE B 434 8.97 44.03 20.29
CA PHE B 434 8.06 42.91 20.30
C PHE B 434 8.59 41.76 21.13
N SER B 435 9.78 41.94 21.71
CA SER B 435 10.40 40.91 22.52
C SER B 435 9.42 40.46 23.60
N SER B 436 9.77 39.39 24.31
CA SER B 436 8.92 38.91 25.37
C SER B 436 9.23 39.76 26.60
N ASP B 437 8.28 39.85 27.52
CA ASP B 437 8.51 40.63 28.73
C ASP B 437 9.63 39.92 29.46
N MET B 438 9.46 38.61 29.60
CA MET B 438 10.42 37.77 30.28
C MET B 438 11.83 37.94 29.76
N LYS B 439 11.97 38.58 28.59
CA LYS B 439 13.30 38.81 28.02
C LYS B 439 13.95 40.05 28.65
N PRO B 440 15.13 39.88 29.28
CA PRO B 440 15.80 41.04 29.90
C PRO B 440 16.14 42.13 28.87
N LYS B 441 15.85 43.39 29.25
CA LYS B 441 16.11 44.55 28.41
C LYS B 441 17.60 44.73 28.09
N THR B 442 18.45 43.95 28.75
CA THR B 442 19.88 44.01 28.53
C THR B 442 20.20 43.38 27.18
N VAL B 443 19.61 42.20 26.95
CA VAL B 443 19.79 41.42 25.73
C VAL B 443 19.37 42.13 24.46
N ILE B 444 20.25 42.10 23.47
CA ILE B 444 20.00 42.75 22.20
C ILE B 444 20.46 41.83 21.06
N GLY B 445 19.60 41.65 20.08
CA GLY B 445 19.97 40.79 18.96
C GLY B 445 19.92 39.34 19.39
N ASP B 446 18.89 38.96 20.13
CA ASP B 446 18.74 37.58 20.58
C ASP B 446 18.46 36.79 19.30
N HIS B 447 18.39 35.47 19.42
CA HIS B 447 18.14 34.59 18.29
C HIS B 447 16.78 34.97 17.67
N GLY B 448 16.73 35.08 16.35
CA GLY B 448 15.47 35.43 15.71
C GLY B 448 14.95 36.84 15.91
N ASP B 449 15.78 37.76 16.41
CA ASP B 449 15.35 39.14 16.60
C ASP B 449 15.21 39.93 15.30
N GLU B 450 15.93 39.52 14.27
CA GLU B 450 15.87 40.20 12.98
C GLU B 450 14.57 39.89 12.26
N LEU B 451 13.91 38.82 12.68
CA LEU B 451 12.66 38.41 12.05
C LEU B 451 11.65 39.52 11.98
N PHE B 452 11.48 40.25 13.09
CA PHE B 452 10.51 41.33 13.14
C PHE B 452 10.75 42.44 12.10
N SER B 453 12.01 42.74 11.81
CA SER B 453 12.32 43.77 10.83
C SER B 453 12.11 43.18 9.44
N VAL B 454 12.61 41.96 9.25
CA VAL B 454 12.50 41.27 7.97
C VAL B 454 11.07 41.05 7.49
N PHE B 455 10.15 40.76 8.40
CA PHE B 455 8.78 40.53 7.97
C PHE B 455 7.82 41.68 8.20
N GLY B 456 8.39 42.87 8.42
CA GLY B 456 7.58 44.06 8.63
C GLY B 456 6.63 44.05 9.81
N ALA B 457 7.00 43.36 10.88
CA ALA B 457 6.16 43.30 12.07
C ALA B 457 5.61 44.66 12.49
N PRO B 458 6.42 45.73 12.35
CA PRO B 458 5.97 47.07 12.73
C PRO B 458 4.74 47.55 11.98
N PHE B 459 4.49 46.98 10.79
CA PHE B 459 3.34 47.38 10.00
C PHE B 459 2.08 46.56 10.22
N LEU B 460 2.20 45.49 11.01
CA LEU B 460 1.06 44.61 11.30
C LEU B 460 0.80 44.58 12.80
N LYS B 461 1.86 44.75 13.59
CA LYS B 461 1.71 44.76 15.03
C LYS B 461 1.40 46.17 15.52
N GLU B 462 1.52 46.40 16.83
CA GLU B 462 1.24 47.72 17.38
C GLU B 462 2.36 48.22 18.30
N GLY B 463 2.53 49.54 18.36
CA GLY B 463 3.55 50.09 19.24
C GLY B 463 4.95 50.26 18.71
N ALA B 464 5.14 50.18 17.39
CA ALA B 464 6.47 50.33 16.83
C ALA B 464 6.92 51.80 16.85
N SER B 465 8.05 52.08 17.50
CA SER B 465 8.55 53.46 17.55
C SER B 465 8.83 53.87 16.10
N GLU B 466 8.98 55.18 15.85
CA GLU B 466 9.25 55.59 14.47
C GLU B 466 10.64 55.12 14.10
N GLU B 467 11.44 54.81 15.12
CA GLU B 467 12.80 54.33 14.90
C GLU B 467 12.80 52.92 14.37
N GLU B 468 11.91 52.09 14.93
CA GLU B 468 11.79 50.69 14.56
C GLU B 468 11.14 50.53 13.18
N ILE B 469 10.12 51.33 12.90
CA ILE B 469 9.42 51.28 11.62
C ILE B 469 10.39 51.48 10.48
N ARG B 470 11.37 52.35 10.72
CA ARG B 470 12.35 52.64 9.71
C ARG B 470 13.33 51.48 9.57
N LEU B 471 13.78 50.92 10.70
CA LEU B 471 14.72 49.80 10.65
C LEU B 471 14.14 48.72 9.74
N SER B 472 12.85 48.42 9.93
CA SER B 472 12.16 47.41 9.12
C SER B 472 12.06 47.79 7.65
N LYS B 473 11.71 49.05 7.39
CA LYS B 473 11.61 49.51 6.01
C LYS B 473 12.91 49.23 5.28
N MET B 474 14.02 49.52 5.96
CA MET B 474 15.38 49.35 5.45
C MET B 474 15.73 47.87 5.24
N VAL B 475 15.55 47.05 6.27
CA VAL B 475 15.87 45.63 6.15
C VAL B 475 15.17 44.99 4.95
N MET B 476 13.88 45.27 4.78
CA MET B 476 13.13 44.68 3.66
C MET B 476 13.63 45.18 2.31
N LYS B 477 13.94 46.48 2.21
CA LYS B 477 14.48 47.03 0.96
C LYS B 477 15.73 46.20 0.67
N PHE B 478 16.62 46.15 1.65
CA PHE B 478 17.87 45.39 1.54
C PHE B 478 17.61 43.96 1.05
N TRP B 479 16.85 43.19 1.84
CA TRP B 479 16.52 41.81 1.49
C TRP B 479 15.90 41.72 0.09
N ALA B 480 14.90 42.55 -0.16
CA ALA B 480 14.23 42.56 -1.45
C ALA B 480 15.18 42.86 -2.60
N ASN B 481 16.05 43.84 -2.42
CA ASN B 481 16.99 44.18 -3.48
C ASN B 481 17.85 42.98 -3.81
N PHE B 482 18.29 42.28 -2.77
CA PHE B 482 19.10 41.09 -2.95
C PHE B 482 18.32 40.12 -3.81
N ALA B 483 17.10 39.79 -3.36
CA ALA B 483 16.24 38.87 -4.07
C ALA B 483 16.13 39.27 -5.53
N ARG B 484 16.28 40.56 -5.79
CA ARG B 484 16.17 41.08 -7.14
C ARG B 484 17.45 40.99 -7.94
N ASN B 485 18.55 41.48 -7.37
CA ASN B 485 19.84 41.53 -8.07
C ASN B 485 21.03 40.78 -7.45
N GLY B 486 20.82 40.06 -6.37
CA GLY B 486 21.95 39.39 -5.77
C GLY B 486 22.93 40.42 -5.23
N ASN B 487 22.37 41.51 -4.68
CA ASN B 487 23.13 42.60 -4.10
C ASN B 487 22.14 43.47 -3.34
N PRO B 488 22.22 43.47 -2.00
CA PRO B 488 21.31 44.25 -1.15
C PRO B 488 21.25 45.74 -1.48
N ASN B 489 22.38 46.29 -1.88
CA ASN B 489 22.48 47.71 -2.18
C ASN B 489 21.43 48.31 -3.10
N GLY B 490 21.29 49.62 -2.97
CA GLY B 490 20.33 50.39 -3.75
C GLY B 490 20.41 51.81 -3.25
N GLU B 491 19.78 52.74 -3.94
CA GLU B 491 19.83 54.11 -3.47
C GLU B 491 18.88 54.27 -2.28
N GLY B 492 19.25 55.16 -1.36
CA GLY B 492 18.43 55.39 -0.18
C GLY B 492 18.75 54.46 0.96
N LEU B 493 19.76 53.61 0.76
CA LEU B 493 20.18 52.66 1.78
C LEU B 493 21.66 52.75 2.00
N PRO B 494 22.11 52.47 3.23
CA PRO B 494 23.54 52.52 3.53
C PRO B 494 24.27 51.63 2.54
N HIS B 495 25.59 51.67 2.56
CA HIS B 495 26.36 50.83 1.64
C HIS B 495 26.68 49.53 2.32
N TRP B 496 26.52 48.44 1.58
CA TRP B 496 26.80 47.12 2.12
C TRP B 496 27.97 46.55 1.34
N PRO B 497 29.17 46.56 1.93
CA PRO B 497 30.35 46.03 1.25
C PRO B 497 30.20 44.54 0.99
N GLU B 498 30.55 44.12 -0.21
CA GLU B 498 30.47 42.70 -0.52
C GLU B 498 31.45 42.01 0.42
N TYR B 499 31.22 40.74 0.68
CA TYR B 499 32.11 40.01 1.56
C TYR B 499 33.25 39.42 0.73
N ASN B 500 34.29 40.21 0.51
CA ASN B 500 35.43 39.74 -0.27
C ASN B 500 36.57 39.47 0.71
N GLN B 501 37.80 39.64 0.24
CA GLN B 501 38.99 39.41 1.06
C GLN B 501 39.10 40.38 2.23
N LYS B 502 38.60 41.60 2.07
CA LYS B 502 38.63 42.58 3.15
C LYS B 502 37.68 42.08 4.22
N GLU B 503 36.74 41.24 3.77
CA GLU B 503 35.74 40.66 4.64
C GLU B 503 34.87 41.74 5.27
N GLY B 504 34.28 42.56 4.41
CA GLY B 504 33.43 43.61 4.92
C GLY B 504 32.02 43.09 5.10
N TYR B 505 31.38 43.47 6.20
CA TYR B 505 30.02 43.05 6.47
C TYR B 505 29.21 44.25 6.87
N LEU B 506 27.98 44.03 7.29
CA LEU B 506 27.13 45.14 7.68
C LEU B 506 26.51 44.96 9.04
N GLN B 507 26.77 45.90 9.94
CA GLN B 507 26.17 45.86 11.26
C GLN B 507 24.83 46.55 11.05
N ILE B 508 23.75 45.92 11.49
CA ILE B 508 22.43 46.50 11.30
C ILE B 508 21.75 46.82 12.61
N GLY B 509 21.04 47.95 12.64
CA GLY B 509 20.35 48.36 13.84
C GLY B 509 20.24 49.87 13.97
N ALA B 510 20.03 50.36 15.19
CA ALA B 510 19.90 51.79 15.45
C ALA B 510 20.88 52.55 14.59
N ASN B 511 22.11 52.05 14.54
CA ASN B 511 23.19 52.64 13.75
C ASN B 511 23.65 51.60 12.74
N THR B 512 23.28 51.78 11.49
CA THR B 512 23.67 50.82 10.46
C THR B 512 24.87 51.30 9.65
N GLN B 513 26.04 50.71 9.91
CA GLN B 513 27.25 51.05 9.17
C GLN B 513 28.12 49.81 8.98
N ALA B 514 28.84 49.77 7.86
CA ALA B 514 29.71 48.64 7.56
C ALA B 514 30.86 48.47 8.54
N ALA B 515 31.53 47.31 8.45
CA ALA B 515 32.66 46.97 9.29
C ALA B 515 33.44 45.87 8.59
N GLN B 516 34.38 45.26 9.30
CA GLN B 516 35.19 44.19 8.70
C GLN B 516 35.54 43.02 9.60
N LYS B 517 35.97 41.93 8.96
CA LYS B 517 36.39 40.70 9.63
C LYS B 517 35.53 40.32 10.83
N LEU B 518 34.28 39.99 10.56
CA LEU B 518 33.33 39.58 11.58
C LEU B 518 33.81 38.33 12.32
N LYS B 519 33.84 38.40 13.65
CA LYS B 519 34.27 37.26 14.48
C LYS B 519 35.64 36.70 14.09
N ASP B 520 36.33 37.38 13.17
CA ASP B 520 37.63 36.92 12.69
C ASP B 520 38.55 36.31 13.75
N LYS B 521 38.62 36.97 14.91
CA LYS B 521 39.46 36.49 16.00
C LYS B 521 38.97 35.14 16.54
N GLU B 522 37.64 35.00 16.63
CA GLU B 522 37.03 33.76 17.13
C GLU B 522 37.16 32.61 16.12
N VAL B 523 36.91 32.88 14.84
CA VAL B 523 37.02 31.85 13.82
C VAL B 523 38.40 31.21 13.98
N ALA B 524 39.42 32.06 14.01
CA ALA B 524 40.81 31.63 14.18
C ALA B 524 41.06 30.81 15.44
N PHE B 525 40.54 31.27 16.57
CA PHE B 525 40.75 30.55 17.84
C PHE B 525 40.16 29.15 17.84
N TRP B 526 38.85 29.06 17.60
CA TRP B 526 38.15 27.77 17.59
C TRP B 526 38.66 26.82 16.52
N THR B 527 39.08 27.36 15.38
CA THR B 527 39.59 26.53 14.32
C THR B 527 40.74 25.65 14.80
N ASN B 528 41.64 26.22 15.59
CA ASN B 528 42.79 25.48 16.09
C ASN B 528 42.37 24.60 17.26
N LEU B 529 41.65 25.18 18.22
CA LEU B 529 41.21 24.41 19.37
C LEU B 529 40.61 23.09 18.91
N PHE B 530 39.77 23.15 17.88
CA PHE B 530 39.13 21.97 17.34
C PHE B 530 40.11 21.08 16.58
N ALA B 531 41.17 21.68 16.06
CA ALA B 531 42.21 20.94 15.34
C ALA B 531 42.97 20.19 16.43
N LYS B 532 42.55 20.45 17.67
CA LYS B 532 43.12 19.87 18.87
C LYS B 532 44.52 20.42 19.11
N SER C 1 -25.65 -32.45 -19.52
CA SER C 1 -24.61 -32.45 -20.54
C SER C 1 -23.22 -32.21 -19.96
N SER C 2 -22.56 -31.15 -20.41
CA SER C 2 -21.20 -30.83 -19.94
C SER C 2 -21.00 -29.36 -19.58
N PRO C 3 -20.53 -29.07 -18.35
CA PRO C 3 -20.30 -27.71 -17.89
C PRO C 3 -19.75 -26.80 -18.99
N PRO C 4 -20.30 -25.58 -19.11
CA PRO C 4 -19.87 -24.61 -20.11
C PRO C 4 -18.55 -23.99 -19.67
N VAL C 5 -17.62 -23.78 -20.61
CA VAL C 5 -16.34 -23.18 -20.27
C VAL C 5 -15.97 -22.06 -21.24
N VAL C 6 -16.42 -20.86 -20.95
CA VAL C 6 -16.14 -19.71 -21.82
C VAL C 6 -14.74 -19.19 -21.58
N ASP C 7 -14.21 -18.49 -22.57
CA ASP C 7 -12.87 -17.94 -22.48
C ASP C 7 -12.93 -16.41 -22.50
N THR C 8 -12.65 -15.79 -21.36
CA THR C 8 -12.67 -14.33 -21.26
C THR C 8 -11.24 -13.81 -21.36
N VAL C 9 -11.11 -12.50 -21.27
CA VAL C 9 -9.81 -11.84 -21.35
C VAL C 9 -8.85 -12.22 -20.25
N HIS C 10 -9.36 -12.27 -19.02
CA HIS C 10 -8.53 -12.61 -17.87
C HIS C 10 -8.43 -14.10 -17.61
N GLY C 11 -8.97 -14.90 -18.52
CA GLY C 11 -8.89 -16.33 -18.36
C GLY C 11 -10.20 -17.08 -18.54
N LYS C 12 -10.14 -18.41 -18.49
CA LYS C 12 -11.31 -19.25 -18.66
C LYS C 12 -12.22 -19.26 -17.45
N VAL C 13 -13.52 -19.28 -17.70
CA VAL C 13 -14.55 -19.31 -16.66
C VAL C 13 -15.48 -20.49 -16.93
N LEU C 14 -15.75 -21.26 -15.87
CA LEU C 14 -16.63 -22.45 -15.94
C LEU C 14 -18.00 -22.15 -15.30
N GLY C 15 -19.08 -22.50 -16.00
CA GLY C 15 -20.41 -22.26 -15.46
C GLY C 15 -21.24 -23.52 -15.25
N LYS C 16 -22.56 -23.39 -15.36
CA LYS C 16 -23.47 -24.53 -15.21
C LYS C 16 -24.73 -24.37 -16.08
N PHE C 17 -25.11 -25.46 -16.76
CA PHE C 17 -26.28 -25.47 -17.63
C PHE C 17 -27.57 -25.67 -16.84
N VAL C 18 -28.57 -24.86 -17.13
CA VAL C 18 -29.85 -24.95 -16.47
C VAL C 18 -30.98 -24.85 -17.50
N SER C 19 -31.94 -25.77 -17.42
CA SER C 19 -33.06 -25.78 -18.35
C SER C 19 -34.30 -25.22 -17.73
N LEU C 20 -35.06 -24.48 -18.54
CA LEU C 20 -36.30 -23.89 -18.07
C LEU C 20 -37.45 -24.69 -18.64
N GLU C 21 -38.55 -24.72 -17.89
CA GLU C 21 -39.75 -25.46 -18.29
C GLU C 21 -40.08 -25.22 -19.76
N GLY C 22 -40.20 -26.31 -20.52
CA GLY C 22 -40.54 -26.21 -21.93
C GLY C 22 -39.59 -25.47 -22.85
N PHE C 23 -38.29 -25.56 -22.58
CA PHE C 23 -37.28 -24.90 -23.40
C PHE C 23 -36.15 -25.88 -23.72
N ALA C 24 -35.98 -26.18 -25.00
CA ALA C 24 -34.96 -27.12 -25.45
C ALA C 24 -33.57 -26.68 -25.02
N GLN C 25 -33.09 -25.59 -25.62
CA GLN C 25 -31.76 -25.05 -25.32
C GLN C 25 -31.57 -24.68 -23.84
N PRO C 26 -30.59 -25.32 -23.19
CA PRO C 26 -30.38 -24.99 -21.77
C PRO C 26 -29.68 -23.64 -21.70
N VAL C 27 -29.90 -22.91 -20.61
CA VAL C 27 -29.27 -21.60 -20.46
C VAL C 27 -27.96 -21.75 -19.69
N ALA C 28 -26.92 -21.11 -20.21
CA ALA C 28 -25.61 -21.13 -19.56
C ALA C 28 -25.63 -20.06 -18.48
N ILE C 29 -25.27 -20.46 -17.26
CA ILE C 29 -25.26 -19.57 -16.11
C ILE C 29 -23.90 -19.53 -15.38
N PHE C 30 -23.34 -18.33 -15.30
CA PHE C 30 -22.07 -18.15 -14.63
C PHE C 30 -22.29 -17.22 -13.47
N LEU C 31 -22.04 -17.72 -12.26
CA LEU C 31 -22.24 -16.91 -11.09
C LEU C 31 -20.93 -16.47 -10.44
N GLY C 32 -20.76 -15.16 -10.31
CA GLY C 32 -19.57 -14.65 -9.65
C GLY C 32 -18.35 -14.39 -10.49
N ILE C 33 -18.53 -13.77 -11.65
CA ILE C 33 -17.39 -13.44 -12.48
C ILE C 33 -16.90 -12.08 -11.98
N PRO C 34 -15.60 -11.97 -11.64
CA PRO C 34 -15.04 -10.71 -11.16
C PRO C 34 -14.79 -9.78 -12.33
N PHE C 35 -15.26 -8.55 -12.20
CA PHE C 35 -15.06 -7.57 -13.25
C PHE C 35 -14.06 -6.50 -12.82
N ALA C 36 -13.55 -6.65 -11.61
CA ALA C 36 -12.57 -5.70 -11.09
C ALA C 36 -11.81 -6.34 -9.94
N LYS C 37 -10.77 -5.63 -9.50
CA LYS C 37 -9.93 -6.09 -8.40
C LYS C 37 -10.67 -5.74 -7.11
N PRO C 38 -10.70 -6.67 -6.14
CA PRO C 38 -11.39 -6.39 -4.89
C PRO C 38 -10.95 -5.02 -4.37
N PRO C 39 -11.91 -4.15 -3.98
CA PRO C 39 -11.56 -2.82 -3.48
C PRO C 39 -11.18 -2.82 -2.00
N LEU C 40 -10.32 -3.76 -1.61
CA LEU C 40 -9.88 -3.87 -0.23
C LEU C 40 -8.62 -3.02 0.06
N GLY C 41 -8.33 -2.88 1.35
CA GLY C 41 -7.15 -2.12 1.77
C GLY C 41 -7.09 -0.71 1.22
N PRO C 42 -5.96 -0.33 0.62
CA PRO C 42 -5.81 1.02 0.07
C PRO C 42 -6.73 1.31 -1.11
N LEU C 43 -7.31 0.27 -1.71
CA LEU C 43 -8.20 0.49 -2.84
C LEU C 43 -9.59 0.99 -2.42
N ARG C 44 -9.83 1.05 -1.11
CA ARG C 44 -11.12 1.53 -0.64
C ARG C 44 -11.20 3.00 -0.94
N PHE C 45 -12.37 3.46 -1.34
CA PHE C 45 -12.55 4.88 -1.67
C PHE C 45 -11.67 5.32 -2.84
N THR C 46 -11.45 4.42 -3.81
CA THR C 46 -10.67 4.76 -5.00
C THR C 46 -11.39 4.09 -6.15
N PRO C 47 -11.13 4.53 -7.38
CA PRO C 47 -11.83 3.89 -8.48
C PRO C 47 -11.49 2.41 -8.56
N PRO C 48 -12.38 1.61 -9.19
CA PRO C 48 -12.12 0.18 -9.29
C PRO C 48 -11.05 -0.06 -10.33
N GLN C 49 -10.20 -1.06 -10.09
CA GLN C 49 -9.15 -1.40 -11.02
C GLN C 49 -9.42 -2.72 -11.72
N PRO C 50 -8.73 -2.93 -12.86
CA PRO C 50 -8.87 -4.16 -13.65
C PRO C 50 -8.54 -5.37 -12.81
N ALA C 51 -9.31 -6.43 -12.97
CA ALA C 51 -9.10 -7.65 -12.22
C ALA C 51 -7.85 -8.42 -12.64
N GLU C 52 -7.22 -9.06 -11.67
CA GLU C 52 -6.03 -9.85 -11.95
C GLU C 52 -6.44 -11.07 -12.77
N PRO C 53 -5.67 -11.36 -13.84
CA PRO C 53 -5.94 -12.51 -14.72
C PRO C 53 -5.56 -13.81 -14.01
N TRP C 54 -6.44 -14.81 -14.13
CA TRP C 54 -6.22 -16.10 -13.47
C TRP C 54 -5.56 -17.13 -14.38
N SER C 55 -4.98 -18.16 -13.78
CA SER C 55 -4.26 -19.18 -14.52
C SER C 55 -4.96 -20.40 -15.07
N PHE C 56 -5.88 -21.01 -14.35
CA PHE C 56 -6.50 -22.18 -14.95
C PHE C 56 -7.94 -21.93 -15.29
N VAL C 57 -8.85 -22.68 -14.70
CA VAL C 57 -10.26 -22.46 -15.00
C VAL C 57 -10.99 -22.04 -13.73
N LYS C 58 -11.44 -20.79 -13.71
CA LYS C 58 -12.16 -20.27 -12.57
C LYS C 58 -13.59 -20.80 -12.63
N ASN C 59 -14.06 -21.32 -11.49
CA ASN C 59 -15.39 -21.88 -11.36
C ASN C 59 -16.45 -20.84 -10.97
N ALA C 60 -17.07 -20.20 -11.95
CA ALA C 60 -18.10 -19.21 -11.64
C ALA C 60 -19.40 -19.94 -11.29
N THR C 61 -19.39 -20.64 -10.16
CA THR C 61 -20.54 -21.43 -9.75
C THR C 61 -21.10 -21.21 -8.36
N SER C 62 -20.88 -20.02 -7.79
CA SER C 62 -21.40 -19.73 -6.46
C SER C 62 -21.81 -18.29 -6.45
N TYR C 63 -22.90 -17.98 -5.74
CA TYR C 63 -23.37 -16.61 -5.68
C TYR C 63 -22.36 -15.78 -4.90
N PRO C 64 -21.83 -14.74 -5.55
CA PRO C 64 -20.84 -13.83 -4.98
C PRO C 64 -21.42 -13.13 -3.76
N PRO C 65 -20.55 -12.57 -2.90
CA PRO C 65 -21.10 -11.90 -1.72
C PRO C 65 -21.76 -10.59 -2.13
N MET C 66 -22.60 -10.03 -1.28
CA MET C 66 -23.19 -8.74 -1.61
C MET C 66 -22.37 -7.71 -0.85
N CYS C 67 -22.16 -6.53 -1.44
CA CYS C 67 -21.33 -5.53 -0.76
C CYS C 67 -21.80 -5.26 0.66
N THR C 68 -20.89 -4.85 1.52
CA THR C 68 -21.26 -4.60 2.91
C THR C 68 -22.41 -3.62 2.96
N GLN C 69 -23.42 -4.00 3.74
CA GLN C 69 -24.64 -3.22 3.91
C GLN C 69 -25.32 -3.83 5.13
N ASP C 70 -26.22 -3.08 5.78
CA ASP C 70 -26.94 -3.59 6.95
C ASP C 70 -27.54 -4.89 6.50
N PRO C 71 -27.08 -6.01 7.10
CA PRO C 71 -27.50 -7.40 6.83
C PRO C 71 -28.99 -7.74 6.93
N LYS C 72 -29.74 -7.00 7.76
CA LYS C 72 -31.19 -7.22 7.91
C LYS C 72 -31.92 -6.56 6.73
N ALA C 73 -31.73 -5.25 6.59
CA ALA C 73 -32.37 -4.52 5.51
C ALA C 73 -32.04 -5.20 4.20
N GLY C 74 -30.79 -5.64 4.08
CA GLY C 74 -30.35 -6.31 2.88
C GLY C 74 -31.06 -7.60 2.57
N GLN C 75 -31.10 -8.51 3.55
CA GLN C 75 -31.77 -9.78 3.33
C GLN C 75 -33.26 -9.57 3.10
N LEU C 76 -33.84 -8.62 3.82
CA LEU C 76 -35.26 -8.33 3.67
C LEU C 76 -35.60 -7.91 2.25
N LEU C 77 -34.94 -6.88 1.74
CA LEU C 77 -35.20 -6.41 0.39
C LEU C 77 -34.98 -7.53 -0.63
N SER C 78 -34.04 -8.42 -0.35
CA SER C 78 -33.75 -9.53 -1.25
C SER C 78 -34.97 -10.45 -1.40
N GLU C 79 -35.69 -10.66 -0.31
CA GLU C 79 -36.87 -11.52 -0.32
C GLU C 79 -38.07 -10.87 -1.00
N LEU C 80 -38.35 -9.61 -0.65
CA LEU C 80 -39.46 -8.88 -1.23
C LEU C 80 -39.34 -8.60 -2.72
N PHE C 81 -38.14 -8.72 -3.29
CA PHE C 81 -37.94 -8.44 -4.71
C PHE C 81 -37.55 -9.66 -5.54
N THR C 82 -36.93 -10.64 -4.90
CA THR C 82 -36.49 -11.83 -5.63
C THR C 82 -37.59 -12.41 -6.49
N ASN C 83 -37.23 -12.77 -7.72
CA ASN C 83 -38.18 -13.33 -8.67
C ASN C 83 -38.12 -14.84 -8.71
N ARG C 84 -37.29 -15.42 -7.84
CA ARG C 84 -37.15 -16.87 -7.83
C ARG C 84 -37.90 -17.53 -6.69
N LYS C 85 -37.98 -18.85 -6.74
CA LYS C 85 -38.68 -19.67 -5.75
C LYS C 85 -38.18 -19.43 -4.34
N GLU C 86 -36.95 -19.86 -4.08
CA GLU C 86 -36.32 -19.74 -2.78
C GLU C 86 -35.43 -18.52 -2.71
N ASN C 87 -35.50 -17.79 -1.61
CA ASN C 87 -34.63 -16.64 -1.47
C ASN C 87 -33.30 -17.21 -1.04
N ILE C 88 -32.25 -16.83 -1.75
CA ILE C 88 -30.92 -17.30 -1.44
C ILE C 88 -30.29 -16.41 -0.39
N PRO C 89 -29.88 -17.00 0.74
CA PRO C 89 -29.25 -16.24 1.81
C PRO C 89 -27.88 -15.80 1.30
N LEU C 90 -27.56 -14.53 1.47
CA LEU C 90 -26.29 -14.04 1.00
C LEU C 90 -25.29 -13.71 2.11
N LYS C 91 -24.05 -13.52 1.68
CA LYS C 91 -22.93 -13.22 2.56
C LYS C 91 -22.49 -11.76 2.30
N LEU C 92 -21.82 -11.16 3.28
CA LEU C 92 -21.34 -9.80 3.14
C LEU C 92 -19.83 -9.73 2.96
N SER C 93 -19.38 -8.80 2.14
CA SER C 93 -17.94 -8.62 1.94
C SER C 93 -17.63 -7.40 1.11
N GLU C 94 -16.48 -6.78 1.40
CA GLU C 94 -16.04 -5.61 0.64
C GLU C 94 -15.71 -6.18 -0.73
N ASP C 95 -15.35 -7.46 -0.75
CA ASP C 95 -15.04 -8.13 -2.00
C ASP C 95 -16.37 -8.50 -2.63
N CYS C 96 -16.89 -7.58 -3.45
CA CYS C 96 -18.20 -7.76 -4.09
C CYS C 96 -18.33 -7.28 -5.53
N LEU C 97 -17.24 -6.84 -6.15
CA LEU C 97 -17.35 -6.39 -7.52
C LEU C 97 -17.39 -7.60 -8.44
N TYR C 98 -18.56 -8.22 -8.49
CA TYR C 98 -18.82 -9.38 -9.33
C TYR C 98 -20.11 -9.19 -10.11
N LEU C 99 -20.28 -9.98 -11.16
CA LEU C 99 -21.50 -9.92 -11.97
C LEU C 99 -21.90 -11.34 -12.35
N ASN C 100 -23.20 -11.55 -12.56
CA ASN C 100 -23.71 -12.87 -12.94
C ASN C 100 -24.21 -12.78 -14.37
N ILE C 101 -23.97 -13.84 -15.15
CA ILE C 101 -24.41 -13.85 -16.54
C ILE C 101 -25.37 -15.00 -16.83
N TYR C 102 -26.42 -14.71 -17.60
CA TYR C 102 -27.41 -15.70 -17.99
C TYR C 102 -27.53 -15.65 -19.50
N THR C 103 -26.90 -16.60 -20.18
CA THR C 103 -26.91 -16.59 -21.62
C THR C 103 -27.67 -17.75 -22.23
N PRO C 104 -28.70 -17.46 -23.04
CA PRO C 104 -29.51 -18.49 -23.70
C PRO C 104 -28.88 -19.00 -24.98
N ALA C 105 -27.77 -18.41 -25.37
CA ALA C 105 -27.08 -18.79 -26.61
C ALA C 105 -26.39 -20.15 -26.57
N ASP C 106 -26.30 -20.78 -27.73
CA ASP C 106 -25.64 -22.07 -27.84
C ASP C 106 -24.18 -21.72 -28.08
N LEU C 107 -23.44 -21.62 -26.97
CA LEU C 107 -22.04 -21.23 -26.98
C LEU C 107 -21.14 -22.02 -27.92
N THR C 108 -21.61 -23.16 -28.42
CA THR C 108 -20.78 -23.95 -29.33
C THR C 108 -20.71 -23.31 -30.69
N LYS C 109 -21.39 -22.18 -30.86
CA LYS C 109 -21.41 -21.49 -32.14
C LYS C 109 -21.38 -20.01 -31.85
N LYS C 110 -21.12 -19.19 -32.86
CA LYS C 110 -21.11 -17.74 -32.70
C LYS C 110 -22.53 -17.25 -32.46
N ASN C 111 -22.68 -16.27 -31.60
CA ASN C 111 -23.99 -15.70 -31.31
C ASN C 111 -23.77 -14.26 -30.83
N ARG C 112 -24.62 -13.34 -31.30
CA ARG C 112 -24.51 -11.94 -30.88
C ARG C 112 -25.88 -11.38 -30.44
N LEU C 113 -26.46 -12.06 -29.46
CA LEU C 113 -27.76 -11.71 -28.88
C LEU C 113 -27.65 -10.40 -28.11
N PRO C 114 -28.71 -9.59 -28.16
CA PRO C 114 -28.67 -8.32 -27.43
C PRO C 114 -28.40 -8.57 -25.95
N VAL C 115 -27.59 -7.71 -25.34
CA VAL C 115 -27.24 -7.84 -23.93
C VAL C 115 -28.06 -6.88 -23.08
N MET C 116 -28.49 -7.35 -21.92
CA MET C 116 -29.26 -6.52 -20.98
C MET C 116 -28.58 -6.56 -19.60
N VAL C 117 -28.02 -5.42 -19.20
CA VAL C 117 -27.31 -5.29 -17.93
C VAL C 117 -28.21 -4.67 -16.88
N TRP C 118 -28.49 -5.43 -15.82
CA TRP C 118 -29.36 -4.99 -14.74
C TRP C 118 -28.64 -4.45 -13.51
N ILE C 119 -28.95 -3.20 -13.18
CA ILE C 119 -28.37 -2.52 -12.02
C ILE C 119 -29.39 -2.50 -10.90
N HIS C 120 -29.29 -3.45 -9.98
CA HIS C 120 -30.25 -3.52 -8.87
C HIS C 120 -30.36 -2.19 -8.14
N GLY C 121 -31.41 -2.08 -7.33
CA GLY C 121 -31.64 -0.87 -6.55
C GLY C 121 -31.50 -1.13 -5.06
N GLY C 122 -31.86 -0.15 -4.26
CA GLY C 122 -31.76 -0.31 -2.83
C GLY C 122 -31.17 0.95 -2.24
N GLY C 123 -31.66 2.09 -2.71
CA GLY C 123 -31.20 3.38 -2.23
C GLY C 123 -29.70 3.58 -2.20
N LEU C 124 -28.97 2.75 -2.94
CA LEU C 124 -27.53 2.89 -2.97
C LEU C 124 -26.93 2.50 -1.63
N MET C 125 -27.80 2.08 -0.71
CA MET C 125 -27.34 1.66 0.60
C MET C 125 -27.33 0.15 0.77
N VAL C 126 -28.25 -0.52 0.07
CA VAL C 126 -28.39 -1.96 0.16
C VAL C 126 -28.80 -2.58 -1.18
N GLY C 127 -28.73 -3.90 -1.27
CA GLY C 127 -29.09 -4.58 -2.49
C GLY C 127 -28.05 -5.55 -2.98
N ALA C 128 -28.39 -6.33 -4.00
CA ALA C 128 -27.47 -7.32 -4.54
C ALA C 128 -27.93 -7.80 -5.89
N ALA C 129 -26.98 -8.18 -6.73
CA ALA C 129 -27.29 -8.67 -8.06
C ALA C 129 -27.86 -10.08 -8.06
N SER C 130 -27.42 -10.90 -7.11
CA SER C 130 -27.90 -12.27 -7.04
C SER C 130 -29.41 -12.38 -6.78
N THR C 131 -30.00 -11.33 -6.21
CA THR C 131 -31.43 -11.32 -5.95
C THR C 131 -32.24 -11.58 -7.23
N TYR C 132 -31.83 -10.95 -8.33
CA TYR C 132 -32.54 -11.06 -9.62
C TYR C 132 -32.02 -12.20 -10.50
N ASP C 133 -32.89 -13.17 -10.79
CA ASP C 133 -32.54 -14.33 -11.61
C ASP C 133 -32.86 -14.02 -13.07
N GLY C 134 -31.91 -14.26 -13.97
CA GLY C 134 -32.13 -13.96 -15.38
C GLY C 134 -32.56 -15.13 -16.26
N LEU C 135 -32.60 -16.32 -15.67
CA LEU C 135 -33.00 -17.51 -16.41
C LEU C 135 -34.18 -17.22 -17.32
N ALA C 136 -35.32 -16.90 -16.74
CA ALA C 136 -36.53 -16.61 -17.51
C ALA C 136 -36.33 -15.60 -18.65
N LEU C 137 -36.14 -14.32 -18.32
CA LEU C 137 -35.96 -13.30 -19.35
C LEU C 137 -35.02 -13.84 -20.42
N ALA C 138 -33.86 -14.34 -20.01
CA ALA C 138 -32.90 -14.86 -20.98
C ALA C 138 -33.54 -15.94 -21.88
N ALA C 139 -34.26 -16.88 -21.29
CA ALA C 139 -34.90 -17.96 -22.06
C ALA C 139 -36.02 -17.45 -22.98
N HIS C 140 -37.00 -16.78 -22.38
CA HIS C 140 -38.16 -16.25 -23.10
C HIS C 140 -37.93 -15.22 -24.20
N GLU C 141 -37.02 -14.28 -24.06
CA GLU C 141 -36.83 -13.30 -25.11
C GLU C 141 -35.52 -13.43 -25.89
N ASN C 142 -34.72 -14.41 -25.48
CA ASN C 142 -33.43 -14.68 -26.13
C ASN C 142 -32.48 -13.50 -26.13
N VAL C 143 -32.09 -13.10 -24.91
CA VAL C 143 -31.17 -11.99 -24.68
C VAL C 143 -30.26 -12.42 -23.55
N VAL C 144 -29.01 -12.00 -23.61
CA VAL C 144 -28.06 -12.32 -22.54
C VAL C 144 -28.33 -11.36 -21.39
N VAL C 145 -28.64 -11.90 -20.22
CA VAL C 145 -28.93 -11.08 -19.05
C VAL C 145 -27.76 -11.07 -18.11
N VAL C 146 -27.28 -9.86 -17.82
CA VAL C 146 -26.15 -9.71 -16.93
C VAL C 146 -26.53 -8.89 -15.71
N THR C 147 -26.28 -9.44 -14.52
CA THR C 147 -26.58 -8.71 -13.28
C THR C 147 -25.30 -8.25 -12.59
N ILE C 148 -25.17 -6.94 -12.41
CA ILE C 148 -23.98 -6.39 -11.80
C ILE C 148 -24.14 -5.89 -10.37
N GLN C 149 -23.02 -5.86 -9.65
CA GLN C 149 -23.02 -5.37 -8.29
C GLN C 149 -22.08 -4.18 -8.23
N TYR C 150 -22.25 -3.32 -7.23
CA TYR C 150 -21.41 -2.14 -7.12
C TYR C 150 -21.36 -1.70 -5.68
N ARG C 151 -20.25 -1.09 -5.28
CA ARG C 151 -20.10 -0.64 -3.92
C ARG C 151 -21.25 0.25 -3.49
N LEU C 152 -21.75 -0.04 -2.29
CA LEU C 152 -22.89 0.67 -1.70
C LEU C 152 -22.52 1.40 -0.41
N GLY C 153 -23.47 2.20 0.08
CA GLY C 153 -23.26 2.94 1.31
C GLY C 153 -21.94 3.67 1.35
N ILE C 154 -21.31 3.70 2.52
CA ILE C 154 -20.04 4.39 2.72
C ILE C 154 -19.00 3.94 1.71
N TRP C 155 -18.86 2.63 1.56
CA TRP C 155 -17.89 2.04 0.65
C TRP C 155 -17.98 2.56 -0.77
N GLY C 156 -19.20 2.78 -1.26
CA GLY C 156 -19.37 3.24 -2.62
C GLY C 156 -19.73 4.69 -2.88
N PHE C 157 -19.98 5.48 -1.84
CA PHE C 157 -20.35 6.88 -2.07
C PHE C 157 -19.82 7.92 -1.10
N PHE C 158 -18.89 7.49 -0.24
CA PHE C 158 -18.30 8.42 0.71
C PHE C 158 -17.57 9.49 -0.05
N SER C 159 -17.93 10.75 0.18
CA SER C 159 -17.29 11.86 -0.51
C SER C 159 -16.84 13.00 0.41
N THR C 160 -15.62 13.48 0.22
CA THR C 160 -15.13 14.58 1.03
C THR C 160 -15.31 15.90 0.30
N GLY C 161 -15.80 15.83 -0.93
CA GLY C 161 -15.99 17.04 -1.69
C GLY C 161 -14.75 17.47 -2.45
N ASP C 162 -13.61 16.88 -2.15
CA ASP C 162 -12.39 17.24 -2.85
C ASP C 162 -11.68 16.04 -3.46
N GLU C 163 -10.51 16.29 -4.05
CA GLU C 163 -9.75 15.25 -4.70
C GLU C 163 -9.27 14.10 -3.82
N HIS C 164 -9.34 14.27 -2.50
CA HIS C 164 -8.90 13.22 -1.58
C HIS C 164 -9.87 12.06 -1.48
N SER C 165 -11.08 12.27 -2.01
CA SER C 165 -12.13 11.26 -2.03
C SER C 165 -13.36 11.87 -2.69
N ARG C 166 -13.29 11.97 -4.02
CA ARG C 166 -14.35 12.55 -4.83
C ARG C 166 -15.72 11.94 -4.57
N GLY C 167 -15.80 10.61 -4.69
CA GLY C 167 -17.06 9.94 -4.49
C GLY C 167 -17.56 9.26 -5.76
N ASN C 168 -18.74 8.67 -5.67
CA ASN C 168 -19.35 7.98 -6.79
C ASN C 168 -18.59 6.69 -7.11
N TRP C 169 -17.90 6.16 -6.10
CA TRP C 169 -17.16 4.93 -6.28
C TRP C 169 -18.10 3.90 -6.91
N GLY C 170 -19.30 3.82 -6.36
CA GLY C 170 -20.31 2.88 -6.85
C GLY C 170 -20.60 3.02 -8.33
N HIS C 171 -20.88 4.25 -8.78
CA HIS C 171 -21.17 4.48 -10.19
C HIS C 171 -19.97 4.12 -11.05
N LEU C 172 -18.77 4.40 -10.55
CA LEU C 172 -17.55 4.06 -11.26
C LEU C 172 -17.48 2.53 -11.40
N ASP C 173 -17.86 1.83 -10.33
CA ASP C 173 -17.88 0.36 -10.32
C ASP C 173 -18.82 -0.10 -11.41
N GLN C 174 -19.94 0.62 -11.51
CA GLN C 174 -20.95 0.33 -12.52
C GLN C 174 -20.27 0.49 -13.88
N VAL C 175 -19.74 1.68 -14.16
CA VAL C 175 -19.07 1.94 -15.43
C VAL C 175 -18.03 0.86 -15.70
N ALA C 176 -17.33 0.44 -14.66
CA ALA C 176 -16.33 -0.61 -14.79
C ALA C 176 -16.97 -1.86 -15.40
N ALA C 177 -18.06 -2.34 -14.79
CA ALA C 177 -18.75 -3.53 -15.28
C ALA C 177 -19.16 -3.45 -16.75
N LEU C 178 -19.54 -2.26 -17.20
CA LEU C 178 -19.94 -2.07 -18.59
C LEU C 178 -18.74 -2.21 -19.51
N ARG C 179 -17.57 -1.77 -19.04
CA ARG C 179 -16.37 -1.89 -19.86
C ARG C 179 -16.07 -3.39 -19.95
N TRP C 180 -16.33 -4.12 -18.87
CA TRP C 180 -16.07 -5.54 -18.89
C TRP C 180 -16.96 -6.20 -19.93
N VAL C 181 -18.19 -5.73 -20.02
CA VAL C 181 -19.17 -6.25 -20.97
C VAL C 181 -18.66 -6.06 -22.40
N GLN C 182 -18.24 -4.84 -22.72
CA GLN C 182 -17.71 -4.55 -24.05
C GLN C 182 -16.58 -5.49 -24.45
N ASP C 183 -15.67 -5.75 -23.51
CA ASP C 183 -14.52 -6.58 -23.78
C ASP C 183 -14.66 -8.07 -23.54
N ASN C 184 -15.86 -8.56 -23.23
CA ASN C 184 -15.99 -10.00 -22.96
C ASN C 184 -17.28 -10.68 -23.38
N ILE C 185 -18.39 -9.97 -23.21
CA ILE C 185 -19.70 -10.51 -23.47
C ILE C 185 -19.81 -11.33 -24.74
N ALA C 186 -19.02 -10.99 -25.75
CA ALA C 186 -19.05 -11.72 -27.01
C ALA C 186 -18.80 -13.20 -26.81
N SER C 187 -18.01 -13.55 -25.80
CA SER C 187 -17.70 -14.95 -25.52
C SER C 187 -18.85 -15.69 -24.83
N PHE C 188 -19.96 -15.01 -24.63
CA PHE C 188 -21.14 -15.61 -24.02
C PHE C 188 -22.32 -15.42 -24.97
N GLY C 189 -22.01 -15.38 -26.27
CA GLY C 189 -23.03 -15.24 -27.29
C GLY C 189 -23.83 -13.95 -27.26
N GLY C 190 -23.19 -12.85 -26.86
CA GLY C 190 -23.89 -11.58 -26.79
C GLY C 190 -23.24 -10.52 -27.66
N ASN C 191 -24.05 -9.60 -28.18
CA ASN C 191 -23.53 -8.56 -29.06
C ASN C 191 -23.05 -7.30 -28.34
N PRO C 192 -21.73 -7.18 -28.13
CA PRO C 192 -21.18 -6.02 -27.45
C PRO C 192 -21.59 -4.73 -28.15
N GLY C 193 -22.17 -4.86 -29.34
CA GLY C 193 -22.57 -3.69 -30.08
C GLY C 193 -23.99 -3.27 -29.80
N SER C 194 -24.70 -4.12 -29.03
CA SER C 194 -26.10 -3.87 -28.68
C SER C 194 -26.34 -4.12 -27.18
N VAL C 195 -25.76 -3.26 -26.33
CA VAL C 195 -25.94 -3.40 -24.89
C VAL C 195 -27.04 -2.46 -24.41
N THR C 196 -27.89 -2.95 -23.54
CA THR C 196 -29.00 -2.16 -23.00
C THR C 196 -28.95 -2.24 -21.48
N ILE C 197 -28.86 -1.08 -20.83
CA ILE C 197 -28.81 -1.08 -19.37
C ILE C 197 -30.19 -0.72 -18.86
N PHE C 198 -30.59 -1.32 -17.75
CA PHE C 198 -31.89 -1.05 -17.15
C PHE C 198 -31.82 -1.31 -15.65
N GLY C 199 -32.35 -0.39 -14.86
CA GLY C 199 -32.30 -0.55 -13.42
C GLY C 199 -33.57 -0.04 -12.77
N GLU C 200 -33.77 -0.43 -11.53
CA GLU C 200 -34.95 -0.04 -10.78
C GLU C 200 -34.58 0.80 -9.55
N SER C 201 -35.31 1.89 -9.33
CA SER C 201 -35.08 2.77 -8.19
C SER C 201 -33.66 3.34 -8.24
N ALA C 202 -32.87 3.15 -7.18
CA ALA C 202 -31.50 3.65 -7.18
C ALA C 202 -30.79 3.11 -8.42
N GLY C 203 -31.23 1.94 -8.88
CA GLY C 203 -30.66 1.32 -10.06
C GLY C 203 -31.10 2.13 -11.26
N GLY C 204 -32.37 2.53 -11.25
CA GLY C 204 -32.88 3.33 -12.35
C GLY C 204 -32.20 4.68 -12.42
N GLU C 205 -31.94 5.29 -11.26
CA GLU C 205 -31.27 6.57 -11.19
C GLU C 205 -29.87 6.44 -11.76
N SER C 206 -29.21 5.35 -11.40
CA SER C 206 -27.87 5.06 -11.89
C SER C 206 -27.90 5.11 -13.41
N VAL C 207 -28.87 4.41 -13.99
CA VAL C 207 -29.01 4.38 -15.43
C VAL C 207 -29.18 5.80 -15.97
N SER C 208 -30.02 6.60 -15.32
CA SER C 208 -30.24 7.98 -15.74
C SER C 208 -28.96 8.81 -15.63
N VAL C 209 -28.12 8.47 -14.66
CA VAL C 209 -26.85 9.16 -14.43
C VAL C 209 -25.83 8.80 -15.50
N LEU C 210 -25.73 7.51 -15.79
CA LEU C 210 -24.82 7.02 -16.82
C LEU C 210 -25.13 7.70 -18.15
N VAL C 211 -26.43 7.85 -18.45
CA VAL C 211 -26.87 8.51 -19.67
C VAL C 211 -26.33 9.96 -19.72
N LEU C 212 -26.15 10.56 -18.54
CA LEU C 212 -25.65 11.92 -18.43
C LEU C 212 -24.12 11.97 -18.39
N SER C 213 -23.52 10.92 -17.85
CA SER C 213 -22.06 10.84 -17.71
C SER C 213 -21.24 10.71 -18.99
N PRO C 214 -20.09 11.38 -19.05
CA PRO C 214 -19.17 11.36 -20.19
C PRO C 214 -18.44 10.03 -20.23
N LEU C 215 -18.13 9.51 -19.05
CA LEU C 215 -17.42 8.23 -18.95
C LEU C 215 -18.21 7.08 -19.53
N ALA C 216 -19.51 7.08 -19.31
CA ALA C 216 -20.38 6.01 -19.79
C ALA C 216 -20.59 5.98 -21.30
N LYS C 217 -20.18 7.04 -21.98
CA LYS C 217 -20.31 7.12 -23.44
C LYS C 217 -19.81 5.85 -24.14
N ASN C 218 -20.64 5.30 -25.03
CA ASN C 218 -20.28 4.12 -25.82
C ASN C 218 -20.26 2.78 -25.08
N LEU C 219 -20.79 2.74 -23.87
CA LEU C 219 -20.80 1.49 -23.13
C LEU C 219 -22.14 0.79 -23.16
N PHE C 220 -23.14 1.51 -23.68
CA PHE C 220 -24.49 0.97 -23.81
C PHE C 220 -25.14 1.65 -24.99
N HIS C 221 -26.20 1.05 -25.52
CA HIS C 221 -26.86 1.62 -26.68
C HIS C 221 -28.35 1.90 -26.51
N ARG C 222 -28.90 1.53 -25.36
CA ARG C 222 -30.31 1.74 -25.03
C ARG C 222 -30.44 1.70 -23.50
N ALA C 223 -31.19 2.65 -22.93
CA ALA C 223 -31.35 2.72 -21.47
C ALA C 223 -32.80 2.63 -21.02
N ILE C 224 -32.99 2.07 -19.82
CA ILE C 224 -34.31 1.89 -19.23
C ILE C 224 -34.31 2.14 -17.74
N SER C 225 -34.95 3.24 -17.32
CA SER C 225 -35.04 3.61 -15.91
C SER C 225 -36.43 3.31 -15.36
N GLU C 226 -36.49 2.40 -14.39
CA GLU C 226 -37.74 2.00 -13.75
C GLU C 226 -37.82 2.57 -12.33
N SER C 227 -38.84 3.39 -12.07
CA SER C 227 -39.05 3.97 -10.74
C SER C 227 -37.80 4.65 -10.18
N GLY C 228 -37.25 5.59 -10.94
CA GLY C 228 -36.06 6.30 -10.48
C GLY C 228 -35.20 6.91 -11.57
N VAL C 229 -34.92 8.21 -11.43
CA VAL C 229 -34.07 8.92 -12.39
C VAL C 229 -33.10 9.86 -11.67
N ALA C 230 -32.28 10.57 -12.45
CA ALA C 230 -31.31 11.46 -11.86
C ALA C 230 -31.90 12.68 -11.22
N LEU C 231 -33.21 12.85 -11.30
CA LEU C 231 -33.82 14.03 -10.66
C LEU C 231 -34.53 13.68 -9.35
N THR C 232 -34.38 12.42 -8.92
CA THR C 232 -34.97 11.93 -7.68
C THR C 232 -34.11 12.42 -6.51
N SER C 233 -34.17 13.72 -6.25
CA SER C 233 -33.40 14.37 -5.19
C SER C 233 -32.79 13.56 -4.05
N VAL C 234 -33.59 12.70 -3.41
CA VAL C 234 -33.09 11.91 -2.29
C VAL C 234 -31.82 11.15 -2.58
N LEU C 235 -31.60 10.79 -3.84
CA LEU C 235 -30.40 10.04 -4.21
C LEU C 235 -29.20 10.87 -4.64
N VAL C 236 -29.41 12.16 -4.91
CA VAL C 236 -28.33 13.04 -5.33
C VAL C 236 -28.11 14.18 -4.34
N LYS C 237 -26.88 14.28 -3.82
CA LYS C 237 -26.51 15.31 -2.87
C LYS C 237 -25.92 16.49 -3.59
N LYS C 238 -26.62 17.61 -3.56
CA LYS C 238 -26.12 18.82 -4.18
C LYS C 238 -25.84 19.75 -2.99
N GLY C 239 -24.65 20.34 -2.98
CA GLY C 239 -24.26 21.22 -1.89
C GLY C 239 -22.97 20.75 -1.23
N ASP C 240 -22.48 21.49 -0.25
CA ASP C 240 -21.24 21.10 0.42
C ASP C 240 -21.44 19.79 1.17
N VAL C 241 -20.79 18.74 0.68
CA VAL C 241 -20.89 17.41 1.29
C VAL C 241 -19.88 17.22 2.41
N LYS C 242 -18.95 18.15 2.53
CA LYS C 242 -17.93 18.05 3.56
C LYS C 242 -18.51 17.75 4.93
N PRO C 243 -19.58 18.46 5.35
CA PRO C 243 -20.23 18.26 6.65
C PRO C 243 -20.60 16.81 6.96
N LEU C 244 -21.20 16.12 5.97
CA LEU C 244 -21.62 14.73 6.13
C LEU C 244 -20.38 13.85 6.27
N ALA C 245 -19.39 14.12 5.45
CA ALA C 245 -18.16 13.36 5.48
C ALA C 245 -17.65 13.42 6.91
N GLU C 246 -17.57 14.64 7.43
CA GLU C 246 -17.11 14.88 8.78
C GLU C 246 -17.94 14.19 9.85
N GLN C 247 -19.24 14.11 9.65
CA GLN C 247 -20.09 13.44 10.63
C GLN C 247 -19.72 11.97 10.66
N ILE C 248 -19.70 11.38 9.48
CA ILE C 248 -19.35 9.98 9.33
C ILE C 248 -17.99 9.72 9.96
N ALA C 249 -17.00 10.53 9.60
CA ALA C 249 -15.65 10.39 10.14
C ALA C 249 -15.67 10.35 11.66
N ILE C 250 -16.42 11.27 12.25
CA ILE C 250 -16.54 11.36 13.71
C ILE C 250 -17.21 10.14 14.31
N THR C 251 -18.28 9.70 13.68
CA THR C 251 -19.03 8.54 14.14
C THR C 251 -18.15 7.29 14.15
N ALA C 252 -17.23 7.22 13.20
CA ALA C 252 -16.32 6.09 13.08
C ALA C 252 -15.14 6.24 14.02
N GLY C 253 -15.04 7.39 14.68
CA GLY C 253 -13.95 7.64 15.61
C GLY C 253 -12.69 8.20 14.96
N CYS C 254 -12.89 9.11 14.03
CA CYS C 254 -11.77 9.70 13.32
C CYS C 254 -11.56 11.19 13.54
N LYS C 255 -10.32 11.61 13.34
CA LYS C 255 -9.96 13.01 13.46
C LYS C 255 -10.54 13.62 12.19
N THR C 256 -10.83 14.92 12.21
CA THR C 256 -11.37 15.55 11.00
C THR C 256 -10.49 16.73 10.62
N THR C 257 -9.23 16.68 11.03
CA THR C 257 -8.27 17.75 10.76
C THR C 257 -8.29 18.24 9.33
N THR C 258 -8.29 17.32 8.38
CA THR C 258 -8.33 17.66 6.95
C THR C 258 -9.03 16.55 6.17
N SER C 259 -9.26 16.75 4.87
CA SER C 259 -9.90 15.71 4.08
C SER C 259 -9.00 14.49 4.06
N ALA C 260 -7.78 14.67 3.57
CA ALA C 260 -6.80 13.59 3.48
C ALA C 260 -6.67 12.78 4.78
N VAL C 261 -6.85 13.45 5.91
CA VAL C 261 -6.75 12.79 7.20
C VAL C 261 -7.94 11.87 7.43
N MET C 262 -9.13 12.37 7.10
CA MET C 262 -10.36 11.61 7.26
C MET C 262 -10.35 10.35 6.38
N VAL C 263 -10.07 10.53 5.08
CA VAL C 263 -10.02 9.40 4.17
C VAL C 263 -9.06 8.35 4.70
N HIS C 264 -7.84 8.77 5.04
CA HIS C 264 -6.82 7.87 5.55
C HIS C 264 -7.35 7.10 6.75
N CYS C 265 -7.71 7.85 7.79
CA CYS C 265 -8.24 7.29 9.02
C CYS C 265 -9.26 6.20 8.72
N LEU C 266 -10.19 6.50 7.83
CA LEU C 266 -11.23 5.55 7.45
C LEU C 266 -10.70 4.31 6.74
N ARG C 267 -9.67 4.47 5.89
CA ARG C 267 -9.09 3.32 5.19
C ARG C 267 -8.54 2.31 6.18
N GLN C 268 -8.15 2.81 7.36
CA GLN C 268 -7.59 1.97 8.43
C GLN C 268 -8.67 1.17 9.16
N LYS C 269 -9.91 1.64 9.14
CA LYS C 269 -11.00 0.93 9.81
C LYS C 269 -11.33 -0.42 9.16
N THR C 270 -11.76 -1.39 9.98
CA THR C 270 -12.13 -2.70 9.48
C THR C 270 -13.53 -2.59 8.91
N GLU C 271 -13.87 -3.50 8.01
CA GLU C 271 -15.18 -3.50 7.41
C GLU C 271 -16.25 -3.44 8.51
N GLU C 272 -16.15 -4.31 9.52
CA GLU C 272 -17.13 -4.32 10.60
C GLU C 272 -17.20 -2.99 11.30
N GLU C 273 -16.04 -2.38 11.53
CA GLU C 273 -16.01 -1.09 12.17
C GLU C 273 -16.85 -0.12 11.34
N LEU C 274 -16.73 -0.20 10.02
CA LEU C 274 -17.52 0.66 9.13
C LEU C 274 -18.99 0.23 9.02
N LEU C 275 -19.25 -1.07 9.05
CA LEU C 275 -20.62 -1.53 8.99
C LEU C 275 -21.31 -1.06 10.26
N GLU C 276 -20.54 -1.00 11.34
CA GLU C 276 -21.05 -0.57 12.65
C GLU C 276 -21.39 0.90 12.65
N THR C 277 -20.59 1.67 11.94
CA THR C 277 -20.81 3.09 11.86
C THR C 277 -22.06 3.31 11.05
N THR C 278 -22.22 2.53 9.98
CA THR C 278 -23.40 2.68 9.16
C THR C 278 -24.62 2.60 10.06
N LEU C 279 -24.75 1.48 10.76
CA LEU C 279 -25.88 1.29 11.64
C LEU C 279 -26.06 2.49 12.56
N LYS C 280 -24.96 3.00 13.11
CA LYS C 280 -25.04 4.16 14.00
C LYS C 280 -25.56 5.41 13.30
N MET C 281 -25.20 5.57 12.03
CA MET C 281 -25.61 6.72 11.24
C MET C 281 -27.12 6.72 11.03
N LYS C 282 -27.73 5.58 11.32
CA LYS C 282 -29.16 5.44 11.18
C LYS C 282 -29.74 5.91 9.85
N PHE C 283 -29.22 5.36 8.76
CA PHE C 283 -29.74 5.71 7.46
C PHE C 283 -31.06 4.98 7.28
N LEU C 284 -31.54 4.97 6.05
CA LEU C 284 -32.75 4.27 5.68
C LEU C 284 -33.99 4.37 6.58
N SER C 285 -33.99 5.26 7.55
CA SER C 285 -35.18 5.40 8.38
C SER C 285 -35.51 6.85 8.60
N LEU C 286 -36.81 7.14 8.69
CA LEU C 286 -37.29 8.50 8.87
C LEU C 286 -37.08 9.06 10.26
N ASP C 287 -36.27 10.11 10.35
CA ASP C 287 -35.98 10.76 11.62
C ASP C 287 -37.15 11.68 11.95
N LEU C 288 -37.88 11.37 13.03
CA LEU C 288 -39.04 12.17 13.40
C LEU C 288 -38.75 13.25 14.44
N GLN C 289 -37.54 13.20 15.00
CA GLN C 289 -37.15 14.17 16.00
C GLN C 289 -35.79 14.78 15.69
N GLY C 290 -35.82 15.98 15.14
CA GLY C 290 -34.61 16.68 14.77
C GLY C 290 -34.91 17.54 13.56
N ASP C 291 -34.03 18.47 13.23
CA ASP C 291 -34.24 19.34 12.09
C ASP C 291 -34.28 18.46 10.83
N PRO C 292 -35.39 18.48 10.09
CA PRO C 292 -35.54 17.69 8.87
C PRO C 292 -34.52 18.02 7.80
N ARG C 293 -33.87 19.17 7.94
CA ARG C 293 -32.87 19.63 6.98
C ARG C 293 -31.47 19.09 7.26
N GLU C 294 -31.29 18.44 8.40
CA GLU C 294 -29.99 17.89 8.75
C GLU C 294 -29.99 16.37 8.55
N SER C 295 -31.16 15.76 8.74
CA SER C 295 -31.28 14.33 8.57
C SER C 295 -30.77 13.89 7.20
N GLN C 296 -29.85 12.93 7.22
CA GLN C 296 -29.27 12.40 6.00
C GLN C 296 -29.69 10.94 5.81
N PRO C 297 -30.66 10.66 4.93
CA PRO C 297 -31.24 9.35 4.60
C PRO C 297 -30.30 8.34 3.96
N LEU C 298 -29.24 8.84 3.33
CA LEU C 298 -28.31 7.95 2.66
C LEU C 298 -27.06 8.66 2.13
N LEU C 299 -26.17 7.89 1.52
CA LEU C 299 -24.95 8.44 0.94
C LEU C 299 -25.12 8.24 -0.55
N GLY C 300 -25.52 9.30 -1.25
CA GLY C 300 -25.76 9.15 -2.66
C GLY C 300 -24.77 9.72 -3.63
N THR C 301 -25.26 9.95 -4.85
CA THR C 301 -24.46 10.50 -5.93
C THR C 301 -24.04 11.92 -5.58
N VAL C 302 -22.98 12.39 -6.22
CA VAL C 302 -22.49 13.75 -5.99
C VAL C 302 -21.91 14.23 -7.30
N ILE C 303 -21.67 15.54 -7.42
CA ILE C 303 -21.09 16.08 -8.64
C ILE C 303 -19.56 16.04 -8.47
N ASP C 304 -18.98 14.87 -8.68
CA ASP C 304 -17.54 14.69 -8.48
C ASP C 304 -16.56 15.39 -9.39
N GLY C 305 -16.87 15.50 -10.68
CA GLY C 305 -15.95 16.14 -11.60
C GLY C 305 -15.32 15.12 -12.54
N MET C 306 -15.69 13.87 -12.37
CA MET C 306 -15.19 12.80 -13.23
C MET C 306 -16.39 12.12 -13.86
N LEU C 307 -17.31 11.64 -13.02
CA LEU C 307 -18.50 10.97 -13.53
C LEU C 307 -19.56 11.99 -13.93
N LEU C 308 -19.79 12.98 -13.06
CA LEU C 308 -20.77 14.04 -13.31
C LEU C 308 -20.11 15.41 -13.22
N LEU C 309 -19.97 16.08 -14.37
CA LEU C 309 -19.33 17.39 -14.43
C LEU C 309 -20.21 18.52 -13.87
N LYS C 310 -21.48 18.23 -13.65
CA LYS C 310 -22.40 19.20 -13.07
C LYS C 310 -23.74 18.56 -12.76
N THR C 311 -24.55 19.28 -11.99
CA THR C 311 -25.85 18.81 -11.54
C THR C 311 -26.66 18.25 -12.69
N PRO C 312 -27.32 17.11 -12.48
CA PRO C 312 -28.11 16.52 -13.57
C PRO C 312 -28.93 17.57 -14.29
N GLU C 313 -29.56 18.44 -13.52
CA GLU C 313 -30.40 19.50 -14.06
C GLU C 313 -29.67 20.34 -15.09
N GLU C 314 -28.54 20.93 -14.72
CA GLU C 314 -27.79 21.73 -15.68
C GLU C 314 -27.46 20.88 -16.91
N LEU C 315 -26.91 19.69 -16.67
CA LEU C 315 -26.51 18.78 -17.76
C LEU C 315 -27.54 18.54 -18.86
N GLN C 316 -28.74 18.14 -18.47
CA GLN C 316 -29.79 17.86 -19.44
C GLN C 316 -30.18 19.12 -20.18
N ALA C 317 -29.70 20.28 -19.72
CA ALA C 317 -30.01 21.53 -20.39
C ALA C 317 -29.43 21.40 -21.79
N GLU C 318 -28.13 21.14 -21.88
CA GLU C 318 -27.51 20.98 -23.18
C GLU C 318 -27.66 19.56 -23.65
N ARG C 319 -28.39 19.42 -24.75
CA ARG C 319 -28.63 18.12 -25.34
C ARG C 319 -27.30 17.55 -25.87
N ASN C 320 -26.24 18.35 -25.79
CA ASN C 320 -24.93 17.92 -26.28
C ASN C 320 -24.25 16.90 -25.36
N PHE C 321 -24.70 15.65 -25.47
CA PHE C 321 -24.16 14.54 -24.72
C PHE C 321 -24.59 13.30 -25.50
N HIS C 322 -24.41 12.12 -24.94
CA HIS C 322 -24.80 10.92 -25.66
C HIS C 322 -26.29 10.60 -25.45
N THR C 323 -27.04 10.72 -26.53
CA THR C 323 -28.48 10.48 -26.53
C THR C 323 -28.81 9.13 -27.15
N VAL C 324 -29.54 8.30 -26.43
CA VAL C 324 -29.92 6.98 -26.92
C VAL C 324 -31.37 6.65 -26.61
N PRO C 325 -31.92 5.60 -27.26
CA PRO C 325 -33.32 5.26 -26.97
C PRO C 325 -33.41 5.02 -25.47
N TYR C 326 -34.26 5.81 -24.83
CA TYR C 326 -34.41 5.77 -23.37
C TYR C 326 -35.87 5.54 -22.95
N MET C 327 -36.13 4.46 -22.21
CA MET C 327 -37.48 4.18 -21.71
C MET C 327 -37.54 4.54 -20.22
N VAL C 328 -38.39 5.50 -19.89
CA VAL C 328 -38.55 5.96 -18.51
C VAL C 328 -39.97 5.67 -18.01
N GLY C 329 -40.08 4.88 -16.95
CA GLY C 329 -41.40 4.55 -16.45
C GLY C 329 -41.52 4.70 -14.95
N ILE C 330 -42.75 4.63 -14.45
CA ILE C 330 -43.03 4.74 -13.02
C ILE C 330 -44.22 3.85 -12.68
N ASN C 331 -44.45 3.60 -11.40
CA ASN C 331 -45.58 2.77 -11.01
C ASN C 331 -46.68 3.63 -10.44
N LYS C 332 -47.92 3.15 -10.58
CA LYS C 332 -49.11 3.86 -10.12
C LYS C 332 -49.04 4.37 -8.67
N GLN C 333 -48.47 3.58 -7.77
CA GLN C 333 -48.35 3.96 -6.36
C GLN C 333 -46.98 3.72 -5.76
N GLU C 334 -46.00 4.51 -6.17
CA GLU C 334 -44.64 4.36 -5.69
C GLU C 334 -44.51 4.37 -4.16
N PHE C 335 -45.20 5.29 -3.52
CA PHE C 335 -45.12 5.40 -2.07
C PHE C 335 -46.30 4.70 -1.38
N GLY C 336 -46.90 3.75 -2.08
CA GLY C 336 -48.05 3.04 -1.54
C GLY C 336 -47.87 2.18 -0.30
N TRP C 337 -46.71 1.57 -0.15
CA TRP C 337 -46.47 0.70 1.00
C TRP C 337 -45.00 0.44 1.27
N LEU C 338 -44.42 -0.40 0.45
CA LEU C 338 -43.03 -0.82 0.57
C LEU C 338 -42.03 0.20 1.11
N ILE C 339 -42.14 1.46 0.70
CA ILE C 339 -41.18 2.42 1.20
C ILE C 339 -41.60 3.10 2.51
N PRO C 340 -42.83 3.63 2.59
CA PRO C 340 -43.28 4.28 3.83
C PRO C 340 -43.26 3.27 4.95
N MET C 341 -43.13 2.01 4.55
CA MET C 341 -43.10 0.90 5.48
C MET C 341 -41.68 0.63 5.95
N LEU C 342 -40.75 0.50 5.00
CA LEU C 342 -39.37 0.20 5.36
C LEU C 342 -38.72 1.32 6.14
N MET C 343 -39.21 2.54 5.91
CA MET C 343 -38.66 3.70 6.58
C MET C 343 -39.30 3.97 7.93
N SER C 344 -40.46 3.35 8.15
CA SER C 344 -41.18 3.50 9.41
C SER C 344 -41.87 4.85 9.53
N TYR C 345 -42.95 4.99 8.76
CA TYR C 345 -43.76 6.18 8.74
C TYR C 345 -44.88 6.05 9.75
N PRO C 346 -45.21 7.15 10.44
CA PRO C 346 -46.27 7.19 11.46
C PRO C 346 -47.64 7.06 10.80
N LEU C 347 -47.92 5.93 10.20
CA LEU C 347 -49.19 5.73 9.53
C LEU C 347 -49.86 4.44 9.95
N SER C 348 -49.84 4.17 11.24
CA SER C 348 -50.46 2.95 11.75
C SER C 348 -51.96 3.22 11.88
N GLU C 349 -52.31 4.51 11.95
CA GLU C 349 -53.71 4.90 12.10
C GLU C 349 -54.44 4.70 10.79
N GLY C 350 -53.70 4.76 9.69
CA GLY C 350 -54.31 4.57 8.39
C GLY C 350 -55.19 5.74 8.02
N GLN C 351 -54.88 6.90 8.56
CA GLN C 351 -55.64 8.12 8.28
C GLN C 351 -54.81 9.34 8.64
N LEU C 352 -55.13 10.48 8.04
CA LEU C 352 -54.38 11.68 8.30
C LEU C 352 -55.25 12.92 8.23
N ASP C 353 -54.67 14.06 8.58
CA ASP C 353 -55.38 15.33 8.57
C ASP C 353 -54.42 16.48 8.23
N GLN C 354 -54.95 17.50 7.58
CA GLN C 354 -54.16 18.66 7.20
C GLN C 354 -52.98 18.96 8.11
N LYS C 355 -53.24 19.05 9.41
CA LYS C 355 -52.19 19.35 10.38
C LYS C 355 -51.10 18.28 10.41
N THR C 356 -51.50 17.03 10.68
CA THR C 356 -50.54 15.94 10.74
C THR C 356 -49.79 15.82 9.43
N ALA C 357 -50.49 16.02 8.33
CA ALA C 357 -49.89 15.95 7.00
C ALA C 357 -48.73 16.92 6.91
N MET C 358 -49.04 18.21 6.94
CA MET C 358 -48.01 19.25 6.85
C MET C 358 -46.82 18.99 7.74
N SER C 359 -47.04 18.37 8.89
CA SER C 359 -45.94 18.08 9.79
C SER C 359 -45.08 16.99 9.20
N LEU C 360 -45.74 15.93 8.73
CA LEU C 360 -45.05 14.80 8.11
C LEU C 360 -44.25 15.26 6.90
N LEU C 361 -44.94 15.93 5.99
CA LEU C 361 -44.31 16.44 4.77
C LEU C 361 -43.04 17.22 5.11
N TRP C 362 -43.07 17.92 6.23
CA TRP C 362 -41.92 18.68 6.66
C TRP C 362 -40.83 17.72 7.13
N LYS C 363 -41.19 16.80 8.02
CA LYS C 363 -40.22 15.83 8.51
C LYS C 363 -39.70 14.94 7.39
N SER C 364 -40.38 15.00 6.26
CA SER C 364 -40.00 14.22 5.08
C SER C 364 -39.14 15.07 4.17
N TYR C 365 -38.62 16.17 4.72
CA TYR C 365 -37.81 17.08 3.93
C TYR C 365 -36.69 16.43 3.13
N PRO C 366 -35.93 15.52 3.75
CA PRO C 366 -34.83 14.86 3.05
C PRO C 366 -35.24 14.10 1.79
N LEU C 367 -36.47 13.58 1.81
CA LEU C 367 -37.00 12.82 0.69
C LEU C 367 -37.59 13.67 -0.43
N VAL C 368 -38.28 14.75 -0.07
CA VAL C 368 -38.93 15.61 -1.06
C VAL C 368 -38.37 17.01 -1.18
N CYS C 369 -37.67 17.48 -0.16
CA CYS C 369 -37.07 18.80 -0.17
C CYS C 369 -38.04 19.95 -0.41
N ILE C 370 -39.13 20.01 0.35
CA ILE C 370 -40.09 21.09 0.19
C ILE C 370 -39.88 22.06 1.35
N ALA C 371 -39.70 23.34 1.05
CA ALA C 371 -39.47 24.34 2.09
C ALA C 371 -40.64 24.43 3.05
N LYS C 372 -40.34 24.64 4.33
CA LYS C 372 -41.38 24.72 5.35
C LYS C 372 -42.47 25.72 5.00
N GLU C 373 -42.12 26.71 4.20
CA GLU C 373 -43.09 27.74 3.80
C GLU C 373 -44.08 27.21 2.77
N LEU C 374 -43.59 26.47 1.80
CA LEU C 374 -44.43 25.94 0.75
C LEU C 374 -45.20 24.69 1.18
N ILE C 375 -44.83 24.12 2.32
CA ILE C 375 -45.51 22.92 2.81
C ILE C 375 -47.03 23.12 2.77
N PRO C 376 -47.53 24.22 3.35
CA PRO C 376 -48.97 24.52 3.39
C PRO C 376 -49.66 24.52 2.04
N GLU C 377 -49.02 25.14 1.05
CA GLU C 377 -49.60 25.22 -0.28
C GLU C 377 -49.64 23.87 -1.00
N ALA C 378 -48.69 22.99 -0.68
CA ALA C 378 -48.63 21.68 -1.31
C ALA C 378 -49.61 20.71 -0.65
N THR C 379 -49.60 20.69 0.67
CA THR C 379 -50.49 19.82 1.45
C THR C 379 -51.92 20.06 1.05
N GLU C 380 -52.19 21.29 0.62
CA GLU C 380 -53.52 21.69 0.21
C GLU C 380 -53.87 21.20 -1.19
N LYS C 381 -53.08 21.58 -2.19
CA LYS C 381 -53.35 21.16 -3.56
C LYS C 381 -53.66 19.67 -3.68
N TYR C 382 -53.24 18.89 -2.69
CA TYR C 382 -53.48 17.45 -2.72
C TYR C 382 -54.53 16.95 -1.72
N LEU C 383 -54.49 17.47 -0.50
CA LEU C 383 -55.41 17.03 0.55
C LEU C 383 -56.65 17.92 0.74
N GLY C 384 -56.67 19.06 0.07
CA GLY C 384 -57.80 19.98 0.19
C GLY C 384 -59.14 19.46 -0.31
N GLY C 385 -59.15 18.31 -0.98
CA GLY C 385 -60.39 17.74 -1.46
C GLY C 385 -61.12 17.07 -0.31
N THR C 386 -61.71 15.90 -0.55
CA THR C 386 -62.46 15.18 0.49
C THR C 386 -61.90 15.41 1.90
N ASP C 387 -62.81 15.45 2.87
CA ASP C 387 -62.44 15.67 4.27
C ASP C 387 -62.12 14.33 4.89
N ASP C 388 -62.37 13.28 4.12
CA ASP C 388 -62.10 11.91 4.54
C ASP C 388 -60.63 11.75 4.86
N THR C 389 -60.32 11.54 6.13
CA THR C 389 -58.95 11.38 6.56
C THR C 389 -58.23 10.30 5.77
N VAL C 390 -58.84 9.11 5.72
CA VAL C 390 -58.26 7.97 5.00
C VAL C 390 -57.96 8.29 3.55
N LYS C 391 -58.69 9.25 2.99
CA LYS C 391 -58.46 9.63 1.62
C LYS C 391 -57.30 10.60 1.62
N LYS C 392 -57.30 11.52 2.59
CA LYS C 392 -56.23 12.50 2.70
C LYS C 392 -54.90 11.76 2.82
N LYS C 393 -54.85 10.71 3.64
CA LYS C 393 -53.62 9.95 3.80
C LYS C 393 -53.25 9.20 2.52
N ASP C 394 -54.24 8.76 1.74
CA ASP C 394 -53.91 8.07 0.51
C ASP C 394 -53.39 9.08 -0.51
N LEU C 395 -53.88 10.32 -0.41
CA LEU C 395 -53.47 11.42 -1.29
C LEU C 395 -52.08 11.90 -0.85
N PHE C 396 -51.84 11.82 0.45
CA PHE C 396 -50.54 12.19 1.00
C PHE C 396 -49.45 11.34 0.34
N LEU C 397 -49.66 10.03 0.31
CA LEU C 397 -48.70 9.12 -0.30
C LEU C 397 -48.51 9.43 -1.79
N ASP C 398 -49.56 9.88 -2.46
CA ASP C 398 -49.44 10.22 -3.87
C ASP C 398 -48.59 11.48 -3.96
N LEU C 399 -48.80 12.38 -3.00
CA LEU C 399 -48.06 13.64 -2.94
C LEU C 399 -46.57 13.35 -3.02
N ILE C 400 -46.10 12.38 -2.24
CA ILE C 400 -44.70 12.03 -2.22
C ILE C 400 -44.27 11.26 -3.44
N ALA C 401 -45.04 10.25 -3.84
CA ALA C 401 -44.71 9.45 -5.01
C ALA C 401 -44.52 10.32 -6.25
N ASP C 402 -45.17 11.48 -6.25
CA ASP C 402 -45.08 12.41 -7.37
C ASP C 402 -43.81 13.22 -7.35
N VAL C 403 -43.43 13.73 -6.17
CA VAL C 403 -42.21 14.52 -6.07
C VAL C 403 -40.95 13.67 -6.19
N MET C 404 -41.03 12.41 -5.76
CA MET C 404 -39.86 11.53 -5.83
C MET C 404 -39.66 10.83 -7.15
N PHE C 405 -40.74 10.37 -7.76
CA PHE C 405 -40.60 9.68 -9.02
C PHE C 405 -41.44 10.31 -10.11
N GLY C 406 -42.73 10.42 -9.86
CA GLY C 406 -43.66 10.99 -10.82
C GLY C 406 -43.10 12.10 -11.68
N VAL C 407 -43.19 13.34 -11.20
CA VAL C 407 -42.70 14.50 -11.94
C VAL C 407 -41.27 14.31 -12.48
N PRO C 408 -40.30 14.01 -11.60
CA PRO C 408 -38.91 13.81 -12.00
C PRO C 408 -38.74 12.93 -13.26
N SER C 409 -39.37 11.77 -13.25
CA SER C 409 -39.27 10.85 -14.39
C SER C 409 -39.78 11.51 -15.65
N VAL C 410 -40.94 12.16 -15.56
CA VAL C 410 -41.52 12.82 -16.71
C VAL C 410 -40.63 13.96 -17.19
N ILE C 411 -40.12 14.78 -16.27
CA ILE C 411 -39.23 15.87 -16.66
C ILE C 411 -38.01 15.35 -17.39
N VAL C 412 -37.46 14.23 -16.93
CA VAL C 412 -36.28 13.65 -17.57
C VAL C 412 -36.63 13.12 -18.95
N ALA C 413 -37.78 12.48 -19.05
CA ALA C 413 -38.25 11.95 -20.33
C ALA C 413 -38.35 13.09 -21.34
N ARG C 414 -39.01 14.16 -20.92
CA ARG C 414 -39.18 15.31 -21.80
C ARG C 414 -37.88 15.91 -22.30
N ASN C 415 -36.93 16.15 -21.41
CA ASN C 415 -35.67 16.72 -21.85
C ASN C 415 -34.96 15.78 -22.81
N HIS C 416 -35.11 14.48 -22.58
CA HIS C 416 -34.48 13.51 -23.46
C HIS C 416 -35.15 13.52 -24.83
N ARG C 417 -36.46 13.71 -24.83
CA ARG C 417 -37.24 13.77 -26.06
C ARG C 417 -36.82 15.01 -26.84
N ASP C 418 -36.76 16.14 -26.15
CA ASP C 418 -36.37 17.40 -26.79
C ASP C 418 -34.90 17.44 -27.17
N ALA C 419 -34.18 16.38 -26.79
CA ALA C 419 -32.76 16.31 -27.12
C ALA C 419 -32.67 15.73 -28.52
N GLY C 420 -33.76 15.10 -28.95
CA GLY C 420 -33.81 14.51 -30.26
C GLY C 420 -33.63 13.00 -30.22
N ALA C 421 -33.81 12.42 -29.04
CA ALA C 421 -33.64 10.98 -28.91
C ALA C 421 -34.93 10.22 -28.66
N PRO C 422 -35.03 8.99 -29.21
CA PRO C 422 -36.21 8.14 -29.06
C PRO C 422 -36.53 7.99 -27.58
N THR C 423 -37.71 8.41 -27.17
CA THR C 423 -38.11 8.33 -25.76
C THR C 423 -39.46 7.63 -25.62
N TYR C 424 -39.62 6.87 -24.56
CA TYR C 424 -40.85 6.16 -24.29
C TYR C 424 -41.15 6.26 -22.80
N MET C 425 -42.43 6.23 -22.44
CA MET C 425 -42.79 6.27 -21.03
C MET C 425 -43.85 5.22 -20.74
N TYR C 426 -43.94 4.79 -19.50
CA TYR C 426 -44.93 3.79 -19.10
C TYR C 426 -45.34 4.00 -17.66
N GLU C 427 -46.49 3.46 -17.28
CA GLU C 427 -46.98 3.54 -15.92
C GLU C 427 -47.58 2.20 -15.57
N PHE C 428 -46.86 1.44 -14.76
CA PHE C 428 -47.28 0.11 -14.32
C PHE C 428 -48.33 0.19 -13.23
N GLN C 429 -49.50 -0.37 -13.49
CA GLN C 429 -50.58 -0.36 -12.51
C GLN C 429 -51.11 -1.78 -12.31
N TYR C 430 -50.42 -2.56 -11.49
CA TYR C 430 -50.80 -3.94 -11.21
C TYR C 430 -50.32 -4.34 -9.83
N ARG C 431 -50.98 -5.33 -9.23
CA ARG C 431 -50.57 -5.80 -7.91
C ARG C 431 -50.17 -7.24 -8.07
N PRO C 432 -48.85 -7.52 -8.12
CA PRO C 432 -48.38 -8.90 -8.26
C PRO C 432 -48.88 -9.80 -7.14
N SER C 433 -49.13 -11.06 -7.47
CA SER C 433 -49.63 -12.03 -6.50
C SER C 433 -48.47 -12.39 -5.60
N PHE C 434 -47.30 -11.87 -5.95
CA PHE C 434 -46.11 -12.15 -5.18
C PHE C 434 -45.90 -11.10 -4.10
N SER C 435 -46.82 -10.15 -3.98
CA SER C 435 -46.68 -9.12 -2.96
C SER C 435 -46.56 -9.78 -1.59
N SER C 436 -46.22 -8.97 -0.59
CA SER C 436 -46.10 -9.49 0.76
C SER C 436 -47.52 -9.57 1.31
N ASP C 437 -47.71 -10.33 2.38
CA ASP C 437 -49.04 -10.44 2.95
C ASP C 437 -49.37 -9.12 3.64
N MET C 438 -48.37 -8.57 4.30
CA MET C 438 -48.51 -7.32 5.03
C MET C 438 -48.88 -6.10 4.19
N LYS C 439 -48.71 -6.17 2.88
CA LYS C 439 -49.04 -5.06 1.99
C LYS C 439 -50.55 -5.12 1.74
N PRO C 440 -51.27 -4.03 2.05
CA PRO C 440 -52.73 -4.06 1.83
C PRO C 440 -53.05 -4.55 0.42
N LYS C 441 -54.22 -5.16 0.27
CA LYS C 441 -54.65 -5.70 -1.01
C LYS C 441 -55.12 -4.62 -1.96
N THR C 442 -55.32 -3.42 -1.42
CA THR C 442 -55.77 -2.28 -2.22
C THR C 442 -54.60 -1.55 -2.89
N VAL C 443 -53.44 -1.58 -2.25
CA VAL C 443 -52.25 -0.94 -2.79
C VAL C 443 -51.82 -1.64 -4.08
N ILE C 444 -52.06 -0.99 -5.22
CA ILE C 444 -51.71 -1.54 -6.52
C ILE C 444 -50.68 -0.71 -7.28
N GLY C 445 -49.64 -1.38 -7.77
CA GLY C 445 -48.60 -0.68 -8.50
C GLY C 445 -47.66 0.01 -7.54
N ASP C 446 -47.31 -0.73 -6.49
CA ASP C 446 -46.40 -0.24 -5.45
C ASP C 446 -44.98 -0.23 -6.02
N HIS C 447 -44.04 0.24 -5.22
CA HIS C 447 -42.64 0.35 -5.63
C HIS C 447 -41.96 -1.00 -5.85
N GLY C 448 -41.48 -1.21 -7.08
CA GLY C 448 -40.79 -2.46 -7.40
C GLY C 448 -41.76 -3.54 -7.84
N ASP C 449 -43.03 -3.18 -8.04
CA ASP C 449 -44.03 -4.18 -8.44
C ASP C 449 -43.81 -4.72 -9.84
N GLU C 450 -43.40 -3.86 -10.77
CA GLU C 450 -43.18 -4.28 -12.14
C GLU C 450 -42.06 -5.32 -12.22
N LEU C 451 -41.21 -5.35 -11.21
CA LEU C 451 -40.10 -6.29 -11.23
C LEU C 451 -40.52 -7.72 -11.53
N PHE C 452 -41.61 -8.17 -10.92
CA PHE C 452 -42.07 -9.55 -11.14
C PHE C 452 -42.46 -9.87 -12.59
N SER C 453 -42.98 -8.86 -13.29
CA SER C 453 -43.36 -9.05 -14.68
C SER C 453 -42.07 -9.04 -15.48
N VAL C 454 -41.25 -8.01 -15.27
CA VAL C 454 -39.98 -7.85 -15.98
C VAL C 454 -39.02 -9.03 -15.87
N PHE C 455 -38.95 -9.64 -14.70
CA PHE C 455 -38.03 -10.78 -14.57
C PHE C 455 -38.72 -12.14 -14.61
N GLY C 456 -39.90 -12.18 -15.23
CA GLY C 456 -40.61 -13.44 -15.36
C GLY C 456 -40.82 -14.26 -14.10
N ALA C 457 -41.07 -13.58 -12.99
CA ALA C 457 -41.31 -14.28 -11.73
C ALA C 457 -42.36 -15.41 -11.91
N PRO C 458 -43.41 -15.17 -12.71
CA PRO C 458 -44.44 -16.20 -12.90
C PRO C 458 -43.94 -17.55 -13.39
N PHE C 459 -42.81 -17.57 -14.07
CA PHE C 459 -42.29 -18.84 -14.59
C PHE C 459 -41.27 -19.54 -13.69
N LEU C 460 -40.87 -18.88 -12.60
CA LEU C 460 -39.91 -19.43 -11.65
C LEU C 460 -40.56 -19.60 -10.28
N LYS C 461 -41.55 -18.75 -10.00
CA LYS C 461 -42.28 -18.81 -8.74
C LYS C 461 -43.54 -19.67 -8.88
N GLU C 462 -44.39 -19.67 -7.86
CA GLU C 462 -45.60 -20.49 -7.90
C GLU C 462 -46.92 -19.74 -7.66
N GLY C 463 -47.97 -20.20 -8.33
CA GLY C 463 -49.29 -19.60 -8.15
C GLY C 463 -49.66 -18.44 -9.03
N ALA C 464 -48.97 -18.25 -10.15
CA ALA C 464 -49.32 -17.14 -11.02
C ALA C 464 -50.61 -17.44 -11.78
N SER C 465 -51.54 -16.49 -11.76
CA SER C 465 -52.79 -16.67 -12.48
C SER C 465 -52.44 -16.67 -13.97
N GLU C 466 -53.33 -17.18 -14.80
CA GLU C 466 -53.04 -17.19 -16.22
C GLU C 466 -52.96 -15.76 -16.74
N GLU C 467 -53.57 -14.84 -15.99
CA GLU C 467 -53.59 -13.44 -16.37
C GLU C 467 -52.24 -12.75 -16.12
N GLU C 468 -51.60 -13.15 -15.04
CA GLU C 468 -50.32 -12.60 -14.63
C GLU C 468 -49.20 -13.16 -15.50
N ILE C 469 -49.33 -14.43 -15.84
CA ILE C 469 -48.35 -15.09 -16.69
C ILE C 469 -48.29 -14.35 -18.02
N ARG C 470 -49.45 -13.91 -18.49
CA ARG C 470 -49.52 -13.18 -19.75
C ARG C 470 -48.90 -11.81 -19.61
N LEU C 471 -49.20 -11.13 -18.49
CA LEU C 471 -48.64 -9.82 -18.25
C LEU C 471 -47.10 -9.87 -18.32
N SER C 472 -46.52 -10.87 -17.69
CA SER C 472 -45.07 -11.02 -17.71
C SER C 472 -44.56 -11.27 -19.13
N LYS C 473 -45.19 -12.20 -19.83
CA LYS C 473 -44.79 -12.52 -21.19
C LYS C 473 -44.73 -11.26 -22.04
N MET C 474 -45.74 -10.41 -21.90
CA MET C 474 -45.83 -9.16 -22.65
C MET C 474 -44.71 -8.18 -22.28
N VAL C 475 -44.59 -7.85 -20.99
CA VAL C 475 -43.56 -6.93 -20.51
C VAL C 475 -42.15 -7.31 -20.96
N MET C 476 -41.83 -8.59 -20.92
CA MET C 476 -40.52 -9.04 -21.33
C MET C 476 -40.36 -8.82 -22.84
N LYS C 477 -41.34 -9.27 -23.64
CA LYS C 477 -41.34 -9.07 -25.08
C LYS C 477 -41.04 -7.60 -25.37
N PHE C 478 -41.80 -6.74 -24.69
CA PHE C 478 -41.69 -5.29 -24.81
C PHE C 478 -40.28 -4.84 -24.46
N TRP C 479 -39.81 -5.26 -23.29
CA TRP C 479 -38.47 -4.88 -22.85
C TRP C 479 -37.43 -5.40 -23.85
N ALA C 480 -37.47 -6.69 -24.13
CA ALA C 480 -36.52 -7.30 -25.06
C ALA C 480 -36.53 -6.64 -26.42
N ASN C 481 -37.70 -6.25 -26.91
CA ASN C 481 -37.76 -5.59 -28.21
C ASN C 481 -36.97 -4.29 -28.16
N PHE C 482 -37.14 -3.55 -27.06
CA PHE C 482 -36.45 -2.28 -26.88
C PHE C 482 -34.96 -2.56 -26.98
N ALA C 483 -34.52 -3.48 -26.12
CA ALA C 483 -33.12 -3.88 -26.09
C ALA C 483 -32.61 -4.13 -27.49
N ARG C 484 -33.51 -4.64 -28.33
CA ARG C 484 -33.17 -4.99 -29.69
C ARG C 484 -33.19 -3.84 -30.69
N ASN C 485 -34.28 -3.07 -30.69
CA ASN C 485 -34.41 -1.98 -31.67
C ASN C 485 -34.64 -0.57 -31.13
N GLY C 486 -34.53 -0.39 -29.82
CA GLY C 486 -34.76 0.93 -29.28
C GLY C 486 -36.19 1.34 -29.58
N ASN C 487 -37.06 0.34 -29.53
CA ASN C 487 -38.49 0.50 -29.77
C ASN C 487 -39.16 -0.75 -29.20
N PRO C 488 -39.99 -0.57 -28.17
CA PRO C 488 -40.67 -1.72 -27.55
C PRO C 488 -41.62 -2.47 -28.48
N ASN C 489 -42.24 -1.75 -29.40
CA ASN C 489 -43.21 -2.35 -30.31
C ASN C 489 -42.76 -3.60 -31.07
N GLY C 490 -43.74 -4.35 -31.53
CA GLY C 490 -43.53 -5.57 -32.27
C GLY C 490 -44.89 -6.21 -32.46
N GLU C 491 -45.01 -7.17 -33.35
CA GLU C 491 -46.32 -7.78 -33.55
C GLU C 491 -46.74 -8.64 -32.36
N GLY C 492 -48.04 -8.67 -32.09
CA GLY C 492 -48.55 -9.45 -30.98
C GLY C 492 -48.58 -8.67 -29.67
N LEU C 493 -48.20 -7.41 -29.72
CA LEU C 493 -48.18 -6.56 -28.52
C LEU C 493 -48.93 -5.27 -28.78
N PRO C 494 -49.58 -4.71 -27.75
CA PRO C 494 -50.31 -3.46 -27.95
C PRO C 494 -49.36 -2.45 -28.58
N HIS C 495 -49.89 -1.31 -29.01
CA HIS C 495 -49.05 -0.30 -29.62
C HIS C 495 -48.52 0.63 -28.55
N TRP C 496 -47.23 0.93 -28.59
CA TRP C 496 -46.64 1.84 -27.61
C TRP C 496 -46.23 3.13 -28.29
N PRO C 497 -47.04 4.18 -28.13
CA PRO C 497 -46.70 5.45 -28.75
C PRO C 497 -45.36 5.95 -28.24
N GLU C 498 -44.59 6.59 -29.11
CA GLU C 498 -43.31 7.13 -28.71
C GLU C 498 -43.64 8.36 -27.90
N TYR C 499 -42.80 8.68 -26.92
CA TYR C 499 -43.03 9.84 -26.09
C TYR C 499 -42.56 11.09 -26.85
N ASN C 500 -43.44 11.65 -27.68
CA ASN C 500 -43.11 12.85 -28.43
C ASN C 500 -43.85 14.02 -27.82
N GLN C 501 -44.13 15.04 -28.63
CA GLN C 501 -44.83 16.21 -28.13
C GLN C 501 -46.24 15.86 -27.63
N LYS C 502 -46.88 14.86 -28.24
CA LYS C 502 -48.21 14.47 -27.78
C LYS C 502 -48.07 13.93 -26.35
N GLU C 503 -46.88 13.38 -26.07
CA GLU C 503 -46.55 12.81 -24.77
C GLU C 503 -47.33 11.56 -24.49
N GLY C 504 -47.36 10.67 -25.47
CA GLY C 504 -48.06 9.42 -25.31
C GLY C 504 -47.22 8.41 -24.53
N TYR C 505 -47.87 7.68 -23.64
CA TYR C 505 -47.16 6.70 -22.86
C TYR C 505 -48.00 5.46 -22.80
N LEU C 506 -47.52 4.44 -22.10
CA LEU C 506 -48.23 3.20 -22.01
C LEU C 506 -48.60 2.78 -20.59
N GLN C 507 -49.89 2.61 -20.36
CA GLN C 507 -50.40 2.16 -19.07
C GLN C 507 -50.33 0.65 -19.14
N ILE C 508 -49.57 0.01 -18.26
CA ILE C 508 -49.46 -1.43 -18.29
C ILE C 508 -50.17 -2.12 -17.15
N GLY C 509 -50.78 -3.26 -17.46
CA GLY C 509 -51.50 -4.02 -16.46
C GLY C 509 -52.65 -4.82 -17.05
N ALA C 510 -53.54 -5.30 -16.19
CA ALA C 510 -54.69 -6.09 -16.59
C ALA C 510 -55.21 -5.56 -17.91
N ASN C 511 -55.25 -4.23 -18.01
CA ASN C 511 -55.70 -3.58 -19.23
C ASN C 511 -54.57 -2.69 -19.74
N THR C 512 -53.88 -3.18 -20.77
CA THR C 512 -52.76 -2.44 -21.34
C THR C 512 -53.15 -1.62 -22.56
N GLN C 513 -53.16 -0.30 -22.40
CA GLN C 513 -53.51 0.61 -23.49
C GLN C 513 -52.79 1.94 -23.31
N ALA C 514 -52.54 2.63 -24.43
CA ALA C 514 -51.86 3.92 -24.40
C ALA C 514 -52.66 5.04 -23.77
N ALA C 515 -52.01 6.18 -23.57
CA ALA C 515 -52.65 7.36 -23.01
C ALA C 515 -51.77 8.57 -23.34
N GLN C 516 -51.94 9.67 -22.61
CA GLN C 516 -51.15 10.87 -22.86
C GLN C 516 -50.86 11.76 -21.65
N LYS C 517 -49.93 12.69 -21.85
CA LYS C 517 -49.54 13.63 -20.81
C LYS C 517 -49.53 13.10 -19.39
N LEU C 518 -48.72 12.06 -19.15
CA LEU C 518 -48.59 11.44 -17.82
C LEU C 518 -48.16 12.49 -16.80
N LYS C 519 -48.85 12.53 -15.66
CA LYS C 519 -48.52 13.47 -14.59
C LYS C 519 -48.40 14.92 -15.06
N ASP C 520 -48.82 15.20 -16.29
CA ASP C 520 -48.73 16.54 -16.87
C ASP C 520 -49.17 17.61 -15.86
N LYS C 521 -50.37 17.45 -15.31
CA LYS C 521 -50.88 18.41 -14.34
C LYS C 521 -49.90 18.59 -13.17
N GLU C 522 -49.39 17.49 -12.61
CA GLU C 522 -48.46 17.53 -11.48
C GLU C 522 -47.11 18.18 -11.79
N VAL C 523 -46.53 17.84 -12.93
CA VAL C 523 -45.24 18.40 -13.33
C VAL C 523 -45.37 19.92 -13.39
N ALA C 524 -46.51 20.37 -13.90
CA ALA C 524 -46.78 21.80 -14.02
C ALA C 524 -46.85 22.46 -12.65
N PHE C 525 -47.66 21.88 -11.76
CA PHE C 525 -47.83 22.41 -10.42
C PHE C 525 -46.56 22.53 -9.61
N TRP C 526 -45.89 21.39 -9.40
CA TRP C 526 -44.67 21.35 -8.62
C TRP C 526 -43.56 22.23 -9.17
N THR C 527 -43.47 22.30 -10.49
CA THR C 527 -42.46 23.14 -11.14
C THR C 527 -42.50 24.60 -10.67
N ASN C 528 -43.70 25.14 -10.52
CA ASN C 528 -43.88 26.51 -10.08
C ASN C 528 -43.68 26.60 -8.59
N LEU C 529 -44.36 25.72 -7.86
CA LEU C 529 -44.24 25.72 -6.42
C LEU C 529 -42.75 25.83 -6.07
N PHE C 530 -41.93 24.96 -6.66
CA PHE C 530 -40.50 24.97 -6.39
C PHE C 530 -39.83 26.24 -6.89
N ALA C 531 -40.43 26.86 -7.90
CA ALA C 531 -39.91 28.11 -8.44
C ALA C 531 -40.09 29.17 -7.36
N LYS C 532 -40.74 28.76 -6.28
CA LYS C 532 -41.00 29.60 -5.11
C LYS C 532 -42.25 30.45 -5.27
C1 NAG D . 31.55 -2.05 8.88
C2 NAG D . 31.74 -2.55 10.35
C3 NAG D . 30.81 -1.87 11.37
C4 NAG D . 30.62 -0.39 11.08
C5 NAG D . 30.10 -0.24 9.66
C6 NAG D . 29.77 1.21 9.36
C7 NAG D . 31.34 -4.65 11.53
C8 NAG D . 29.96 -4.62 12.21
N2 NAG D . 31.49 -3.98 10.38
O3 NAG D . 31.35 -2.03 12.68
O4 NAG D . 29.68 0.18 12.00
O5 NAG D . 31.14 -0.66 8.74
O6 NAG D . 30.12 1.57 8.03
O7 NAG D . 32.26 -5.29 12.05
C1 SIA E . 25.91 -2.88 8.87
C2 SIA E . 25.07 -4.13 9.21
C3 SIA E . 24.56 -4.00 10.66
C4 SIA E . 23.20 -4.66 10.84
C5 SIA E . 23.04 -5.83 9.87
C6 SIA E . 23.10 -5.34 8.41
C7 SIA E . 23.61 -6.45 7.48
C8 SIA E . 22.48 -7.26 6.83
C9 SIA E . 23.05 -8.58 6.38
C10 SIA E . 21.79 -7.78 10.53
C11 SIA E . 21.62 -8.01 12.02
N5 SIA E . 21.78 -6.51 10.11
O1A SIA E . 26.37 -2.19 9.81
O1B SIA E . 26.11 -2.59 7.66
O2 SIA E . 25.82 -5.28 9.08
O4 SIA E . 23.07 -5.13 12.17
O6 SIA E . 23.96 -4.17 8.28
O7 SIA E . 24.41 -5.88 6.44
O8 SIA E . 21.43 -7.48 7.75
O9 SIA E . 24.00 -9.03 7.33
O10 SIA E . 21.92 -8.75 9.77
S SO4 F . -3.87 -6.07 0.86
O1 SO4 F . -3.98 -7.32 0.09
O2 SO4 F . -3.59 -6.37 2.28
O3 SO4 F . -2.78 -5.23 0.33
O4 SO4 F . -5.15 -5.33 0.76
S SO4 G . 4.99 -7.47 11.09
O1 SO4 G . 6.21 -8.31 11.13
O2 SO4 G . 4.01 -7.93 12.10
O3 SO4 G . 5.35 -6.07 11.39
O4 SO4 G . 4.40 -7.56 9.74
CA CTX H . 11.24 -33.36 3.76
CB CTX H . 11.29 -34.33 4.96
OL CTX H . 10.37 -30.88 12.69
CA1 CTX H . 9.74 -31.56 13.84
CB1 CTX H . 9.64 -30.64 15.06
C1 CTX H . 10.62 -31.45 11.45
C2 CTX H . 10.32 -32.83 11.07
C3 CTX H . 10.65 -33.31 9.79
C5 CTX H . 11.59 -31.10 9.17
C6 CTX H . 11.26 -30.58 10.47
C4 CTX H . 11.30 -32.46 8.80
C7 CTX H . 11.71 -33.08 7.37
C8 CTX H . 13.22 -32.95 7.19
C9 CTX H . 13.78 -32.13 6.13
C10 CTX H . 15.19 -32.02 5.98
C11 CTX H . 16.06 -32.69 6.89
C12 CTX H . 15.52 -33.50 7.95
C13 CTX H . 14.14 -33.62 8.10
C14 CTX H . 7.30 -35.22 6.81
C15 CTX H . 6.51 -34.04 6.96
C16 CTX H . 7.11 -32.76 6.90
C17 CTX H . 8.51 -32.65 6.70
C18 CTX H . 9.32 -33.82 6.55
C19 CTX H . 8.69 -35.11 6.61
C20 CTX H . 10.84 -33.71 6.33
NI CTX H . 8.30 -30.84 15.80
C21 CTX H . 7.10 -30.57 14.97
C22 CTX H . 8.19 -32.21 16.43
CA CTX I . 14.18 -47.73 13.97
CB CTX I . 15.45 -47.10 14.54
OL CTX I . 15.06 -45.84 22.89
CA1 CTX I . 16.25 -45.82 23.80
CB1 CTX I . 15.89 -45.76 25.31
C1 CTX I . 15.13 -45.89 21.47
C2 CTX I . 16.35 -45.92 20.67
C3 CTX I . 16.28 -45.98 19.28
C5 CTX I . 13.81 -45.97 19.37
C6 CTX I . 13.84 -45.91 20.79
C4 CTX I . 15.00 -46.01 18.58
C7 CTX I . 14.96 -46.06 17.00
C8 CTX I . 14.23 -44.84 16.48
C9 CTX I . 12.90 -44.97 15.89
C10 CTX I . 12.23 -43.80 15.41
C11 CTX I . 12.84 -42.52 15.52
C12 CTX I . 14.15 -42.40 16.09
C13 CTX I . 14.83 -43.53 16.56
C14 CTX I . 18.35 -49.53 17.18
C15 CTX I . 17.61 -50.64 17.65
C16 CTX I . 16.18 -50.60 17.64
C17 CTX I . 15.50 -49.45 17.13
C18 CTX I . 16.24 -48.33 16.64
C19 CTX I . 17.67 -48.39 16.67
C20 CTX I . 15.51 -47.09 16.09
NI CTX I . 15.83 -47.21 25.94
C21 CTX I . 14.54 -47.92 25.69
C22 CTX I . 16.98 -48.11 25.52
C1 NAG J . -15.00 28.88 -1.25
C2 NAG J . -16.12 28.17 -0.50
C3 NAG J . -17.46 28.61 -1.08
C4 NAG J . -17.58 30.13 -0.98
C5 NAG J . -16.35 30.82 -1.63
C6 NAG J . -16.32 32.32 -1.37
C7 NAG J . -16.11 26.01 0.53
C8 NAG J . -14.85 25.76 1.36
N2 NAG J . -15.99 26.74 -0.58
O3 NAG J . -18.51 28.01 -0.34
O4 NAG J . -18.77 30.55 -1.64
O5 NAG J . -15.13 30.30 -1.08
O6 NAG J . -15.47 32.63 -0.26
O7 NAG J . -17.20 25.54 0.90
C1 SIA K . -11.06 23.30 -0.22
C2 SIA K . -10.47 23.70 1.14
C3 SIA K . -11.60 24.19 2.03
C4 SIA K . -11.42 23.67 3.46
C5 SIA K . -9.92 23.66 3.87
C6 SIA K . -9.06 22.84 2.90
C7 SIA K . -7.72 23.53 2.55
C8 SIA K . -6.59 23.15 3.50
C9 SIA K . -6.18 24.36 4.35
C10 SIA K . -10.79 22.48 5.80
C11 SIA K . -10.76 20.96 5.77
N5 SIA K . -9.78 23.13 5.22
O1A SIA K . -12.31 23.30 -0.37
O1B SIA K . -10.27 22.98 -1.14
O2 SIA K . -9.52 24.69 0.98
O4 SIA K . -12.15 24.50 4.34
O6 SIA K . -9.82 22.55 1.70
O7 SIA K . -7.31 23.21 1.22
O8 SIA K . -6.96 22.07 4.34
O9 SIA K . -6.49 25.56 3.65
O10 SIA K . -11.72 23.06 6.36
S SO4 L . 6.15 -0.93 4.39
O1 SO4 L . 6.34 -2.01 3.40
O2 SO4 L . 5.77 0.31 3.68
O3 SO4 L . 5.09 -1.28 5.35
O4 SO4 L . 7.43 -0.74 5.11
S SO4 M . -2.92 7.70 11.67
O1 SO4 M . -3.63 6.68 10.87
O2 SO4 M . -1.49 7.64 11.36
O3 SO4 M . -3.47 9.03 11.35
O4 SO4 M . -3.13 7.43 13.11
CA CTX N . 18.31 25.41 16.48
CB CTX N . 18.15 26.15 17.81
OL CTX N . 11.70 23.83 22.82
CA1 CTX N . 11.84 23.47 24.24
CB1 CTX N . 10.54 22.96 24.83
C1 CTX N . 12.71 24.33 22.02
C2 CTX N . 14.09 24.55 22.45
C3 CTX N . 15.03 25.07 21.54
C5 CTX N . 13.32 25.15 19.74
C6 CTX N . 12.33 24.63 20.65
C4 CTX N . 14.68 25.38 20.15
C7 CTX N . 15.78 25.99 19.15
C8 CTX N . 15.23 27.25 18.52
C9 CTX N . 15.00 27.33 17.08
C10 CTX N . 14.48 28.52 16.51
C11 CTX N . 14.19 29.65 17.33
C12 CTX N . 14.42 29.59 18.75
C13 CTX N . 14.92 28.42 19.32
C14 CTX N . 19.48 23.03 20.74
C15 CTX N . 18.82 21.80 20.57
C16 CTX N . 17.60 21.74 19.84
C17 CTX N . 17.06 22.92 19.27
C18 CTX N . 17.73 24.18 19.44
C19 CTX N . 18.94 24.22 20.17
C20 CTX N . 17.14 25.48 18.80
NI CTX N . 10.73 22.79 26.34
C21 CTX N . 10.40 24.06 27.10
C22 CTX N . 9.90 21.66 26.87
CA CTX O . 21.58 35.16 30.91
CB CTX O . 20.59 36.33 31.11
OL CTX O . 15.83 35.13 37.87
CA1 CTX O . 14.68 35.96 38.28
CB1 CTX O . 14.27 35.71 39.73
C1 CTX O . 16.45 35.17 36.60
C2 CTX O . 16.05 36.01 35.48
C3 CTX O . 16.78 35.97 34.27
C5 CTX O . 18.30 34.26 35.23
C6 CTX O . 17.59 34.27 36.45
C4 CTX O . 17.92 35.10 34.11
C7 CTX O . 18.77 35.11 32.76
C8 CTX O . 18.51 33.91 31.85
C9 CTX O . 18.79 32.56 32.30
C10 CTX O . 18.54 31.46 31.42
C11 CTX O . 18.02 31.68 30.12
C12 CTX O . 17.74 33.00 29.67
C13 CTX O . 17.98 34.10 30.51
C14 CTX O . 19.41 39.74 34.05
C15 CTX O . 20.25 39.59 35.19
C16 CTX O . 20.93 38.37 35.42
C17 CTX O . 20.77 37.27 34.53
C18 CTX O . 19.92 37.40 33.38
C19 CTX O . 19.24 38.65 33.15
C20 CTX O . 19.72 36.20 32.38
NI CTX O . 13.97 37.08 40.40
C21 CTX O . 13.58 36.91 41.81
C22 CTX O . 15.13 38.05 40.34
C1 NAG P . -15.34 -26.73 -10.79
C2 NAG P . -14.70 -27.49 -9.64
C3 NAG P . -14.22 -28.83 -10.18
C4 NAG P . -15.41 -29.59 -10.79
C5 NAG P . -16.16 -28.72 -11.82
C6 NAG P . -17.48 -29.35 -12.27
C7 NAG P . -13.23 -26.90 -7.79
C8 NAG P . -11.86 -27.54 -7.55
N2 NAG P . -13.60 -26.73 -9.06
O3 NAG P . -13.62 -29.59 -9.15
O4 NAG P . -14.94 -30.79 -11.42
O5 NAG P . -16.49 -27.44 -11.25
O6 NAG P . -17.35 -29.98 -13.55
O7 NAG P . -13.94 -26.58 -6.82
C1 SIA Q . -13.14 -20.39 -8.41
C2 SIA Q . -14.33 -20.42 -7.45
C3 SIA Q . -13.87 -20.88 -6.07
C4 SIA Q . -15.12 -21.16 -5.28
C5 SIA Q . -16.13 -20.02 -5.43
C6 SIA Q . -15.55 -18.76 -6.11
C7 SIA Q . -16.75 -17.82 -6.38
C8 SIA Q . -16.46 -16.34 -6.05
C9 SIA Q . -17.77 -15.58 -6.08
C10 SIA Q . -15.81 -19.95 -3.07
C11 SIA Q . -14.67 -18.98 -2.78
N5 SIA Q . -16.57 -19.65 -4.11
O1A SIA Q . -12.69 -21.48 -8.83
O1B SIA Q . -12.66 -19.26 -8.75
O2 SIA Q . -15.29 -21.30 -7.92
O4 SIA Q . -15.73 -22.39 -5.69
O6 SIA Q . -14.91 -19.09 -7.38
O7 SIA Q . -17.17 -17.93 -7.74
O8 SIA Q . -15.90 -16.25 -4.75
O9 SIA Q . -18.59 -16.08 -7.13
O10 SIA Q . -15.97 -20.95 -2.39
S SO4 R . -10.66 -4.92 6.84
O1 SO4 R . -10.90 -5.02 5.39
O2 SO4 R . -11.91 -5.22 7.56
O3 SO4 R . -9.61 -5.87 7.27
O4 SO4 R . -10.21 -3.54 7.15
S SO4 S . -3.86 5.69 2.46
O1 SO4 S . -3.61 4.56 3.37
O2 SO4 S . -4.39 5.16 1.19
O3 SO4 S . -4.87 6.60 3.07
O4 SO4 S . -2.63 6.45 2.18
CA CTX T . -34.84 4.58 -3.19
CB CTX T . -35.99 4.49 -2.18
OL CTX T . -34.38 0.18 4.98
CA1 CTX T . -34.81 0.68 6.28
CB1 CTX T . -34.34 -0.16 7.43
C1 CTX T . -34.69 0.80 3.76
C2 CTX T . -35.50 2.00 3.63
C3 CTX T . -35.77 2.54 2.37
C5 CTX T . -34.47 0.72 1.28
C6 CTX T . -34.18 0.16 2.56
C4 CTX T . -35.27 1.92 1.14
C7 CTX T . -35.63 2.55 -0.28
C8 CTX T . -36.08 1.44 -1.19
C9 CTX T . -35.28 1.09 -2.36
C10 CTX T . -35.71 0.04 -3.19
C11 CTX T . -36.91 -0.67 -2.91
C12 CTX T . -37.70 -0.33 -1.76
C13 CTX T . -37.30 0.70 -0.92
C14 CTX T . -35.51 7.36 1.15
C15 CTX T . -34.26 7.29 1.83
C16 CTX T . -33.44 6.14 1.66
C17 CTX T . -33.86 5.07 0.82
C18 CTX T . -35.11 5.14 0.15
C19 CTX T . -35.94 6.30 0.32
C20 CTX T . -35.59 3.98 -0.76
NI CTX T . -35.62 -0.67 8.10
C21 CTX T . -35.87 -2.09 7.80
C22 CTX T . -35.62 -0.44 9.59
CA CTX U . -52.29 3.77 5.23
CB CTX U . -52.78 2.36 4.86
OL CTX U . -50.42 -2.61 11.06
CA1 CTX U . -50.31 -4.08 11.14
CB1 CTX U . -50.11 -4.52 12.58
C1 CTX U . -50.60 -1.85 9.91
C2 CTX U . -50.72 -2.36 8.54
C3 CTX U . -50.90 -1.46 7.48
C5 CTX U . -50.84 0.46 9.06
C6 CTX U . -50.66 -0.42 10.14
C4 CTX U . -50.97 -0.03 7.72
C7 CTX U . -51.19 0.98 6.54
C8 CTX U . -49.88 1.55 5.99
C9 CTX U . -48.92 2.23 6.85
C10 CTX U . -47.72 2.74 6.30
C11 CTX U . -47.46 2.60 4.91
C12 CTX U . -48.37 1.94 4.05
C13 CTX U . -49.56 1.42 4.57
C14 CTX U . -55.70 -0.84 6.35
C15 CTX U . -56.18 -0.46 7.64
C16 CTX U . -55.49 0.51 8.40
C17 CTX U . -54.30 1.11 7.89
C18 CTX U . -53.80 0.73 6.59
C19 CTX U . -54.52 -0.24 5.82
C20 CTX U . -52.51 1.36 6.00
NI CTX U . -48.57 -4.60 12.86
C21 CTX U . -47.89 -3.28 12.91
C22 CTX U . -48.28 -5.35 14.14
#